data_6FPD
# 
_entry.id   6FPD 
# 
_audit_conform.dict_name       mmcif_pdbx.dic 
_audit_conform.dict_version    5.391 
_audit_conform.dict_location   http://mmcif.pdb.org/dictionaries/ascii/mmcif_pdbx.dic 
# 
loop_
_database_2.database_id 
_database_2.database_code 
_database_2.pdbx_database_accession 
_database_2.pdbx_DOI 
PDB   6FPD         pdb_00006fpd 10.2210/pdb6fpd/pdb 
WWPDB D_1200008718 ?            ?                   
# 
loop_
_pdbx_audit_revision_history.ordinal 
_pdbx_audit_revision_history.data_content_type 
_pdbx_audit_revision_history.major_revision 
_pdbx_audit_revision_history.minor_revision 
_pdbx_audit_revision_history.revision_date 
1 'Structure model' 1 0 2018-05-16 
2 'Structure model' 1 1 2018-05-30 
3 'Structure model' 1 2 2018-10-24 
4 'Structure model' 1 3 2024-05-08 
# 
_pdbx_audit_revision_details.ordinal             1 
_pdbx_audit_revision_details.revision_ordinal    1 
_pdbx_audit_revision_details.data_content_type   'Structure model' 
_pdbx_audit_revision_details.provider            repository 
_pdbx_audit_revision_details.type                'Initial release' 
_pdbx_audit_revision_details.description         ? 
_pdbx_audit_revision_details.details             ? 
# 
loop_
_pdbx_audit_revision_group.ordinal 
_pdbx_audit_revision_group.revision_ordinal 
_pdbx_audit_revision_group.data_content_type 
_pdbx_audit_revision_group.group 
1 2 'Structure model' 'Data collection'     
2 2 'Structure model' 'Database references' 
3 3 'Structure model' 'Data collection'     
4 3 'Structure model' 'Database references' 
5 4 'Structure model' 'Data collection'     
6 4 'Structure model' 'Database references' 
# 
loop_
_pdbx_audit_revision_category.ordinal 
_pdbx_audit_revision_category.revision_ordinal 
_pdbx_audit_revision_category.data_content_type 
_pdbx_audit_revision_category.category 
1 2 'Structure model' citation        
2 3 'Structure model' citation        
3 3 'Structure model' citation_author 
4 4 'Structure model' chem_comp_atom  
5 4 'Structure model' chem_comp_bond  
6 4 'Structure model' database_2      
# 
loop_
_pdbx_audit_revision_item.ordinal 
_pdbx_audit_revision_item.revision_ordinal 
_pdbx_audit_revision_item.data_content_type 
_pdbx_audit_revision_item.item 
1 2 'Structure model' '_citation.title'                     
2 3 'Structure model' '_citation.journal_volume'            
3 3 'Structure model' '_citation.page_first'                
4 3 'Structure model' '_citation.page_last'                 
5 3 'Structure model' '_citation_author.identifier_ORCID'   
6 4 'Structure model' '_database_2.pdbx_DOI'                
7 4 'Structure model' '_database_2.pdbx_database_accession' 
# 
_pdbx_database_status.status_code                     REL 
_pdbx_database_status.status_code_sf                  REL 
_pdbx_database_status.status_code_mr                  ? 
_pdbx_database_status.entry_id                        6FPD 
_pdbx_database_status.recvd_initial_deposition_date   2018-02-09 
_pdbx_database_status.SG_entry                        N 
_pdbx_database_status.deposit_site                    PDBE 
_pdbx_database_status.process_site                    PDBE 
_pdbx_database_status.status_code_cs                  ? 
_pdbx_database_status.methods_development_category    ? 
_pdbx_database_status.pdb_format_compatible           Y 
_pdbx_database_status.status_code_nmr_data            ? 
# 
loop_
_audit_author.name 
_audit_author.pdbx_ordinal 
_audit_author.identifier_ORCID 
'Houser, J.'    1 0000-0003-4504-3891 
'Demo, G.'      2 0000-0002-5472-9249 
'Komarek, J.'   3 0000-0003-4496-1658 
'Wimmerova, M.' 4 0000-0002-7108-4198 
# 
_citation.abstract                  ? 
_citation.abstract_id_CAS           ? 
_citation.book_id_ISBN              ? 
_citation.book_publisher            ? 
_citation.book_publisher_city       ? 
_citation.book_title                ? 
_citation.coordinate_linkage        ? 
_citation.country                   US 
_citation.database_id_Medline       ? 
_citation.details                   ? 
_citation.id                        primary 
_citation.journal_abbrev            Proteins 
_citation.journal_id_ASTM           PSFGEY 
_citation.journal_id_CSD            0867 
_citation.journal_id_ISSN           1097-0134 
_citation.journal_full              ? 
_citation.journal_issue             ? 
_citation.journal_volume            86 
_citation.language                  ? 
_citation.page_first                897 
_citation.page_last                 911 
_citation.title                     
'Structure and properties of AB21, a novel Agaricus bisporus protein with structural relation to bacterial pore-forming toxins.' 
_citation.year                      2018 
_citation.database_id_CSD           ? 
_citation.pdbx_database_id_DOI      10.1002/prot.25522 
_citation.pdbx_database_id_PubMed   29722060 
_citation.unpublished_flag          ? 
# 
loop_
_citation_author.citation_id 
_citation_author.name 
_citation_author.ordinal 
_citation_author.identifier_ORCID 
primary 'Komarek, J.'        1 ?                   
primary 'Ivanov Kavkova, E.' 2 ?                   
primary 'Houser, J.'         3 ?                   
primary 'Horackova, A.'      4 ?                   
primary 'Zdanska, J.'        5 ?                   
primary 'Demo, G.'           6 ?                   
primary 'Wimmerova, M.'      7 0000-0002-7108-4198 
# 
loop_
_entity.id 
_entity.type 
_entity.src_method 
_entity.pdbx_description 
_entity.formula_weight 
_entity.pdbx_number_of_molecules 
_entity.pdbx_ec 
_entity.pdbx_mutation 
_entity.pdbx_fragment 
_entity.details 
1 polymer     man 'Protein AB21' 22572.125 1  ? ? ? ? 
2 non-polymer syn 'SODIUM ION'   22.990    1  ? ? ? ? 
3 non-polymer syn 1,2-ETHANEDIOL 62.068    1  ? ? ? ? 
4 water       nat water          18.015    41 ? ? ? ? 
# 
_entity_poly.entity_id                      1 
_entity_poly.type                           'polypeptide(L)' 
_entity_poly.nstd_linkage                   no 
_entity_poly.nstd_monomer                   no 
_entity_poly.pdbx_seq_one_letter_code       
;SSNAIDFPFAHEDVVQKTVDDVRTLSNMSAAADQGVHDVNHSSKTLAERYKDDITALAVLPPRVDEFAKSFNDILWAGRT
SATHGVSRITDFVDVTVVGIVEDIKTPEDRDEAVIELNAIAGQKSKPVDGFPGATRRLDGIWNTSSTDAANIAKVLAEAT
DIEKTVKELTTAFSPAKAGYKKVQEALRAYASSITKLAAALEHHHHHH
;
_entity_poly.pdbx_seq_one_letter_code_can   
;SSNAIDFPFAHEDVVQKTVDDVRTLSNMSAAADQGVHDVNHSSKTLAERYKDDITALAVLPPRVDEFAKSFNDILWAGRT
SATHGVSRITDFVDVTVVGIVEDIKTPEDRDEAVIELNAIAGQKSKPVDGFPGATRRLDGIWNTSSTDAANIAKVLAEAT
DIEKTVKELTTAFSPAKAGYKKVQEALRAYASSITKLAAALEHHHHHH
;
_entity_poly.pdbx_strand_id                 A 
_entity_poly.pdbx_target_identifier         ? 
# 
loop_
_pdbx_entity_nonpoly.entity_id 
_pdbx_entity_nonpoly.name 
_pdbx_entity_nonpoly.comp_id 
2 'SODIUM ION'   NA  
3 1,2-ETHANEDIOL EDO 
4 water          HOH 
# 
loop_
_entity_poly_seq.entity_id 
_entity_poly_seq.num 
_entity_poly_seq.mon_id 
_entity_poly_seq.hetero 
1 1   SER n 
1 2   SER n 
1 3   ASN n 
1 4   ALA n 
1 5   ILE n 
1 6   ASP n 
1 7   PHE n 
1 8   PRO n 
1 9   PHE n 
1 10  ALA n 
1 11  HIS n 
1 12  GLU n 
1 13  ASP n 
1 14  VAL n 
1 15  VAL n 
1 16  GLN n 
1 17  LYS n 
1 18  THR n 
1 19  VAL n 
1 20  ASP n 
1 21  ASP n 
1 22  VAL n 
1 23  ARG n 
1 24  THR n 
1 25  LEU n 
1 26  SER n 
1 27  ASN n 
1 28  MET n 
1 29  SER n 
1 30  ALA n 
1 31  ALA n 
1 32  ALA n 
1 33  ASP n 
1 34  GLN n 
1 35  GLY n 
1 36  VAL n 
1 37  HIS n 
1 38  ASP n 
1 39  VAL n 
1 40  ASN n 
1 41  HIS n 
1 42  SER n 
1 43  SER n 
1 44  LYS n 
1 45  THR n 
1 46  LEU n 
1 47  ALA n 
1 48  GLU n 
1 49  ARG n 
1 50  TYR n 
1 51  LYS n 
1 52  ASP n 
1 53  ASP n 
1 54  ILE n 
1 55  THR n 
1 56  ALA n 
1 57  LEU n 
1 58  ALA n 
1 59  VAL n 
1 60  LEU n 
1 61  PRO n 
1 62  PRO n 
1 63  ARG n 
1 64  VAL n 
1 65  ASP n 
1 66  GLU n 
1 67  PHE n 
1 68  ALA n 
1 69  LYS n 
1 70  SER n 
1 71  PHE n 
1 72  ASN n 
1 73  ASP n 
1 74  ILE n 
1 75  LEU n 
1 76  TRP n 
1 77  ALA n 
1 78  GLY n 
1 79  ARG n 
1 80  THR n 
1 81  SER n 
1 82  ALA n 
1 83  THR n 
1 84  HIS n 
1 85  GLY n 
1 86  VAL n 
1 87  SER n 
1 88  ARG n 
1 89  ILE n 
1 90  THR n 
1 91  ASP n 
1 92  PHE n 
1 93  VAL n 
1 94  ASP n 
1 95  VAL n 
1 96  THR n 
1 97  VAL n 
1 98  VAL n 
1 99  GLY n 
1 100 ILE n 
1 101 VAL n 
1 102 GLU n 
1 103 ASP n 
1 104 ILE n 
1 105 LYS n 
1 106 THR n 
1 107 PRO n 
1 108 GLU n 
1 109 ASP n 
1 110 ARG n 
1 111 ASP n 
1 112 GLU n 
1 113 ALA n 
1 114 VAL n 
1 115 ILE n 
1 116 GLU n 
1 117 LEU n 
1 118 ASN n 
1 119 ALA n 
1 120 ILE n 
1 121 ALA n 
1 122 GLY n 
1 123 GLN n 
1 124 LYS n 
1 125 SER n 
1 126 LYS n 
1 127 PRO n 
1 128 VAL n 
1 129 ASP n 
1 130 GLY n 
1 131 PHE n 
1 132 PRO n 
1 133 GLY n 
1 134 ALA n 
1 135 THR n 
1 136 ARG n 
1 137 ARG n 
1 138 LEU n 
1 139 ASP n 
1 140 GLY n 
1 141 ILE n 
1 142 TRP n 
1 143 ASN n 
1 144 THR n 
1 145 SER n 
1 146 SER n 
1 147 THR n 
1 148 ASP n 
1 149 ALA n 
1 150 ALA n 
1 151 ASN n 
1 152 ILE n 
1 153 ALA n 
1 154 LYS n 
1 155 VAL n 
1 156 LEU n 
1 157 ALA n 
1 158 GLU n 
1 159 ALA n 
1 160 THR n 
1 161 ASP n 
1 162 ILE n 
1 163 GLU n 
1 164 LYS n 
1 165 THR n 
1 166 VAL n 
1 167 LYS n 
1 168 GLU n 
1 169 LEU n 
1 170 THR n 
1 171 THR n 
1 172 ALA n 
1 173 PHE n 
1 174 SER n 
1 175 PRO n 
1 176 ALA n 
1 177 LYS n 
1 178 ALA n 
1 179 GLY n 
1 180 TYR n 
1 181 LYS n 
1 182 LYS n 
1 183 VAL n 
1 184 GLN n 
1 185 GLU n 
1 186 ALA n 
1 187 LEU n 
1 188 ARG n 
1 189 ALA n 
1 190 TYR n 
1 191 ALA n 
1 192 SER n 
1 193 SER n 
1 194 ILE n 
1 195 THR n 
1 196 LYS n 
1 197 LEU n 
1 198 ALA n 
1 199 ALA n 
1 200 ALA n 
1 201 LEU n 
1 202 GLU n 
1 203 HIS n 
1 204 HIS n 
1 205 HIS n 
1 206 HIS n 
1 207 HIS n 
1 208 HIS n 
# 
_entity_src_gen.entity_id                          1 
_entity_src_gen.pdbx_src_id                        1 
_entity_src_gen.pdbx_alt_source_flag               sample 
_entity_src_gen.pdbx_seq_type                      'Biological sequence' 
_entity_src_gen.pdbx_beg_seq_num                   1 
_entity_src_gen.pdbx_end_seq_num                   208 
_entity_src_gen.gene_src_common_name               ? 
_entity_src_gen.gene_src_genus                     ? 
_entity_src_gen.pdbx_gene_src_gene                 ? 
_entity_src_gen.gene_src_species                   ? 
_entity_src_gen.gene_src_strain                    ? 
_entity_src_gen.gene_src_tissue                    ? 
_entity_src_gen.gene_src_tissue_fraction           ? 
_entity_src_gen.gene_src_details                   ? 
_entity_src_gen.pdbx_gene_src_fragment             ? 
_entity_src_gen.pdbx_gene_src_scientific_name      'Agaricus bisporus' 
_entity_src_gen.pdbx_gene_src_ncbi_taxonomy_id     5341 
_entity_src_gen.pdbx_gene_src_variant              ? 
_entity_src_gen.pdbx_gene_src_cell_line            ? 
_entity_src_gen.pdbx_gene_src_atcc                 ? 
_entity_src_gen.pdbx_gene_src_organ                ? 
_entity_src_gen.pdbx_gene_src_organelle            ? 
_entity_src_gen.pdbx_gene_src_cell                 ? 
_entity_src_gen.pdbx_gene_src_cellular_location    ? 
_entity_src_gen.host_org_common_name               ? 
_entity_src_gen.pdbx_host_org_scientific_name      'Escherichia coli' 
_entity_src_gen.pdbx_host_org_ncbi_taxonomy_id     562 
_entity_src_gen.host_org_genus                     ? 
_entity_src_gen.pdbx_host_org_gene                 ? 
_entity_src_gen.pdbx_host_org_organ                ? 
_entity_src_gen.host_org_species                   ? 
_entity_src_gen.pdbx_host_org_tissue               ? 
_entity_src_gen.pdbx_host_org_tissue_fraction      ? 
_entity_src_gen.pdbx_host_org_strain               ? 
_entity_src_gen.pdbx_host_org_variant              ? 
_entity_src_gen.pdbx_host_org_cell_line            ? 
_entity_src_gen.pdbx_host_org_atcc                 ? 
_entity_src_gen.pdbx_host_org_culture_collection   ? 
_entity_src_gen.pdbx_host_org_cell                 ? 
_entity_src_gen.pdbx_host_org_organelle            ? 
_entity_src_gen.pdbx_host_org_cellular_location    ? 
_entity_src_gen.pdbx_host_org_vector_type          ? 
_entity_src_gen.pdbx_host_org_vector               ? 
_entity_src_gen.host_org_details                   ? 
_entity_src_gen.expression_system_id               ? 
_entity_src_gen.plasmid_name                       ? 
_entity_src_gen.plasmid_details                    ? 
_entity_src_gen.pdbx_description                   ? 
# 
loop_
_chem_comp.id 
_chem_comp.type 
_chem_comp.mon_nstd_flag 
_chem_comp.name 
_chem_comp.pdbx_synonyms 
_chem_comp.formula 
_chem_comp.formula_weight 
ALA 'L-peptide linking' y ALANINE         ?                 'C3 H7 N O2'     89.093  
ARG 'L-peptide linking' y ARGININE        ?                 'C6 H15 N4 O2 1' 175.209 
ASN 'L-peptide linking' y ASPARAGINE      ?                 'C4 H8 N2 O3'    132.118 
ASP 'L-peptide linking' y 'ASPARTIC ACID' ?                 'C4 H7 N O4'     133.103 
EDO non-polymer         . 1,2-ETHANEDIOL  'ETHYLENE GLYCOL' 'C2 H6 O2'       62.068  
GLN 'L-peptide linking' y GLUTAMINE       ?                 'C5 H10 N2 O3'   146.144 
GLU 'L-peptide linking' y 'GLUTAMIC ACID' ?                 'C5 H9 N O4'     147.129 
GLY 'peptide linking'   y GLYCINE         ?                 'C2 H5 N O2'     75.067  
HIS 'L-peptide linking' y HISTIDINE       ?                 'C6 H10 N3 O2 1' 156.162 
HOH non-polymer         . WATER           ?                 'H2 O'           18.015  
ILE 'L-peptide linking' y ISOLEUCINE      ?                 'C6 H13 N O2'    131.173 
LEU 'L-peptide linking' y LEUCINE         ?                 'C6 H13 N O2'    131.173 
LYS 'L-peptide linking' y LYSINE          ?                 'C6 H15 N2 O2 1' 147.195 
MET 'L-peptide linking' y METHIONINE      ?                 'C5 H11 N O2 S'  149.211 
NA  non-polymer         . 'SODIUM ION'    ?                 'Na 1'           22.990  
PHE 'L-peptide linking' y PHENYLALANINE   ?                 'C9 H11 N O2'    165.189 
PRO 'L-peptide linking' y PROLINE         ?                 'C5 H9 N O2'     115.130 
SER 'L-peptide linking' y SERINE          ?                 'C3 H7 N O3'     105.093 
THR 'L-peptide linking' y THREONINE       ?                 'C4 H9 N O3'     119.119 
TRP 'L-peptide linking' y TRYPTOPHAN      ?                 'C11 H12 N2 O2'  204.225 
TYR 'L-peptide linking' y TYROSINE        ?                 'C9 H11 N O3'    181.189 
VAL 'L-peptide linking' y VALINE          ?                 'C5 H11 N O2'    117.146 
# 
loop_
_pdbx_poly_seq_scheme.asym_id 
_pdbx_poly_seq_scheme.entity_id 
_pdbx_poly_seq_scheme.seq_id 
_pdbx_poly_seq_scheme.mon_id 
_pdbx_poly_seq_scheme.ndb_seq_num 
_pdbx_poly_seq_scheme.pdb_seq_num 
_pdbx_poly_seq_scheme.auth_seq_num 
_pdbx_poly_seq_scheme.pdb_mon_id 
_pdbx_poly_seq_scheme.auth_mon_id 
_pdbx_poly_seq_scheme.pdb_strand_id 
_pdbx_poly_seq_scheme.pdb_ins_code 
_pdbx_poly_seq_scheme.hetero 
A 1 1   SER 1   1   ?   ?   ?   A . n 
A 1 2   SER 2   2   ?   ?   ?   A . n 
A 1 3   ASN 3   3   ?   ?   ?   A . n 
A 1 4   ALA 4   4   ?   ?   ?   A . n 
A 1 5   ILE 5   5   5   ILE ILE A . n 
A 1 6   ASP 6   6   6   ASP ASP A . n 
A 1 7   PHE 7   7   7   PHE PHE A . n 
A 1 8   PRO 8   8   8   PRO PRO A . n 
A 1 9   PHE 9   9   9   PHE PHE A . n 
A 1 10  ALA 10  10  10  ALA ALA A . n 
A 1 11  HIS 11  11  11  HIS HIS A . n 
A 1 12  GLU 12  12  12  GLU GLU A . n 
A 1 13  ASP 13  13  13  ASP ASP A . n 
A 1 14  VAL 14  14  14  VAL VAL A . n 
A 1 15  VAL 15  15  15  VAL VAL A . n 
A 1 16  GLN 16  16  16  GLN GLN A . n 
A 1 17  LYS 17  17  17  LYS LYS A . n 
A 1 18  THR 18  18  18  THR THR A . n 
A 1 19  VAL 19  19  19  VAL VAL A . n 
A 1 20  ASP 20  20  20  ASP ASP A . n 
A 1 21  ASP 21  21  21  ASP ASP A . n 
A 1 22  VAL 22  22  22  VAL VAL A . n 
A 1 23  ARG 23  23  23  ARG ARG A . n 
A 1 24  THR 24  24  24  THR THR A . n 
A 1 25  LEU 25  25  25  LEU LEU A . n 
A 1 26  SER 26  26  26  SER SER A . n 
A 1 27  ASN 27  27  27  ASN ASN A . n 
A 1 28  MET 28  28  28  MET MET A . n 
A 1 29  SER 29  29  29  SER SER A . n 
A 1 30  ALA 30  30  30  ALA ALA A . n 
A 1 31  ALA 31  31  31  ALA ALA A . n 
A 1 32  ALA 32  32  32  ALA ALA A . n 
A 1 33  ASP 33  33  33  ASP ASP A . n 
A 1 34  GLN 34  34  34  GLN GLN A . n 
A 1 35  GLY 35  35  35  GLY GLY A . n 
A 1 36  VAL 36  36  36  VAL VAL A . n 
A 1 37  HIS 37  37  37  HIS HIS A . n 
A 1 38  ASP 38  38  38  ASP ASP A . n 
A 1 39  VAL 39  39  39  VAL VAL A . n 
A 1 40  ASN 40  40  40  ASN ASN A . n 
A 1 41  HIS 41  41  41  HIS HIS A . n 
A 1 42  SER 42  42  42  SER SER A . n 
A 1 43  SER 43  43  43  SER SER A . n 
A 1 44  LYS 44  44  44  LYS LYS A . n 
A 1 45  THR 45  45  45  THR THR A . n 
A 1 46  LEU 46  46  46  LEU LEU A . n 
A 1 47  ALA 47  47  47  ALA ALA A . n 
A 1 48  GLU 48  48  48  GLU GLU A . n 
A 1 49  ARG 49  49  49  ARG ARG A . n 
A 1 50  TYR 50  50  50  TYR TYR A . n 
A 1 51  LYS 51  51  51  LYS LYS A . n 
A 1 52  ASP 52  52  52  ASP ASP A . n 
A 1 53  ASP 53  53  53  ASP ASP A . n 
A 1 54  ILE 54  54  54  ILE ILE A . n 
A 1 55  THR 55  55  55  THR THR A . n 
A 1 56  ALA 56  56  56  ALA ALA A . n 
A 1 57  LEU 57  57  57  LEU LEU A . n 
A 1 58  ALA 58  58  58  ALA ALA A . n 
A 1 59  VAL 59  59  59  VAL VAL A . n 
A 1 60  LEU 60  60  60  LEU LEU A . n 
A 1 61  PRO 61  61  61  PRO PRO A . n 
A 1 62  PRO 62  62  62  PRO PRO A . n 
A 1 63  ARG 63  63  63  ARG ARG A . n 
A 1 64  VAL 64  64  64  VAL VAL A . n 
A 1 65  ASP 65  65  65  ASP ASP A . n 
A 1 66  GLU 66  66  66  GLU GLU A . n 
A 1 67  PHE 67  67  67  PHE PHE A . n 
A 1 68  ALA 68  68  68  ALA ALA A . n 
A 1 69  LYS 69  69  69  LYS LYS A . n 
A 1 70  SER 70  70  70  SER SER A . n 
A 1 71  PHE 71  71  71  PHE PHE A . n 
A 1 72  ASN 72  72  72  ASN ASN A . n 
A 1 73  ASP 73  73  73  ASP ASP A . n 
A 1 74  ILE 74  74  74  ILE ILE A . n 
A 1 75  LEU 75  75  75  LEU LEU A . n 
A 1 76  TRP 76  76  76  TRP TRP A . n 
A 1 77  ALA 77  77  77  ALA ALA A . n 
A 1 78  GLY 78  78  78  GLY GLY A . n 
A 1 79  ARG 79  79  79  ARG ARG A . n 
A 1 80  THR 80  80  80  THR THR A . n 
A 1 81  SER 81  81  81  SER SER A . n 
A 1 82  ALA 82  82  82  ALA ALA A . n 
A 1 83  THR 83  83  83  THR THR A . n 
A 1 84  HIS 84  84  84  HIS HIS A . n 
A 1 85  GLY 85  85  85  GLY GLY A . n 
A 1 86  VAL 86  86  86  VAL VAL A . n 
A 1 87  SER 87  87  87  SER SER A . n 
A 1 88  ARG 88  88  88  ARG ARG A . n 
A 1 89  ILE 89  89  89  ILE ILE A . n 
A 1 90  THR 90  90  90  THR THR A . n 
A 1 91  ASP 91  91  91  ASP ASP A . n 
A 1 92  PHE 92  92  92  PHE PHE A . n 
A 1 93  VAL 93  93  93  VAL VAL A . n 
A 1 94  ASP 94  94  94  ASP ASP A . n 
A 1 95  VAL 95  95  95  VAL VAL A . n 
A 1 96  THR 96  96  96  THR THR A . n 
A 1 97  VAL 97  97  97  VAL VAL A . n 
A 1 98  VAL 98  98  98  VAL VAL A . n 
A 1 99  GLY 99  99  99  GLY GLY A . n 
A 1 100 ILE 100 100 100 ILE ILE A . n 
A 1 101 VAL 101 101 101 VAL VAL A . n 
A 1 102 GLU 102 102 102 GLU GLU A . n 
A 1 103 ASP 103 103 103 ASP ASP A . n 
A 1 104 ILE 104 104 104 ILE ILE A . n 
A 1 105 LYS 105 105 105 LYS LYS A . n 
A 1 106 THR 106 106 106 THR THR A . n 
A 1 107 PRO 107 107 107 PRO PRO A . n 
A 1 108 GLU 108 108 108 GLU GLU A . n 
A 1 109 ASP 109 109 109 ASP ASP A . n 
A 1 110 ARG 110 110 110 ARG ARG A . n 
A 1 111 ASP 111 111 111 ASP ASP A . n 
A 1 112 GLU 112 112 112 GLU GLU A . n 
A 1 113 ALA 113 113 113 ALA ALA A . n 
A 1 114 VAL 114 114 114 VAL VAL A . n 
A 1 115 ILE 115 115 115 ILE ILE A . n 
A 1 116 GLU 116 116 116 GLU GLU A . n 
A 1 117 LEU 117 117 117 LEU LEU A . n 
A 1 118 ASN 118 118 118 ASN ASN A . n 
A 1 119 ALA 119 119 119 ALA ALA A . n 
A 1 120 ILE 120 120 120 ILE ILE A . n 
A 1 121 ALA 121 121 121 ALA ALA A . n 
A 1 122 GLY 122 122 122 GLY GLY A . n 
A 1 123 GLN 123 123 123 GLN GLN A . n 
A 1 124 LYS 124 124 124 LYS LYS A . n 
A 1 125 SER 125 125 125 SER SER A . n 
A 1 126 LYS 126 126 126 LYS LYS A . n 
A 1 127 PRO 127 127 127 PRO PRO A . n 
A 1 128 VAL 128 128 128 VAL VAL A . n 
A 1 129 ASP 129 129 129 ASP ASP A . n 
A 1 130 GLY 130 130 130 GLY GLY A . n 
A 1 131 PHE 131 131 131 PHE PHE A . n 
A 1 132 PRO 132 132 132 PRO PRO A . n 
A 1 133 GLY 133 133 133 GLY GLY A . n 
A 1 134 ALA 134 134 134 ALA ALA A . n 
A 1 135 THR 135 135 135 THR THR A . n 
A 1 136 ARG 136 136 136 ARG ARG A . n 
A 1 137 ARG 137 137 137 ARG ARG A . n 
A 1 138 LEU 138 138 138 LEU LEU A . n 
A 1 139 ASP 139 139 139 ASP ASP A . n 
A 1 140 GLY 140 140 140 GLY GLY A . n 
A 1 141 ILE 141 141 141 ILE ILE A . n 
A 1 142 TRP 142 142 142 TRP TRP A . n 
A 1 143 ASN 143 143 143 ASN ASN A . n 
A 1 144 THR 144 144 144 THR THR A . n 
A 1 145 SER 145 145 145 SER SER A . n 
A 1 146 SER 146 146 146 SER SER A . n 
A 1 147 THR 147 147 147 THR THR A . n 
A 1 148 ASP 148 148 148 ASP ASP A . n 
A 1 149 ALA 149 149 149 ALA ALA A . n 
A 1 150 ALA 150 150 150 ALA ALA A . n 
A 1 151 ASN 151 151 151 ASN ASN A . n 
A 1 152 ILE 152 152 152 ILE ILE A . n 
A 1 153 ALA 153 153 153 ALA ALA A . n 
A 1 154 LYS 154 154 154 LYS LYS A . n 
A 1 155 VAL 155 155 155 VAL VAL A . n 
A 1 156 LEU 156 156 156 LEU LEU A . n 
A 1 157 ALA 157 157 157 ALA ALA A . n 
A 1 158 GLU 158 158 ?   ?   ?   A . n 
A 1 159 ALA 159 159 ?   ?   ?   A . n 
A 1 160 THR 160 160 ?   ?   ?   A . n 
A 1 161 ASP 161 161 ?   ?   ?   A . n 
A 1 162 ILE 162 162 162 ILE ILE A . n 
A 1 163 GLU 163 163 163 GLU GLU A . n 
A 1 164 LYS 164 164 164 LYS LYS A . n 
A 1 165 THR 165 165 165 THR THR A . n 
A 1 166 VAL 166 166 166 VAL VAL A . n 
A 1 167 LYS 167 167 167 LYS LYS A . n 
A 1 168 GLU 168 168 168 GLU GLU A . n 
A 1 169 LEU 169 169 169 LEU LEU A . n 
A 1 170 THR 170 170 170 THR THR A . n 
A 1 171 THR 171 171 171 THR THR A . n 
A 1 172 ALA 172 172 172 ALA ALA A . n 
A 1 173 PHE 173 173 173 PHE PHE A . n 
A 1 174 SER 174 174 174 SER SER A . n 
A 1 175 PRO 175 175 175 PRO PRO A . n 
A 1 176 ALA 176 176 176 ALA ALA A . n 
A 1 177 LYS 177 177 177 LYS LYS A . n 
A 1 178 ALA 178 178 178 ALA ALA A . n 
A 1 179 GLY 179 179 179 GLY GLY A . n 
A 1 180 TYR 180 180 180 TYR TYR A . n 
A 1 181 LYS 181 181 181 LYS LYS A . n 
A 1 182 LYS 182 182 182 LYS LYS A . n 
A 1 183 VAL 183 183 183 VAL VAL A . n 
A 1 184 GLN 184 184 184 GLN GLN A . n 
A 1 185 GLU 185 185 185 GLU GLU A . n 
A 1 186 ALA 186 186 186 ALA ALA A . n 
A 1 187 LEU 187 187 187 LEU LEU A . n 
A 1 188 ARG 188 188 188 ARG ARG A . n 
A 1 189 ALA 189 189 189 ALA ALA A . n 
A 1 190 TYR 190 190 190 TYR TYR A . n 
A 1 191 ALA 191 191 191 ALA ALA A . n 
A 1 192 SER 192 192 192 SER SER A . n 
A 1 193 SER 193 193 193 SER SER A . n 
A 1 194 ILE 194 194 194 ILE ILE A . n 
A 1 195 THR 195 195 195 THR THR A . n 
A 1 196 LYS 196 196 196 LYS LYS A . n 
A 1 197 LEU 197 197 197 LEU LEU A . n 
A 1 198 ALA 198 198 198 ALA ALA A . n 
A 1 199 ALA 199 199 199 ALA ALA A . n 
A 1 200 ALA 200 200 ?   ?   ?   A . n 
A 1 201 LEU 201 201 ?   ?   ?   A . n 
A 1 202 GLU 202 202 ?   ?   ?   A . n 
A 1 203 HIS 203 203 ?   ?   ?   A . n 
A 1 204 HIS 204 204 ?   ?   ?   A . n 
A 1 205 HIS 205 205 ?   ?   ?   A . n 
A 1 206 HIS 206 206 ?   ?   ?   A . n 
A 1 207 HIS 207 207 ?   ?   ?   A . n 
A 1 208 HIS 208 208 ?   ?   ?   A . n 
# 
loop_
_pdbx_nonpoly_scheme.asym_id 
_pdbx_nonpoly_scheme.entity_id 
_pdbx_nonpoly_scheme.mon_id 
_pdbx_nonpoly_scheme.ndb_seq_num 
_pdbx_nonpoly_scheme.pdb_seq_num 
_pdbx_nonpoly_scheme.auth_seq_num 
_pdbx_nonpoly_scheme.pdb_mon_id 
_pdbx_nonpoly_scheme.auth_mon_id 
_pdbx_nonpoly_scheme.pdb_strand_id 
_pdbx_nonpoly_scheme.pdb_ins_code 
B 2 NA  1  301 1  NA  NA  A . 
C 3 EDO 1  302 1  EDO EDO A . 
D 4 HOH 1  401 16 HOH HOH A . 
D 4 HOH 2  402 32 HOH HOH A . 
D 4 HOH 3  403 4  HOH HOH A . 
D 4 HOH 4  404 9  HOH HOH A . 
D 4 HOH 5  405 7  HOH HOH A . 
D 4 HOH 6  406 27 HOH HOH A . 
D 4 HOH 7  407 19 HOH HOH A . 
D 4 HOH 8  408 14 HOH HOH A . 
D 4 HOH 9  409 10 HOH HOH A . 
D 4 HOH 10 410 11 HOH HOH A . 
D 4 HOH 11 411 30 HOH HOH A . 
D 4 HOH 12 412 17 HOH HOH A . 
D 4 HOH 13 413 37 HOH HOH A . 
D 4 HOH 14 414 13 HOH HOH A . 
D 4 HOH 15 415 18 HOH HOH A . 
D 4 HOH 16 416 38 HOH HOH A . 
D 4 HOH 17 417 31 HOH HOH A . 
D 4 HOH 18 418 25 HOH HOH A . 
D 4 HOH 19 419 8  HOH HOH A . 
D 4 HOH 20 420 5  HOH HOH A . 
D 4 HOH 21 421 2  HOH HOH A . 
D 4 HOH 22 422 26 HOH HOH A . 
D 4 HOH 23 423 3  HOH HOH A . 
D 4 HOH 24 424 35 HOH HOH A . 
D 4 HOH 25 425 20 HOH HOH A . 
D 4 HOH 26 426 6  HOH HOH A . 
D 4 HOH 27 427 29 HOH HOH A . 
D 4 HOH 28 428 15 HOH HOH A . 
D 4 HOH 29 429 28 HOH HOH A . 
D 4 HOH 30 430 36 HOH HOH A . 
D 4 HOH 31 431 1  HOH HOH A . 
D 4 HOH 32 432 22 HOH HOH A . 
D 4 HOH 33 433 23 HOH HOH A . 
D 4 HOH 34 434 21 HOH HOH A . 
D 4 HOH 35 435 12 HOH HOH A . 
D 4 HOH 36 436 33 HOH HOH A . 
D 4 HOH 37 437 34 HOH HOH A . 
D 4 HOH 38 438 24 HOH HOH A . 
D 4 HOH 39 439 39 HOH HOH A . 
D 4 HOH 40 440 41 HOH HOH A . 
D 4 HOH 41 441 40 HOH HOH A . 
# 
loop_
_pdbx_unobs_or_zero_occ_atoms.id 
_pdbx_unobs_or_zero_occ_atoms.PDB_model_num 
_pdbx_unobs_or_zero_occ_atoms.polymer_flag 
_pdbx_unobs_or_zero_occ_atoms.occupancy_flag 
_pdbx_unobs_or_zero_occ_atoms.auth_asym_id 
_pdbx_unobs_or_zero_occ_atoms.auth_comp_id 
_pdbx_unobs_or_zero_occ_atoms.auth_seq_id 
_pdbx_unobs_or_zero_occ_atoms.PDB_ins_code 
_pdbx_unobs_or_zero_occ_atoms.auth_atom_id 
_pdbx_unobs_or_zero_occ_atoms.label_alt_id 
_pdbx_unobs_or_zero_occ_atoms.label_asym_id 
_pdbx_unobs_or_zero_occ_atoms.label_comp_id 
_pdbx_unobs_or_zero_occ_atoms.label_seq_id 
_pdbx_unobs_or_zero_occ_atoms.label_atom_id 
1  1 Y 1 A LYS 105 ? CG  ? A LYS 105 CG  
2  1 Y 1 A LYS 105 ? CD  ? A LYS 105 CD  
3  1 Y 1 A LYS 105 ? CE  ? A LYS 105 CE  
4  1 Y 1 A LYS 105 ? NZ  ? A LYS 105 NZ  
5  1 Y 1 A GLU 112 ? CG  ? A GLU 112 CG  
6  1 Y 1 A GLU 112 ? CD  ? A GLU 112 CD  
7  1 Y 1 A GLU 112 ? OE1 ? A GLU 112 OE1 
8  1 Y 1 A GLU 112 ? OE2 ? A GLU 112 OE2 
9  1 Y 1 A LYS 126 ? CG  ? A LYS 126 CG  
10 1 Y 1 A LYS 126 ? CD  ? A LYS 126 CD  
11 1 Y 1 A LYS 126 ? CE  ? A LYS 126 CE  
12 1 Y 1 A LYS 126 ? NZ  ? A LYS 126 NZ  
13 1 Y 1 A LYS 154 ? CG  ? A LYS 154 CG  
14 1 Y 1 A LYS 154 ? CD  ? A LYS 154 CD  
15 1 Y 1 A LYS 154 ? CE  ? A LYS 154 CE  
16 1 Y 1 A LYS 154 ? NZ  ? A LYS 154 NZ  
17 1 Y 1 A GLU 163 ? CG  ? A GLU 163 CG  
18 1 Y 1 A GLU 163 ? CD  ? A GLU 163 CD  
19 1 Y 1 A GLU 163 ? OE1 ? A GLU 163 OE1 
20 1 Y 1 A GLU 163 ? OE2 ? A GLU 163 OE2 
21 1 Y 1 A LYS 164 ? CG  ? A LYS 164 CG  
22 1 Y 1 A LYS 164 ? CD  ? A LYS 164 CD  
23 1 Y 1 A LYS 164 ? CE  ? A LYS 164 CE  
24 1 Y 1 A LYS 164 ? NZ  ? A LYS 164 NZ  
25 1 Y 1 A LYS 167 ? CG  ? A LYS 167 CG  
26 1 Y 1 A LYS 167 ? CD  ? A LYS 167 CD  
27 1 Y 1 A LYS 167 ? CE  ? A LYS 167 CE  
28 1 Y 1 A LYS 167 ? NZ  ? A LYS 167 NZ  
29 1 Y 1 A LYS 182 ? CG  ? A LYS 182 CG  
30 1 Y 1 A LYS 182 ? CD  ? A LYS 182 CD  
31 1 Y 1 A LYS 182 ? CE  ? A LYS 182 CE  
32 1 Y 1 A LYS 182 ? NZ  ? A LYS 182 NZ  
# 
loop_
_software.citation_id 
_software.classification 
_software.compiler_name 
_software.compiler_version 
_software.contact_author 
_software.contact_author_email 
_software.date 
_software.description 
_software.dependencies 
_software.hardware 
_software.language 
_software.location 
_software.mods 
_software.name 
_software.os 
_software.os_version 
_software.type 
_software.version 
_software.pdbx_ordinal 
? refinement       ? ? ? ? ? ? ? ? ? ? ? REFMAC ? ? ? 5.8.0135 1 
? 'data reduction' ? ? ? ? ? ? ? ? ? ? ? XDS    ? ? ? .        2 
? 'data scaling'   ? ? ? ? ? ? ? ? ? ? ? SCALA  ? ? ? .        3 
? phasing          ? ? ? ? ? ? ? ? ? ? ? PHASER ? ? ? .        4 
# 
_cell.angle_alpha                  90.00 
_cell.angle_alpha_esd              ? 
_cell.angle_beta                   90.00 
_cell.angle_beta_esd               ? 
_cell.angle_gamma                  120.00 
_cell.angle_gamma_esd              ? 
_cell.entry_id                     6FPD 
_cell.details                      ? 
_cell.formula_units_Z              ? 
_cell.length_a                     73.936 
_cell.length_a_esd                 ? 
_cell.length_b                     73.936 
_cell.length_b_esd                 ? 
_cell.length_c                     70.592 
_cell.length_c_esd                 ? 
_cell.volume                       ? 
_cell.volume_esd                   ? 
_cell.Z_PDB                        6 
_cell.reciprocal_angle_alpha       ? 
_cell.reciprocal_angle_beta        ? 
_cell.reciprocal_angle_gamma       ? 
_cell.reciprocal_angle_alpha_esd   ? 
_cell.reciprocal_angle_beta_esd    ? 
_cell.reciprocal_angle_gamma_esd   ? 
_cell.reciprocal_length_a          ? 
_cell.reciprocal_length_b          ? 
_cell.reciprocal_length_c          ? 
_cell.reciprocal_length_a_esd      ? 
_cell.reciprocal_length_b_esd      ? 
_cell.reciprocal_length_c_esd      ? 
_cell.pdbx_unique_axis             ? 
# 
_symmetry.entry_id                         6FPD 
_symmetry.cell_setting                     ? 
_symmetry.Int_Tables_number                172 
_symmetry.space_group_name_Hall            ? 
_symmetry.space_group_name_H-M             'P 64' 
_symmetry.pdbx_full_space_group_name_H-M   ? 
# 
_exptl.absorpt_coefficient_mu     ? 
_exptl.absorpt_correction_T_max   ? 
_exptl.absorpt_correction_T_min   ? 
_exptl.absorpt_correction_type    ? 
_exptl.absorpt_process_details    ? 
_exptl.entry_id                   6FPD 
_exptl.crystals_number            1 
_exptl.details                    ? 
_exptl.method                     'X-RAY DIFFRACTION' 
_exptl.method_details             ? 
# 
_exptl_crystal.colour                      ? 
_exptl_crystal.density_diffrn              ? 
_exptl_crystal.density_Matthews            2.47 
_exptl_crystal.density_method              ? 
_exptl_crystal.density_percent_sol         50.15 
_exptl_crystal.description                 ? 
_exptl_crystal.F_000                       ? 
_exptl_crystal.id                          1 
_exptl_crystal.preparation                 ? 
_exptl_crystal.size_max                    ? 
_exptl_crystal.size_mid                    ? 
_exptl_crystal.size_min                    ? 
_exptl_crystal.size_rad                    ? 
_exptl_crystal.colour_lustre               ? 
_exptl_crystal.colour_modifier             ? 
_exptl_crystal.colour_primary              ? 
_exptl_crystal.density_meas                ? 
_exptl_crystal.density_meas_esd            ? 
_exptl_crystal.density_meas_gt             ? 
_exptl_crystal.density_meas_lt             ? 
_exptl_crystal.density_meas_temp           ? 
_exptl_crystal.density_meas_temp_esd       ? 
_exptl_crystal.density_meas_temp_gt        ? 
_exptl_crystal.density_meas_temp_lt        ? 
_exptl_crystal.pdbx_crystal_image_url      ? 
_exptl_crystal.pdbx_crystal_image_format   ? 
_exptl_crystal.pdbx_mosaicity              ? 
_exptl_crystal.pdbx_mosaicity_esd          ? 
# 
_exptl_crystal_grow.apparatus       ? 
_exptl_crystal_grow.atmosphere      ? 
_exptl_crystal_grow.crystal_id      1 
_exptl_crystal_grow.details         ? 
_exptl_crystal_grow.method          'VAPOR DIFFUSION, HANGING DROP' 
_exptl_crystal_grow.method_ref      ? 
_exptl_crystal_grow.pH              6.2 
_exptl_crystal_grow.pressure        ? 
_exptl_crystal_grow.pressure_esd    ? 
_exptl_crystal_grow.seeding         ? 
_exptl_crystal_grow.seeding_ref     ? 
_exptl_crystal_grow.temp            290 
_exptl_crystal_grow.temp_details    ? 
_exptl_crystal_grow.temp_esd        ? 
_exptl_crystal_grow.time            ? 
_exptl_crystal_grow.pdbx_details    '20 mM MES, 150 mM NaCl, pH 6.2' 
_exptl_crystal_grow.pdbx_pH_range   ? 
# 
_diffrn.ambient_environment    ? 
_diffrn.ambient_temp           100 
_diffrn.ambient_temp_details   ? 
_diffrn.ambient_temp_esd       ? 
_diffrn.crystal_id             1 
_diffrn.crystal_support        ? 
_diffrn.crystal_treatment      ? 
_diffrn.details                ? 
_diffrn.id                     1 
_diffrn.ambient_pressure       ? 
_diffrn.ambient_pressure_esd   ? 
_diffrn.ambient_pressure_gt    ? 
_diffrn.ambient_pressure_lt    ? 
_diffrn.ambient_temp_gt        ? 
_diffrn.ambient_temp_lt        ? 
# 
_diffrn_detector.details                      ? 
_diffrn_detector.detector                     PIXEL 
_diffrn_detector.diffrn_id                    1 
_diffrn_detector.type                         'DECTRIS PILATUS 2M' 
_diffrn_detector.area_resol_mean              ? 
_diffrn_detector.dtime                        ? 
_diffrn_detector.pdbx_frames_total            ? 
_diffrn_detector.pdbx_collection_time_total   ? 
_diffrn_detector.pdbx_collection_date         2017-04-05 
# 
_diffrn_radiation.collimation                      ? 
_diffrn_radiation.diffrn_id                        1 
_diffrn_radiation.filter_edge                      ? 
_diffrn_radiation.inhomogeneity                    ? 
_diffrn_radiation.monochromator                    ? 
_diffrn_radiation.polarisn_norm                    ? 
_diffrn_radiation.polarisn_ratio                   ? 
_diffrn_radiation.probe                            ? 
_diffrn_radiation.type                             ? 
_diffrn_radiation.xray_symbol                      ? 
_diffrn_radiation.wavelength_id                    1 
_diffrn_radiation.pdbx_monochromatic_or_laue_m_l   M 
_diffrn_radiation.pdbx_wavelength_list             ? 
_diffrn_radiation.pdbx_wavelength                  ? 
_diffrn_radiation.pdbx_diffrn_protocol             'SINGLE WAVELENGTH' 
_diffrn_radiation.pdbx_analyzer                    ? 
_diffrn_radiation.pdbx_scattering_type             x-ray 
# 
_diffrn_radiation_wavelength.id           1 
_diffrn_radiation_wavelength.wavelength   0.9184 
_diffrn_radiation_wavelength.wt           1.0 
# 
_diffrn_source.current                     ? 
_diffrn_source.details                     ? 
_diffrn_source.diffrn_id                   1 
_diffrn_source.power                       ? 
_diffrn_source.size                        ? 
_diffrn_source.source                      SYNCHROTRON 
_diffrn_source.target                      ? 
_diffrn_source.type                        'BESSY BEAMLINE 14.2' 
_diffrn_source.voltage                     ? 
_diffrn_source.take-off_angle              ? 
_diffrn_source.pdbx_wavelength_list        0.9184 
_diffrn_source.pdbx_wavelength             ? 
_diffrn_source.pdbx_synchrotron_beamline   14.2 
_diffrn_source.pdbx_synchrotron_site       BESSY 
# 
_reflns.B_iso_Wilson_estimate            20.53 
_reflns.entry_id                         6FPD 
_reflns.data_reduction_details           ? 
_reflns.data_reduction_method            ? 
_reflns.d_resolution_high                2.50 
_reflns.d_resolution_low                 36.96 
_reflns.details                          ? 
_reflns.limit_h_max                      ? 
_reflns.limit_h_min                      ? 
_reflns.limit_k_max                      ? 
_reflns.limit_k_min                      ? 
_reflns.limit_l_max                      ? 
_reflns.limit_l_min                      ? 
_reflns.number_all                       ? 
_reflns.number_obs                       7689 
_reflns.observed_criterion               ? 
_reflns.observed_criterion_F_max         ? 
_reflns.observed_criterion_F_min         ? 
_reflns.observed_criterion_I_max         ? 
_reflns.observed_criterion_I_min         ? 
_reflns.observed_criterion_sigma_F       ? 
_reflns.observed_criterion_sigma_I       ? 
_reflns.percent_possible_obs             99.9 
_reflns.R_free_details                   ? 
_reflns.Rmerge_F_all                     ? 
_reflns.Rmerge_F_obs                     ? 
_reflns.Friedel_coverage                 ? 
_reflns.number_gt                        ? 
_reflns.threshold_expression             ? 
_reflns.pdbx_redundancy                  11.5 
_reflns.pdbx_Rmerge_I_obs                0.043 
_reflns.pdbx_Rmerge_I_all                ? 
_reflns.pdbx_Rsym_value                  ? 
_reflns.pdbx_netI_over_av_sigmaI         ? 
_reflns.pdbx_netI_over_sigmaI            40.6 
_reflns.pdbx_res_netI_over_av_sigmaI_2   ? 
_reflns.pdbx_res_netI_over_sigmaI_2      ? 
_reflns.pdbx_chi_squared                 ? 
_reflns.pdbx_scaling_rejects             ? 
_reflns.pdbx_d_res_high_opt              ? 
_reflns.pdbx_d_res_low_opt               ? 
_reflns.pdbx_d_res_opt_method            ? 
_reflns.phase_calculation_details        ? 
_reflns.pdbx_Rrim_I_all                  ? 
_reflns.pdbx_Rpim_I_all                  ? 
_reflns.pdbx_d_opt                       ? 
_reflns.pdbx_number_measured_all         ? 
_reflns.pdbx_diffrn_id                   1 
_reflns.pdbx_ordinal                     1 
_reflns.pdbx_CC_half                     0.999 
_reflns.pdbx_R_split                     ? 
# 
_reflns_shell.d_res_high                  2.50 
_reflns_shell.d_res_low                   2.64 
_reflns_shell.meanI_over_sigI_all         ? 
_reflns_shell.meanI_over_sigI_obs         26.7 
_reflns_shell.number_measured_all         ? 
_reflns_shell.number_measured_obs         ? 
_reflns_shell.number_possible             ? 
_reflns_shell.number_unique_all           ? 
_reflns_shell.number_unique_obs           1113 
_reflns_shell.percent_possible_all        100 
_reflns_shell.percent_possible_obs        ? 
_reflns_shell.Rmerge_F_all                ? 
_reflns_shell.Rmerge_F_obs                ? 
_reflns_shell.Rmerge_I_all                ? 
_reflns_shell.Rmerge_I_obs                0.070 
_reflns_shell.meanI_over_sigI_gt          ? 
_reflns_shell.meanI_over_uI_all           ? 
_reflns_shell.meanI_over_uI_gt            ? 
_reflns_shell.number_measured_gt          ? 
_reflns_shell.number_unique_gt            ? 
_reflns_shell.percent_possible_gt         ? 
_reflns_shell.Rmerge_F_gt                 ? 
_reflns_shell.Rmerge_I_gt                 ? 
_reflns_shell.pdbx_redundancy             12.0 
_reflns_shell.pdbx_Rsym_value             ? 
_reflns_shell.pdbx_chi_squared            ? 
_reflns_shell.pdbx_netI_over_sigmaI_all   ? 
_reflns_shell.pdbx_netI_over_sigmaI_obs   ? 
_reflns_shell.pdbx_Rrim_I_all             ? 
_reflns_shell.pdbx_Rpim_I_all             ? 
_reflns_shell.pdbx_rejects                ? 
_reflns_shell.pdbx_ordinal                1 
_reflns_shell.pdbx_diffrn_id              1 
_reflns_shell.pdbx_CC_half                0.998 
_reflns_shell.pdbx_R_split                ? 
# 
_refine.aniso_B[1][1]                            -1.57 
_refine.aniso_B[1][2]                            -0.79 
_refine.aniso_B[1][3]                            -0.00 
_refine.aniso_B[2][2]                            -1.57 
_refine.aniso_B[2][3]                            0.00 
_refine.aniso_B[3][3]                            5.10 
_refine.B_iso_max                                ? 
_refine.B_iso_mean                               29.887 
_refine.B_iso_min                                ? 
_refine.correlation_coeff_Fo_to_Fc               0.900 
_refine.correlation_coeff_Fo_to_Fc_free          0.822 
_refine.details                                  'HYDROGENS HAVE BEEN ADDED IN THE RIDING POSITIONS' 
_refine.diff_density_max                         ? 
_refine.diff_density_max_esd                     ? 
_refine.diff_density_min                         ? 
_refine.diff_density_min_esd                     ? 
_refine.diff_density_rms                         ? 
_refine.diff_density_rms_esd                     ? 
_refine.entry_id                                 6FPD 
_refine.pdbx_refine_id                           'X-RAY DIFFRACTION' 
_refine.ls_abs_structure_details                 ? 
_refine.ls_abs_structure_Flack                   ? 
_refine.ls_abs_structure_Flack_esd               ? 
_refine.ls_abs_structure_Rogers                  ? 
_refine.ls_abs_structure_Rogers_esd              ? 
_refine.ls_d_res_high                            2.50 
_refine.ls_d_res_low                             36.96 
_refine.ls_extinction_coef                       ? 
_refine.ls_extinction_coef_esd                   ? 
_refine.ls_extinction_expression                 ? 
_refine.ls_extinction_method                     ? 
_refine.ls_goodness_of_fit_all                   ? 
_refine.ls_goodness_of_fit_all_esd               ? 
_refine.ls_goodness_of_fit_obs                   ? 
_refine.ls_goodness_of_fit_obs_esd               ? 
_refine.ls_hydrogen_treatment                    ? 
_refine.ls_matrix_type                           ? 
_refine.ls_number_constraints                    ? 
_refine.ls_number_parameters                     ? 
_refine.ls_number_reflns_all                     ? 
_refine.ls_number_reflns_obs                     7274 
_refine.ls_number_reflns_R_free                  383 
_refine.ls_number_reflns_R_work                  ? 
_refine.ls_number_restraints                     ? 
_refine.ls_percent_reflns_obs                    99.87 
_refine.ls_percent_reflns_R_free                 5.0 
_refine.ls_R_factor_all                          ? 
_refine.ls_R_factor_obs                          0.24723 
_refine.ls_R_factor_R_free                       0.31719 
_refine.ls_R_factor_R_free_error                 ? 
_refine.ls_R_factor_R_free_error_details         ? 
_refine.ls_R_factor_R_work                       0.24346 
_refine.ls_R_Fsqd_factor_obs                     ? 
_refine.ls_R_I_factor_obs                        ? 
_refine.ls_redundancy_reflns_all                 ? 
_refine.ls_redundancy_reflns_obs                 ? 
_refine.ls_restrained_S_all                      ? 
_refine.ls_restrained_S_obs                      ? 
_refine.ls_shift_over_esd_max                    ? 
_refine.ls_shift_over_esd_mean                   ? 
_refine.ls_structure_factor_coef                 ? 
_refine.ls_weighting_details                     ? 
_refine.ls_weighting_scheme                      ? 
_refine.ls_wR_factor_all                         ? 
_refine.ls_wR_factor_obs                         ? 
_refine.ls_wR_factor_R_free                      ? 
_refine.ls_wR_factor_R_work                      ? 
_refine.occupancy_max                            ? 
_refine.occupancy_min                            ? 
_refine.solvent_model_details                    ? 
_refine.solvent_model_param_bsol                 ? 
_refine.solvent_model_param_ksol                 ? 
_refine.ls_R_factor_gt                           ? 
_refine.ls_goodness_of_fit_gt                    ? 
_refine.ls_goodness_of_fit_ref                   ? 
_refine.ls_shift_over_su_max                     ? 
_refine.ls_shift_over_su_max_lt                  ? 
_refine.ls_shift_over_su_mean                    ? 
_refine.ls_shift_over_su_mean_lt                 ? 
_refine.pdbx_ls_sigma_I                          ? 
_refine.pdbx_ls_sigma_F                          ? 
_refine.pdbx_ls_sigma_Fsqd                       ? 
_refine.pdbx_data_cutoff_high_absF               ? 
_refine.pdbx_data_cutoff_high_rms_absF           ? 
_refine.pdbx_data_cutoff_low_absF                ? 
_refine.pdbx_isotropic_thermal_model             ? 
_refine.pdbx_ls_cross_valid_method               THROUGHOUT 
_refine.pdbx_method_to_determine_struct          'MOLECULAR REPLACEMENT' 
_refine.pdbx_starting_model                      ? 
_refine.pdbx_stereochemistry_target_values       ? 
_refine.pdbx_R_Free_selection_details            RANDOM 
_refine.pdbx_stereochem_target_val_spec_case     ? 
_refine.pdbx_overall_ESU_R                       0.634 
_refine.pdbx_overall_ESU_R_Free                  0.363 
_refine.pdbx_solvent_vdw_probe_radii             1.20 
_refine.pdbx_solvent_ion_probe_radii             0.80 
_refine.pdbx_solvent_shrinkage_radii             0.80 
_refine.pdbx_real_space_R                        ? 
_refine.pdbx_density_correlation                 ? 
_refine.pdbx_pd_number_of_powder_patterns        ? 
_refine.pdbx_pd_number_of_points                 ? 
_refine.pdbx_pd_meas_number_of_points            ? 
_refine.pdbx_pd_proc_ls_prof_R_factor            ? 
_refine.pdbx_pd_proc_ls_prof_wR_factor           ? 
_refine.pdbx_pd_Marquardt_correlation_coeff      ? 
_refine.pdbx_pd_Fsqrd_R_factor                   ? 
_refine.pdbx_pd_ls_matrix_band_width             ? 
_refine.pdbx_overall_phase_error                 ? 
_refine.pdbx_overall_SU_R_free_Cruickshank_DPI   ? 
_refine.pdbx_overall_SU_R_free_Blow_DPI          ? 
_refine.pdbx_overall_SU_R_Blow_DPI               ? 
_refine.pdbx_TLS_residual_ADP_flag               ? 
_refine.pdbx_diffrn_id                           1 
_refine.overall_SU_B                             15.369 
_refine.overall_SU_ML                            0.323 
_refine.overall_SU_R_Cruickshank_DPI             ? 
_refine.overall_SU_R_free                        ? 
_refine.overall_FOM_free_R_set                   ? 
_refine.overall_FOM_work_R_set                   ? 
_refine.pdbx_average_fsc_overall                 ? 
_refine.pdbx_average_fsc_work                    ? 
_refine.pdbx_average_fsc_free                    ? 
# 
_refine_hist.pdbx_refine_id                   'X-RAY DIFFRACTION' 
_refine_hist.cycle_id                         1 
_refine_hist.pdbx_number_atoms_protein        1422 
_refine_hist.pdbx_number_atoms_nucleic_acid   0 
_refine_hist.pdbx_number_atoms_ligand         5 
_refine_hist.number_atoms_solvent             41 
_refine_hist.number_atoms_total               1468 
_refine_hist.d_res_high                       2.50 
_refine_hist.d_res_low                        36.96 
# 
loop_
_refine_ls_restr.pdbx_refine_id 
_refine_ls_restr.criterion 
_refine_ls_restr.dev_ideal 
_refine_ls_restr.dev_ideal_target 
_refine_ls_restr.number 
_refine_ls_restr.rejects 
_refine_ls_restr.type 
_refine_ls_restr.weight 
_refine_ls_restr.pdbx_restraint_function 
'X-RAY DIFFRACTION' ? 0.009  0.019  1448 ? r_bond_refined_d             ? ? 
'X-RAY DIFFRACTION' ? 0.002  0.020  1366 ? r_bond_other_d               ? ? 
'X-RAY DIFFRACTION' ? 1.253  1.943  1974 ? r_angle_refined_deg          ? ? 
'X-RAY DIFFRACTION' ? 0.919  3.000  3127 ? r_angle_other_deg            ? ? 
'X-RAY DIFFRACTION' ? 5.529  5.000  189  ? r_dihedral_angle_1_deg       ? ? 
'X-RAY DIFFRACTION' ? 34.922 24.426 61   ? r_dihedral_angle_2_deg       ? ? 
'X-RAY DIFFRACTION' ? 16.162 15.000 220  ? r_dihedral_angle_3_deg       ? ? 
'X-RAY DIFFRACTION' ? 17.250 15.000 9    ? r_dihedral_angle_4_deg       ? ? 
'X-RAY DIFFRACTION' ? 0.058  0.200  240  ? r_chiral_restr               ? ? 
'X-RAY DIFFRACTION' ? 0.005  0.021  1656 ? r_gen_planes_refined         ? ? 
'X-RAY DIFFRACTION' ? 0.001  0.020  313  ? r_gen_planes_other           ? ? 
'X-RAY DIFFRACTION' ? ?      ?      ?    ? r_nbd_refined                ? ? 
'X-RAY DIFFRACTION' ? ?      ?      ?    ? r_nbd_other                  ? ? 
'X-RAY DIFFRACTION' ? ?      ?      ?    ? r_nbtor_refined              ? ? 
'X-RAY DIFFRACTION' ? ?      ?      ?    ? r_nbtor_other                ? ? 
'X-RAY DIFFRACTION' ? ?      ?      ?    ? r_xyhbond_nbd_refined        ? ? 
'X-RAY DIFFRACTION' ? ?      ?      ?    ? r_xyhbond_nbd_other          ? ? 
'X-RAY DIFFRACTION' ? ?      ?      ?    ? r_metal_ion_refined          ? ? 
'X-RAY DIFFRACTION' ? ?      ?      ?    ? r_metal_ion_other            ? ? 
'X-RAY DIFFRACTION' ? ?      ?      ?    ? r_symmetry_vdw_refined       ? ? 
'X-RAY DIFFRACTION' ? ?      ?      ?    ? r_symmetry_vdw_other         ? ? 
'X-RAY DIFFRACTION' ? ?      ?      ?    ? r_symmetry_hbond_refined     ? ? 
'X-RAY DIFFRACTION' ? ?      ?      ?    ? r_symmetry_hbond_other       ? ? 
'X-RAY DIFFRACTION' ? ?      ?      ?    ? r_symmetry_metal_ion_refined ? ? 
'X-RAY DIFFRACTION' ? ?      ?      ?    ? r_symmetry_metal_ion_other   ? ? 
'X-RAY DIFFRACTION' ? 1.297  3.029  762  ? r_mcbond_it                  ? ? 
'X-RAY DIFFRACTION' ? 1.293  3.029  761  ? r_mcbond_other               ? ? 
'X-RAY DIFFRACTION' ? 2.262  4.535  949  ? r_mcangle_it                 ? ? 
'X-RAY DIFFRACTION' ? 2.261  4.536  950  ? r_mcangle_other              ? ? 
'X-RAY DIFFRACTION' ? 1.053  3.104  686  ? r_scbond_it                  ? ? 
'X-RAY DIFFRACTION' ? 1.052  3.104  686  ? r_scbond_other               ? ? 
'X-RAY DIFFRACTION' ? ?      ?      ?    ? r_scangle_it                 ? ? 
'X-RAY DIFFRACTION' ? 1.874  4.629  1026 ? r_scangle_other              ? ? 
'X-RAY DIFFRACTION' ? 4.200  23.860 1671 ? r_long_range_B_refined       ? ? 
'X-RAY DIFFRACTION' ? 4.199  23.871 1672 ? r_long_range_B_other         ? ? 
'X-RAY DIFFRACTION' ? ?      ?      ?    ? r_rigid_bond_restr           ? ? 
'X-RAY DIFFRACTION' ? ?      ?      ?    ? r_sphericity_free            ? ? 
'X-RAY DIFFRACTION' ? ?      ?      ?    ? r_sphericity_bonded          ? ? 
# 
_refine_ls_shell.pdbx_refine_id                   'X-RAY DIFFRACTION' 
_refine_ls_shell.d_res_high                       2.501 
_refine_ls_shell.d_res_low                        2.566 
_refine_ls_shell.number_reflns_all                ? 
_refine_ls_shell.number_reflns_obs                ? 
_refine_ls_shell.number_reflns_R_free             31 
_refine_ls_shell.number_reflns_R_work             540 
_refine_ls_shell.percent_reflns_obs               100.00 
_refine_ls_shell.percent_reflns_R_free            ? 
_refine_ls_shell.R_factor_all                     ? 
_refine_ls_shell.R_factor_obs                     ? 
_refine_ls_shell.R_factor_R_free                  0.376 
_refine_ls_shell.R_factor_R_free_error            ? 
_refine_ls_shell.R_factor_R_work                  0.328 
_refine_ls_shell.redundancy_reflns_all            ? 
_refine_ls_shell.redundancy_reflns_obs            ? 
_refine_ls_shell.wR_factor_all                    ? 
_refine_ls_shell.wR_factor_obs                    ? 
_refine_ls_shell.wR_factor_R_free                 ? 
_refine_ls_shell.wR_factor_R_work                 ? 
_refine_ls_shell.pdbx_total_number_of_bins_used   20 
_refine_ls_shell.pdbx_phase_error                 ? 
_refine_ls_shell.pdbx_fsc_work                    ? 
_refine_ls_shell.pdbx_fsc_free                    ? 
# 
_struct.entry_id                     6FPD 
_struct.title                        'AB21 protein from Agaricus bisporus' 
_struct.pdbx_model_details           ? 
_struct.pdbx_formula_weight          ? 
_struct.pdbx_formula_weight_method   ? 
_struct.pdbx_model_type_details      ? 
_struct.pdbx_CASP_flag               N 
# 
_struct_keywords.entry_id        6FPD 
_struct_keywords.text            'Agaricus bisporus, tetrahelical bundle, toxin-like, unknown function' 
_struct_keywords.pdbx_keywords   'UNKNOWN FUNCTION' 
# 
loop_
_struct_asym.id 
_struct_asym.pdbx_blank_PDB_chainid_flag 
_struct_asym.pdbx_modified 
_struct_asym.entity_id 
_struct_asym.details 
A N N 1 ? 
B N N 2 ? 
C N N 3 ? 
D N N 4 ? 
# 
_struct_ref.id                         1 
_struct_ref.db_name                    PDB 
_struct_ref.db_code                    6FPD 
_struct_ref.pdbx_db_accession          6FPD 
_struct_ref.pdbx_db_isoform            ? 
_struct_ref.entity_id                  1 
_struct_ref.pdbx_seq_one_letter_code   ? 
_struct_ref.pdbx_align_begin           1 
# 
_struct_ref_seq.align_id                      1 
_struct_ref_seq.ref_id                        1 
_struct_ref_seq.pdbx_PDB_id_code              6FPD 
_struct_ref_seq.pdbx_strand_id                A 
_struct_ref_seq.seq_align_beg                 1 
_struct_ref_seq.pdbx_seq_align_beg_ins_code   ? 
_struct_ref_seq.seq_align_end                 208 
_struct_ref_seq.pdbx_seq_align_end_ins_code   ? 
_struct_ref_seq.pdbx_db_accession             6FPD 
_struct_ref_seq.db_align_beg                  1 
_struct_ref_seq.pdbx_db_align_beg_ins_code    ? 
_struct_ref_seq.db_align_end                  208 
_struct_ref_seq.pdbx_db_align_end_ins_code    ? 
_struct_ref_seq.pdbx_auth_seq_align_beg       1 
_struct_ref_seq.pdbx_auth_seq_align_end       208 
# 
_pdbx_struct_assembly.id                   1 
_pdbx_struct_assembly.details              author_and_software_defined_assembly 
_pdbx_struct_assembly.method_details       PISA 
_pdbx_struct_assembly.oligomeric_details   dimeric 
_pdbx_struct_assembly.oligomeric_count     2 
# 
loop_
_pdbx_struct_assembly_prop.biol_id 
_pdbx_struct_assembly_prop.type 
_pdbx_struct_assembly_prop.value 
_pdbx_struct_assembly_prop.details 
1 'ABSA (A^2)' 2790  ? 
1 MORE         -48   ? 
1 'SSA (A^2)'  19290 ? 
# 
_pdbx_struct_assembly_gen.assembly_id       1 
_pdbx_struct_assembly_gen.oper_expression   1,2 
_pdbx_struct_assembly_gen.asym_id_list      A,B,C,D 
# 
_pdbx_struct_assembly_auth_evidence.id                     1 
_pdbx_struct_assembly_auth_evidence.assembly_id            1 
_pdbx_struct_assembly_auth_evidence.experimental_support   'equilibrium centrifugation' 
_pdbx_struct_assembly_auth_evidence.details                ? 
# 
loop_
_pdbx_struct_oper_list.id 
_pdbx_struct_oper_list.type 
_pdbx_struct_oper_list.name 
_pdbx_struct_oper_list.symmetry_operation 
_pdbx_struct_oper_list.matrix[1][1] 
_pdbx_struct_oper_list.matrix[1][2] 
_pdbx_struct_oper_list.matrix[1][3] 
_pdbx_struct_oper_list.vector[1] 
_pdbx_struct_oper_list.matrix[2][1] 
_pdbx_struct_oper_list.matrix[2][2] 
_pdbx_struct_oper_list.matrix[2][3] 
_pdbx_struct_oper_list.vector[2] 
_pdbx_struct_oper_list.matrix[3][1] 
_pdbx_struct_oper_list.matrix[3][2] 
_pdbx_struct_oper_list.matrix[3][3] 
_pdbx_struct_oper_list.vector[3] 
1 'identity operation'         1_555 x,y,z       1.0000000000  0.0000000000  0.0000000000 0.0000000000  0.0000000000  1.0000000000 0.0000000000  0.0000000000  0.0000000000 0.0000000000  1.0000000000  0.0000000000  
2 'crystal symmetry operation' 4_445 -x-1,-y-1,z -0.9990475430 -0.0314694675 0.0302271306 45.2330704292 -0.0314694675 0.0397607374 -0.9987135507 28.2124298098 0.0302271306 -0.9987135507 -0.0407131944 27.9466681527 
# 
loop_
_struct_conf.conf_type_id 
_struct_conf.id 
_struct_conf.pdbx_PDB_helix_id 
_struct_conf.beg_label_comp_id 
_struct_conf.beg_label_asym_id 
_struct_conf.beg_label_seq_id 
_struct_conf.pdbx_beg_PDB_ins_code 
_struct_conf.end_label_comp_id 
_struct_conf.end_label_asym_id 
_struct_conf.end_label_seq_id 
_struct_conf.pdbx_end_PDB_ins_code 
_struct_conf.beg_auth_comp_id 
_struct_conf.beg_auth_asym_id 
_struct_conf.beg_auth_seq_id 
_struct_conf.end_auth_comp_id 
_struct_conf.end_auth_asym_id 
_struct_conf.end_auth_seq_id 
_struct_conf.pdbx_PDB_helix_class 
_struct_conf.details 
_struct_conf.pdbx_PDB_helix_length 
HELX_P HELX_P1 AA1 PHE A 7   ? ALA A 10  ? PHE A 7   ALA A 10  5 ? 4  
HELX_P HELX_P2 AA2 HIS A 11  ? TYR A 50  ? HIS A 11  TYR A 50  1 ? 40 
HELX_P HELX_P3 AA3 THR A 55  ? ALA A 58  ? THR A 55  ALA A 58  5 ? 4  
HELX_P HELX_P4 AA4 VAL A 59  ? ASP A 94  ? VAL A 59  ASP A 94  1 ? 36 
HELX_P HELX_P5 AA5 THR A 106 ? GLN A 123 ? THR A 106 GLN A 123 1 ? 18 
HELX_P HELX_P6 AA6 PHE A 131 ? VAL A 155 ? PHE A 131 VAL A 155 1 ? 25 
HELX_P HELX_P7 AA7 GLU A 163 ? LEU A 197 ? GLU A 163 LEU A 197 1 ? 35 
# 
_struct_conf_type.id          HELX_P 
_struct_conf_type.criteria    ? 
_struct_conf_type.reference   ? 
# 
_struct_conn.id                            metalc1 
_struct_conn.conn_type_id                  metalc 
_struct_conn.pdbx_leaving_atom_flag        ? 
_struct_conn.pdbx_PDB_id                   ? 
_struct_conn.ptnr1_label_asym_id           A 
_struct_conn.ptnr1_label_comp_id           ASP 
_struct_conn.ptnr1_label_seq_id            148 
_struct_conn.ptnr1_label_atom_id           OD2 
_struct_conn.pdbx_ptnr1_label_alt_id       ? 
_struct_conn.pdbx_ptnr1_PDB_ins_code       ? 
_struct_conn.pdbx_ptnr1_standard_comp_id   ? 
_struct_conn.ptnr1_symmetry                1_555 
_struct_conn.ptnr2_label_asym_id           B 
_struct_conn.ptnr2_label_comp_id           NA 
_struct_conn.ptnr2_label_seq_id            . 
_struct_conn.ptnr2_label_atom_id           NA 
_struct_conn.pdbx_ptnr2_label_alt_id       ? 
_struct_conn.pdbx_ptnr2_PDB_ins_code       ? 
_struct_conn.ptnr1_auth_asym_id            A 
_struct_conn.ptnr1_auth_comp_id            ASP 
_struct_conn.ptnr1_auth_seq_id             148 
_struct_conn.ptnr2_auth_asym_id            A 
_struct_conn.ptnr2_auth_comp_id            NA 
_struct_conn.ptnr2_auth_seq_id             301 
_struct_conn.ptnr2_symmetry                1_555 
_struct_conn.pdbx_ptnr3_label_atom_id      ? 
_struct_conn.pdbx_ptnr3_label_seq_id       ? 
_struct_conn.pdbx_ptnr3_label_comp_id      ? 
_struct_conn.pdbx_ptnr3_label_asym_id      ? 
_struct_conn.pdbx_ptnr3_label_alt_id       ? 
_struct_conn.pdbx_ptnr3_PDB_ins_code       ? 
_struct_conn.details                       ? 
_struct_conn.pdbx_dist_value               2.242 
_struct_conn.pdbx_value_order              ? 
_struct_conn.pdbx_role                     ? 
# 
_struct_conn_type.id          metalc 
_struct_conn_type.criteria    ? 
_struct_conn_type.reference   ? 
# 
loop_
_struct_site.id 
_struct_site.pdbx_evidence_code 
_struct_site.pdbx_auth_asym_id 
_struct_site.pdbx_auth_comp_id 
_struct_site.pdbx_auth_seq_id 
_struct_site.pdbx_auth_ins_code 
_struct_site.pdbx_num_residues 
_struct_site.details 
AC1 Software A NA  301 ? 5 'binding site for residue NA A 301'  
AC2 Software A EDO 302 ? 2 'binding site for residue EDO A 302' 
# 
loop_
_struct_site_gen.id 
_struct_site_gen.site_id 
_struct_site_gen.pdbx_num_res 
_struct_site_gen.label_comp_id 
_struct_site_gen.label_asym_id 
_struct_site_gen.label_seq_id 
_struct_site_gen.pdbx_auth_ins_code 
_struct_site_gen.auth_comp_id 
_struct_site_gen.auth_asym_id 
_struct_site_gen.auth_seq_id 
_struct_site_gen.label_atom_id 
_struct_site_gen.label_alt_id 
_struct_site_gen.symmetry 
_struct_site_gen.details 
1 AC1 5 PRO A 8   ? PRO A 8   . ? 1_555 ? 
2 AC1 5 PHE A 9   ? PHE A 9   . ? 1_555 ? 
3 AC1 5 THR A 144 ? THR A 144 . ? 1_555 ? 
4 AC1 5 ASP A 148 ? ASP A 148 . ? 1_555 ? 
5 AC1 5 TYR A 180 ? TYR A 180 . ? 1_555 ? 
6 AC2 2 LYS A 126 ? LYS A 126 . ? 1_555 ? 
7 AC2 2 ASP A 129 ? ASP A 129 . ? 1_555 ? 
# 
loop_
_pdbx_validate_torsion.id 
_pdbx_validate_torsion.PDB_model_num 
_pdbx_validate_torsion.auth_comp_id 
_pdbx_validate_torsion.auth_asym_id 
_pdbx_validate_torsion.auth_seq_id 
_pdbx_validate_torsion.PDB_ins_code 
_pdbx_validate_torsion.label_alt_id 
_pdbx_validate_torsion.phi 
_pdbx_validate_torsion.psi 
1 1 THR A 96  ? ? -92.28  -63.48 
2 1 LYS A 105 ? ? -126.72 -64.28 
3 1 VAL A 155 ? ? -81.48  33.55  
4 1 ALA A 198 ? ? -69.51  58.10  
# 
loop_
_pdbx_unobs_or_zero_occ_residues.id 
_pdbx_unobs_or_zero_occ_residues.PDB_model_num 
_pdbx_unobs_or_zero_occ_residues.polymer_flag 
_pdbx_unobs_or_zero_occ_residues.occupancy_flag 
_pdbx_unobs_or_zero_occ_residues.auth_asym_id 
_pdbx_unobs_or_zero_occ_residues.auth_comp_id 
_pdbx_unobs_or_zero_occ_residues.auth_seq_id 
_pdbx_unobs_or_zero_occ_residues.PDB_ins_code 
_pdbx_unobs_or_zero_occ_residues.label_asym_id 
_pdbx_unobs_or_zero_occ_residues.label_comp_id 
_pdbx_unobs_or_zero_occ_residues.label_seq_id 
1  1 Y 1 A SER 1   ? A SER 1   
2  1 Y 1 A SER 2   ? A SER 2   
3  1 Y 1 A ASN 3   ? A ASN 3   
4  1 Y 1 A ALA 4   ? A ALA 4   
5  1 Y 1 A GLU 158 ? A GLU 158 
6  1 Y 1 A ALA 159 ? A ALA 159 
7  1 Y 1 A THR 160 ? A THR 160 
8  1 Y 1 A ASP 161 ? A ASP 161 
9  1 Y 1 A ALA 200 ? A ALA 200 
10 1 Y 1 A LEU 201 ? A LEU 201 
11 1 Y 1 A GLU 202 ? A GLU 202 
12 1 Y 1 A HIS 203 ? A HIS 203 
13 1 Y 1 A HIS 204 ? A HIS 204 
14 1 Y 1 A HIS 205 ? A HIS 205 
15 1 Y 1 A HIS 206 ? A HIS 206 
16 1 Y 1 A HIS 207 ? A HIS 207 
17 1 Y 1 A HIS 208 ? A HIS 208 
# 
loop_
_chem_comp_atom.comp_id 
_chem_comp_atom.atom_id 
_chem_comp_atom.type_symbol 
_chem_comp_atom.pdbx_aromatic_flag 
_chem_comp_atom.pdbx_stereo_config 
_chem_comp_atom.pdbx_ordinal 
ALA N    N  N N 1   
ALA CA   C  N S 2   
ALA C    C  N N 3   
ALA O    O  N N 4   
ALA CB   C  N N 5   
ALA OXT  O  N N 6   
ALA H    H  N N 7   
ALA H2   H  N N 8   
ALA HA   H  N N 9   
ALA HB1  H  N N 10  
ALA HB2  H  N N 11  
ALA HB3  H  N N 12  
ALA HXT  H  N N 13  
ARG N    N  N N 14  
ARG CA   C  N S 15  
ARG C    C  N N 16  
ARG O    O  N N 17  
ARG CB   C  N N 18  
ARG CG   C  N N 19  
ARG CD   C  N N 20  
ARG NE   N  N N 21  
ARG CZ   C  N N 22  
ARG NH1  N  N N 23  
ARG NH2  N  N N 24  
ARG OXT  O  N N 25  
ARG H    H  N N 26  
ARG H2   H  N N 27  
ARG HA   H  N N 28  
ARG HB2  H  N N 29  
ARG HB3  H  N N 30  
ARG HG2  H  N N 31  
ARG HG3  H  N N 32  
ARG HD2  H  N N 33  
ARG HD3  H  N N 34  
ARG HE   H  N N 35  
ARG HH11 H  N N 36  
ARG HH12 H  N N 37  
ARG HH21 H  N N 38  
ARG HH22 H  N N 39  
ARG HXT  H  N N 40  
ASN N    N  N N 41  
ASN CA   C  N S 42  
ASN C    C  N N 43  
ASN O    O  N N 44  
ASN CB   C  N N 45  
ASN CG   C  N N 46  
ASN OD1  O  N N 47  
ASN ND2  N  N N 48  
ASN OXT  O  N N 49  
ASN H    H  N N 50  
ASN H2   H  N N 51  
ASN HA   H  N N 52  
ASN HB2  H  N N 53  
ASN HB3  H  N N 54  
ASN HD21 H  N N 55  
ASN HD22 H  N N 56  
ASN HXT  H  N N 57  
ASP N    N  N N 58  
ASP CA   C  N S 59  
ASP C    C  N N 60  
ASP O    O  N N 61  
ASP CB   C  N N 62  
ASP CG   C  N N 63  
ASP OD1  O  N N 64  
ASP OD2  O  N N 65  
ASP OXT  O  N N 66  
ASP H    H  N N 67  
ASP H2   H  N N 68  
ASP HA   H  N N 69  
ASP HB2  H  N N 70  
ASP HB3  H  N N 71  
ASP HD2  H  N N 72  
ASP HXT  H  N N 73  
EDO C1   C  N N 74  
EDO O1   O  N N 75  
EDO C2   C  N N 76  
EDO O2   O  N N 77  
EDO H11  H  N N 78  
EDO H12  H  N N 79  
EDO HO1  H  N N 80  
EDO H21  H  N N 81  
EDO H22  H  N N 82  
EDO HO2  H  N N 83  
GLN N    N  N N 84  
GLN CA   C  N S 85  
GLN C    C  N N 86  
GLN O    O  N N 87  
GLN CB   C  N N 88  
GLN CG   C  N N 89  
GLN CD   C  N N 90  
GLN OE1  O  N N 91  
GLN NE2  N  N N 92  
GLN OXT  O  N N 93  
GLN H    H  N N 94  
GLN H2   H  N N 95  
GLN HA   H  N N 96  
GLN HB2  H  N N 97  
GLN HB3  H  N N 98  
GLN HG2  H  N N 99  
GLN HG3  H  N N 100 
GLN HE21 H  N N 101 
GLN HE22 H  N N 102 
GLN HXT  H  N N 103 
GLU N    N  N N 104 
GLU CA   C  N S 105 
GLU C    C  N N 106 
GLU O    O  N N 107 
GLU CB   C  N N 108 
GLU CG   C  N N 109 
GLU CD   C  N N 110 
GLU OE1  O  N N 111 
GLU OE2  O  N N 112 
GLU OXT  O  N N 113 
GLU H    H  N N 114 
GLU H2   H  N N 115 
GLU HA   H  N N 116 
GLU HB2  H  N N 117 
GLU HB3  H  N N 118 
GLU HG2  H  N N 119 
GLU HG3  H  N N 120 
GLU HE2  H  N N 121 
GLU HXT  H  N N 122 
GLY N    N  N N 123 
GLY CA   C  N N 124 
GLY C    C  N N 125 
GLY O    O  N N 126 
GLY OXT  O  N N 127 
GLY H    H  N N 128 
GLY H2   H  N N 129 
GLY HA2  H  N N 130 
GLY HA3  H  N N 131 
GLY HXT  H  N N 132 
HIS N    N  N N 133 
HIS CA   C  N S 134 
HIS C    C  N N 135 
HIS O    O  N N 136 
HIS CB   C  N N 137 
HIS CG   C  Y N 138 
HIS ND1  N  Y N 139 
HIS CD2  C  Y N 140 
HIS CE1  C  Y N 141 
HIS NE2  N  Y N 142 
HIS OXT  O  N N 143 
HIS H    H  N N 144 
HIS H2   H  N N 145 
HIS HA   H  N N 146 
HIS HB2  H  N N 147 
HIS HB3  H  N N 148 
HIS HD1  H  N N 149 
HIS HD2  H  N N 150 
HIS HE1  H  N N 151 
HIS HE2  H  N N 152 
HIS HXT  H  N N 153 
HOH O    O  N N 154 
HOH H1   H  N N 155 
HOH H2   H  N N 156 
ILE N    N  N N 157 
ILE CA   C  N S 158 
ILE C    C  N N 159 
ILE O    O  N N 160 
ILE CB   C  N S 161 
ILE CG1  C  N N 162 
ILE CG2  C  N N 163 
ILE CD1  C  N N 164 
ILE OXT  O  N N 165 
ILE H    H  N N 166 
ILE H2   H  N N 167 
ILE HA   H  N N 168 
ILE HB   H  N N 169 
ILE HG12 H  N N 170 
ILE HG13 H  N N 171 
ILE HG21 H  N N 172 
ILE HG22 H  N N 173 
ILE HG23 H  N N 174 
ILE HD11 H  N N 175 
ILE HD12 H  N N 176 
ILE HD13 H  N N 177 
ILE HXT  H  N N 178 
LEU N    N  N N 179 
LEU CA   C  N S 180 
LEU C    C  N N 181 
LEU O    O  N N 182 
LEU CB   C  N N 183 
LEU CG   C  N N 184 
LEU CD1  C  N N 185 
LEU CD2  C  N N 186 
LEU OXT  O  N N 187 
LEU H    H  N N 188 
LEU H2   H  N N 189 
LEU HA   H  N N 190 
LEU HB2  H  N N 191 
LEU HB3  H  N N 192 
LEU HG   H  N N 193 
LEU HD11 H  N N 194 
LEU HD12 H  N N 195 
LEU HD13 H  N N 196 
LEU HD21 H  N N 197 
LEU HD22 H  N N 198 
LEU HD23 H  N N 199 
LEU HXT  H  N N 200 
LYS N    N  N N 201 
LYS CA   C  N S 202 
LYS C    C  N N 203 
LYS O    O  N N 204 
LYS CB   C  N N 205 
LYS CG   C  N N 206 
LYS CD   C  N N 207 
LYS CE   C  N N 208 
LYS NZ   N  N N 209 
LYS OXT  O  N N 210 
LYS H    H  N N 211 
LYS H2   H  N N 212 
LYS HA   H  N N 213 
LYS HB2  H  N N 214 
LYS HB3  H  N N 215 
LYS HG2  H  N N 216 
LYS HG3  H  N N 217 
LYS HD2  H  N N 218 
LYS HD3  H  N N 219 
LYS HE2  H  N N 220 
LYS HE3  H  N N 221 
LYS HZ1  H  N N 222 
LYS HZ2  H  N N 223 
LYS HZ3  H  N N 224 
LYS HXT  H  N N 225 
MET N    N  N N 226 
MET CA   C  N S 227 
MET C    C  N N 228 
MET O    O  N N 229 
MET CB   C  N N 230 
MET CG   C  N N 231 
MET SD   S  N N 232 
MET CE   C  N N 233 
MET OXT  O  N N 234 
MET H    H  N N 235 
MET H2   H  N N 236 
MET HA   H  N N 237 
MET HB2  H  N N 238 
MET HB3  H  N N 239 
MET HG2  H  N N 240 
MET HG3  H  N N 241 
MET HE1  H  N N 242 
MET HE2  H  N N 243 
MET HE3  H  N N 244 
MET HXT  H  N N 245 
NA  NA   NA N N 246 
PHE N    N  N N 247 
PHE CA   C  N S 248 
PHE C    C  N N 249 
PHE O    O  N N 250 
PHE CB   C  N N 251 
PHE CG   C  Y N 252 
PHE CD1  C  Y N 253 
PHE CD2  C  Y N 254 
PHE CE1  C  Y N 255 
PHE CE2  C  Y N 256 
PHE CZ   C  Y N 257 
PHE OXT  O  N N 258 
PHE H    H  N N 259 
PHE H2   H  N N 260 
PHE HA   H  N N 261 
PHE HB2  H  N N 262 
PHE HB3  H  N N 263 
PHE HD1  H  N N 264 
PHE HD2  H  N N 265 
PHE HE1  H  N N 266 
PHE HE2  H  N N 267 
PHE HZ   H  N N 268 
PHE HXT  H  N N 269 
PRO N    N  N N 270 
PRO CA   C  N S 271 
PRO C    C  N N 272 
PRO O    O  N N 273 
PRO CB   C  N N 274 
PRO CG   C  N N 275 
PRO CD   C  N N 276 
PRO OXT  O  N N 277 
PRO H    H  N N 278 
PRO HA   H  N N 279 
PRO HB2  H  N N 280 
PRO HB3  H  N N 281 
PRO HG2  H  N N 282 
PRO HG3  H  N N 283 
PRO HD2  H  N N 284 
PRO HD3  H  N N 285 
PRO HXT  H  N N 286 
SER N    N  N N 287 
SER CA   C  N S 288 
SER C    C  N N 289 
SER O    O  N N 290 
SER CB   C  N N 291 
SER OG   O  N N 292 
SER OXT  O  N N 293 
SER H    H  N N 294 
SER H2   H  N N 295 
SER HA   H  N N 296 
SER HB2  H  N N 297 
SER HB3  H  N N 298 
SER HG   H  N N 299 
SER HXT  H  N N 300 
THR N    N  N N 301 
THR CA   C  N S 302 
THR C    C  N N 303 
THR O    O  N N 304 
THR CB   C  N R 305 
THR OG1  O  N N 306 
THR CG2  C  N N 307 
THR OXT  O  N N 308 
THR H    H  N N 309 
THR H2   H  N N 310 
THR HA   H  N N 311 
THR HB   H  N N 312 
THR HG1  H  N N 313 
THR HG21 H  N N 314 
THR HG22 H  N N 315 
THR HG23 H  N N 316 
THR HXT  H  N N 317 
TRP N    N  N N 318 
TRP CA   C  N S 319 
TRP C    C  N N 320 
TRP O    O  N N 321 
TRP CB   C  N N 322 
TRP CG   C  Y N 323 
TRP CD1  C  Y N 324 
TRP CD2  C  Y N 325 
TRP NE1  N  Y N 326 
TRP CE2  C  Y N 327 
TRP CE3  C  Y N 328 
TRP CZ2  C  Y N 329 
TRP CZ3  C  Y N 330 
TRP CH2  C  Y N 331 
TRP OXT  O  N N 332 
TRP H    H  N N 333 
TRP H2   H  N N 334 
TRP HA   H  N N 335 
TRP HB2  H  N N 336 
TRP HB3  H  N N 337 
TRP HD1  H  N N 338 
TRP HE1  H  N N 339 
TRP HE3  H  N N 340 
TRP HZ2  H  N N 341 
TRP HZ3  H  N N 342 
TRP HH2  H  N N 343 
TRP HXT  H  N N 344 
TYR N    N  N N 345 
TYR CA   C  N S 346 
TYR C    C  N N 347 
TYR O    O  N N 348 
TYR CB   C  N N 349 
TYR CG   C  Y N 350 
TYR CD1  C  Y N 351 
TYR CD2  C  Y N 352 
TYR CE1  C  Y N 353 
TYR CE2  C  Y N 354 
TYR CZ   C  Y N 355 
TYR OH   O  N N 356 
TYR OXT  O  N N 357 
TYR H    H  N N 358 
TYR H2   H  N N 359 
TYR HA   H  N N 360 
TYR HB2  H  N N 361 
TYR HB3  H  N N 362 
TYR HD1  H  N N 363 
TYR HD2  H  N N 364 
TYR HE1  H  N N 365 
TYR HE2  H  N N 366 
TYR HH   H  N N 367 
TYR HXT  H  N N 368 
VAL N    N  N N 369 
VAL CA   C  N S 370 
VAL C    C  N N 371 
VAL O    O  N N 372 
VAL CB   C  N N 373 
VAL CG1  C  N N 374 
VAL CG2  C  N N 375 
VAL OXT  O  N N 376 
VAL H    H  N N 377 
VAL H2   H  N N 378 
VAL HA   H  N N 379 
VAL HB   H  N N 380 
VAL HG11 H  N N 381 
VAL HG12 H  N N 382 
VAL HG13 H  N N 383 
VAL HG21 H  N N 384 
VAL HG22 H  N N 385 
VAL HG23 H  N N 386 
VAL HXT  H  N N 387 
# 
loop_
_chem_comp_bond.comp_id 
_chem_comp_bond.atom_id_1 
_chem_comp_bond.atom_id_2 
_chem_comp_bond.value_order 
_chem_comp_bond.pdbx_aromatic_flag 
_chem_comp_bond.pdbx_stereo_config 
_chem_comp_bond.pdbx_ordinal 
ALA N   CA   sing N N 1   
ALA N   H    sing N N 2   
ALA N   H2   sing N N 3   
ALA CA  C    sing N N 4   
ALA CA  CB   sing N N 5   
ALA CA  HA   sing N N 6   
ALA C   O    doub N N 7   
ALA C   OXT  sing N N 8   
ALA CB  HB1  sing N N 9   
ALA CB  HB2  sing N N 10  
ALA CB  HB3  sing N N 11  
ALA OXT HXT  sing N N 12  
ARG N   CA   sing N N 13  
ARG N   H    sing N N 14  
ARG N   H2   sing N N 15  
ARG CA  C    sing N N 16  
ARG CA  CB   sing N N 17  
ARG CA  HA   sing N N 18  
ARG C   O    doub N N 19  
ARG C   OXT  sing N N 20  
ARG CB  CG   sing N N 21  
ARG CB  HB2  sing N N 22  
ARG CB  HB3  sing N N 23  
ARG CG  CD   sing N N 24  
ARG CG  HG2  sing N N 25  
ARG CG  HG3  sing N N 26  
ARG CD  NE   sing N N 27  
ARG CD  HD2  sing N N 28  
ARG CD  HD3  sing N N 29  
ARG NE  CZ   sing N N 30  
ARG NE  HE   sing N N 31  
ARG CZ  NH1  sing N N 32  
ARG CZ  NH2  doub N N 33  
ARG NH1 HH11 sing N N 34  
ARG NH1 HH12 sing N N 35  
ARG NH2 HH21 sing N N 36  
ARG NH2 HH22 sing N N 37  
ARG OXT HXT  sing N N 38  
ASN N   CA   sing N N 39  
ASN N   H    sing N N 40  
ASN N   H2   sing N N 41  
ASN CA  C    sing N N 42  
ASN CA  CB   sing N N 43  
ASN CA  HA   sing N N 44  
ASN C   O    doub N N 45  
ASN C   OXT  sing N N 46  
ASN CB  CG   sing N N 47  
ASN CB  HB2  sing N N 48  
ASN CB  HB3  sing N N 49  
ASN CG  OD1  doub N N 50  
ASN CG  ND2  sing N N 51  
ASN ND2 HD21 sing N N 52  
ASN ND2 HD22 sing N N 53  
ASN OXT HXT  sing N N 54  
ASP N   CA   sing N N 55  
ASP N   H    sing N N 56  
ASP N   H2   sing N N 57  
ASP CA  C    sing N N 58  
ASP CA  CB   sing N N 59  
ASP CA  HA   sing N N 60  
ASP C   O    doub N N 61  
ASP C   OXT  sing N N 62  
ASP CB  CG   sing N N 63  
ASP CB  HB2  sing N N 64  
ASP CB  HB3  sing N N 65  
ASP CG  OD1  doub N N 66  
ASP CG  OD2  sing N N 67  
ASP OD2 HD2  sing N N 68  
ASP OXT HXT  sing N N 69  
EDO C1  O1   sing N N 70  
EDO C1  C2   sing N N 71  
EDO C1  H11  sing N N 72  
EDO C1  H12  sing N N 73  
EDO O1  HO1  sing N N 74  
EDO C2  O2   sing N N 75  
EDO C2  H21  sing N N 76  
EDO C2  H22  sing N N 77  
EDO O2  HO2  sing N N 78  
GLN N   CA   sing N N 79  
GLN N   H    sing N N 80  
GLN N   H2   sing N N 81  
GLN CA  C    sing N N 82  
GLN CA  CB   sing N N 83  
GLN CA  HA   sing N N 84  
GLN C   O    doub N N 85  
GLN C   OXT  sing N N 86  
GLN CB  CG   sing N N 87  
GLN CB  HB2  sing N N 88  
GLN CB  HB3  sing N N 89  
GLN CG  CD   sing N N 90  
GLN CG  HG2  sing N N 91  
GLN CG  HG3  sing N N 92  
GLN CD  OE1  doub N N 93  
GLN CD  NE2  sing N N 94  
GLN NE2 HE21 sing N N 95  
GLN NE2 HE22 sing N N 96  
GLN OXT HXT  sing N N 97  
GLU N   CA   sing N N 98  
GLU N   H    sing N N 99  
GLU N   H2   sing N N 100 
GLU CA  C    sing N N 101 
GLU CA  CB   sing N N 102 
GLU CA  HA   sing N N 103 
GLU C   O    doub N N 104 
GLU C   OXT  sing N N 105 
GLU CB  CG   sing N N 106 
GLU CB  HB2  sing N N 107 
GLU CB  HB3  sing N N 108 
GLU CG  CD   sing N N 109 
GLU CG  HG2  sing N N 110 
GLU CG  HG3  sing N N 111 
GLU CD  OE1  doub N N 112 
GLU CD  OE2  sing N N 113 
GLU OE2 HE2  sing N N 114 
GLU OXT HXT  sing N N 115 
GLY N   CA   sing N N 116 
GLY N   H    sing N N 117 
GLY N   H2   sing N N 118 
GLY CA  C    sing N N 119 
GLY CA  HA2  sing N N 120 
GLY CA  HA3  sing N N 121 
GLY C   O    doub N N 122 
GLY C   OXT  sing N N 123 
GLY OXT HXT  sing N N 124 
HIS N   CA   sing N N 125 
HIS N   H    sing N N 126 
HIS N   H2   sing N N 127 
HIS CA  C    sing N N 128 
HIS CA  CB   sing N N 129 
HIS CA  HA   sing N N 130 
HIS C   O    doub N N 131 
HIS C   OXT  sing N N 132 
HIS CB  CG   sing N N 133 
HIS CB  HB2  sing N N 134 
HIS CB  HB3  sing N N 135 
HIS CG  ND1  sing Y N 136 
HIS CG  CD2  doub Y N 137 
HIS ND1 CE1  doub Y N 138 
HIS ND1 HD1  sing N N 139 
HIS CD2 NE2  sing Y N 140 
HIS CD2 HD2  sing N N 141 
HIS CE1 NE2  sing Y N 142 
HIS CE1 HE1  sing N N 143 
HIS NE2 HE2  sing N N 144 
HIS OXT HXT  sing N N 145 
HOH O   H1   sing N N 146 
HOH O   H2   sing N N 147 
ILE N   CA   sing N N 148 
ILE N   H    sing N N 149 
ILE N   H2   sing N N 150 
ILE CA  C    sing N N 151 
ILE CA  CB   sing N N 152 
ILE CA  HA   sing N N 153 
ILE C   O    doub N N 154 
ILE C   OXT  sing N N 155 
ILE CB  CG1  sing N N 156 
ILE CB  CG2  sing N N 157 
ILE CB  HB   sing N N 158 
ILE CG1 CD1  sing N N 159 
ILE CG1 HG12 sing N N 160 
ILE CG1 HG13 sing N N 161 
ILE CG2 HG21 sing N N 162 
ILE CG2 HG22 sing N N 163 
ILE CG2 HG23 sing N N 164 
ILE CD1 HD11 sing N N 165 
ILE CD1 HD12 sing N N 166 
ILE CD1 HD13 sing N N 167 
ILE OXT HXT  sing N N 168 
LEU N   CA   sing N N 169 
LEU N   H    sing N N 170 
LEU N   H2   sing N N 171 
LEU CA  C    sing N N 172 
LEU CA  CB   sing N N 173 
LEU CA  HA   sing N N 174 
LEU C   O    doub N N 175 
LEU C   OXT  sing N N 176 
LEU CB  CG   sing N N 177 
LEU CB  HB2  sing N N 178 
LEU CB  HB3  sing N N 179 
LEU CG  CD1  sing N N 180 
LEU CG  CD2  sing N N 181 
LEU CG  HG   sing N N 182 
LEU CD1 HD11 sing N N 183 
LEU CD1 HD12 sing N N 184 
LEU CD1 HD13 sing N N 185 
LEU CD2 HD21 sing N N 186 
LEU CD2 HD22 sing N N 187 
LEU CD2 HD23 sing N N 188 
LEU OXT HXT  sing N N 189 
LYS N   CA   sing N N 190 
LYS N   H    sing N N 191 
LYS N   H2   sing N N 192 
LYS CA  C    sing N N 193 
LYS CA  CB   sing N N 194 
LYS CA  HA   sing N N 195 
LYS C   O    doub N N 196 
LYS C   OXT  sing N N 197 
LYS CB  CG   sing N N 198 
LYS CB  HB2  sing N N 199 
LYS CB  HB3  sing N N 200 
LYS CG  CD   sing N N 201 
LYS CG  HG2  sing N N 202 
LYS CG  HG3  sing N N 203 
LYS CD  CE   sing N N 204 
LYS CD  HD2  sing N N 205 
LYS CD  HD3  sing N N 206 
LYS CE  NZ   sing N N 207 
LYS CE  HE2  sing N N 208 
LYS CE  HE3  sing N N 209 
LYS NZ  HZ1  sing N N 210 
LYS NZ  HZ2  sing N N 211 
LYS NZ  HZ3  sing N N 212 
LYS OXT HXT  sing N N 213 
MET N   CA   sing N N 214 
MET N   H    sing N N 215 
MET N   H2   sing N N 216 
MET CA  C    sing N N 217 
MET CA  CB   sing N N 218 
MET CA  HA   sing N N 219 
MET C   O    doub N N 220 
MET C   OXT  sing N N 221 
MET CB  CG   sing N N 222 
MET CB  HB2  sing N N 223 
MET CB  HB3  sing N N 224 
MET CG  SD   sing N N 225 
MET CG  HG2  sing N N 226 
MET CG  HG3  sing N N 227 
MET SD  CE   sing N N 228 
MET CE  HE1  sing N N 229 
MET CE  HE2  sing N N 230 
MET CE  HE3  sing N N 231 
MET OXT HXT  sing N N 232 
PHE N   CA   sing N N 233 
PHE N   H    sing N N 234 
PHE N   H2   sing N N 235 
PHE CA  C    sing N N 236 
PHE CA  CB   sing N N 237 
PHE CA  HA   sing N N 238 
PHE C   O    doub N N 239 
PHE C   OXT  sing N N 240 
PHE CB  CG   sing N N 241 
PHE CB  HB2  sing N N 242 
PHE CB  HB3  sing N N 243 
PHE CG  CD1  doub Y N 244 
PHE CG  CD2  sing Y N 245 
PHE CD1 CE1  sing Y N 246 
PHE CD1 HD1  sing N N 247 
PHE CD2 CE2  doub Y N 248 
PHE CD2 HD2  sing N N 249 
PHE CE1 CZ   doub Y N 250 
PHE CE1 HE1  sing N N 251 
PHE CE2 CZ   sing Y N 252 
PHE CE2 HE2  sing N N 253 
PHE CZ  HZ   sing N N 254 
PHE OXT HXT  sing N N 255 
PRO N   CA   sing N N 256 
PRO N   CD   sing N N 257 
PRO N   H    sing N N 258 
PRO CA  C    sing N N 259 
PRO CA  CB   sing N N 260 
PRO CA  HA   sing N N 261 
PRO C   O    doub N N 262 
PRO C   OXT  sing N N 263 
PRO CB  CG   sing N N 264 
PRO CB  HB2  sing N N 265 
PRO CB  HB3  sing N N 266 
PRO CG  CD   sing N N 267 
PRO CG  HG2  sing N N 268 
PRO CG  HG3  sing N N 269 
PRO CD  HD2  sing N N 270 
PRO CD  HD3  sing N N 271 
PRO OXT HXT  sing N N 272 
SER N   CA   sing N N 273 
SER N   H    sing N N 274 
SER N   H2   sing N N 275 
SER CA  C    sing N N 276 
SER CA  CB   sing N N 277 
SER CA  HA   sing N N 278 
SER C   O    doub N N 279 
SER C   OXT  sing N N 280 
SER CB  OG   sing N N 281 
SER CB  HB2  sing N N 282 
SER CB  HB3  sing N N 283 
SER OG  HG   sing N N 284 
SER OXT HXT  sing N N 285 
THR N   CA   sing N N 286 
THR N   H    sing N N 287 
THR N   H2   sing N N 288 
THR CA  C    sing N N 289 
THR CA  CB   sing N N 290 
THR CA  HA   sing N N 291 
THR C   O    doub N N 292 
THR C   OXT  sing N N 293 
THR CB  OG1  sing N N 294 
THR CB  CG2  sing N N 295 
THR CB  HB   sing N N 296 
THR OG1 HG1  sing N N 297 
THR CG2 HG21 sing N N 298 
THR CG2 HG22 sing N N 299 
THR CG2 HG23 sing N N 300 
THR OXT HXT  sing N N 301 
TRP N   CA   sing N N 302 
TRP N   H    sing N N 303 
TRP N   H2   sing N N 304 
TRP CA  C    sing N N 305 
TRP CA  CB   sing N N 306 
TRP CA  HA   sing N N 307 
TRP C   O    doub N N 308 
TRP C   OXT  sing N N 309 
TRP CB  CG   sing N N 310 
TRP CB  HB2  sing N N 311 
TRP CB  HB3  sing N N 312 
TRP CG  CD1  doub Y N 313 
TRP CG  CD2  sing Y N 314 
TRP CD1 NE1  sing Y N 315 
TRP CD1 HD1  sing N N 316 
TRP CD2 CE2  doub Y N 317 
TRP CD2 CE3  sing Y N 318 
TRP NE1 CE2  sing Y N 319 
TRP NE1 HE1  sing N N 320 
TRP CE2 CZ2  sing Y N 321 
TRP CE3 CZ3  doub Y N 322 
TRP CE3 HE3  sing N N 323 
TRP CZ2 CH2  doub Y N 324 
TRP CZ2 HZ2  sing N N 325 
TRP CZ3 CH2  sing Y N 326 
TRP CZ3 HZ3  sing N N 327 
TRP CH2 HH2  sing N N 328 
TRP OXT HXT  sing N N 329 
TYR N   CA   sing N N 330 
TYR N   H    sing N N 331 
TYR N   H2   sing N N 332 
TYR CA  C    sing N N 333 
TYR CA  CB   sing N N 334 
TYR CA  HA   sing N N 335 
TYR C   O    doub N N 336 
TYR C   OXT  sing N N 337 
TYR CB  CG   sing N N 338 
TYR CB  HB2  sing N N 339 
TYR CB  HB3  sing N N 340 
TYR CG  CD1  doub Y N 341 
TYR CG  CD2  sing Y N 342 
TYR CD1 CE1  sing Y N 343 
TYR CD1 HD1  sing N N 344 
TYR CD2 CE2  doub Y N 345 
TYR CD2 HD2  sing N N 346 
TYR CE1 CZ   doub Y N 347 
TYR CE1 HE1  sing N N 348 
TYR CE2 CZ   sing Y N 349 
TYR CE2 HE2  sing N N 350 
TYR CZ  OH   sing N N 351 
TYR OH  HH   sing N N 352 
TYR OXT HXT  sing N N 353 
VAL N   CA   sing N N 354 
VAL N   H    sing N N 355 
VAL N   H2   sing N N 356 
VAL CA  C    sing N N 357 
VAL CA  CB   sing N N 358 
VAL CA  HA   sing N N 359 
VAL C   O    doub N N 360 
VAL C   OXT  sing N N 361 
VAL CB  CG1  sing N N 362 
VAL CB  CG2  sing N N 363 
VAL CB  HB   sing N N 364 
VAL CG1 HG11 sing N N 365 
VAL CG1 HG12 sing N N 366 
VAL CG1 HG13 sing N N 367 
VAL CG2 HG21 sing N N 368 
VAL CG2 HG22 sing N N 369 
VAL CG2 HG23 sing N N 370 
VAL OXT HXT  sing N N 371 
# 
_atom_sites.entry_id                    6FPD 
_atom_sites.fract_transf_matrix[1][1]   -0.01373241 
_atom_sites.fract_transf_matrix[1][2]   -0.00536465 
_atom_sites.fract_transf_matrix[1][3]   -0.00515243 
_atom_sites.fract_transf_matrix[2][1]   -0.01330171 
_atom_sites.fract_transf_matrix[2][2]   0.00545668 
_atom_sites.fract_transf_matrix[2][3]   0.00610009 
_atom_sites.fract_transf_matrix[3][1]   -0.00030914 
_atom_sites.fract_transf_matrix[3][2]   0.01021407 
_atom_sites.fract_transf_matrix[3][3]   -0.00981085 
_atom_sites.fract_transf_vector[1]      -0.041752 
_atom_sites.fract_transf_vector[2]      -0.361387 
_atom_sites.fract_transf_vector[3]      -0.005244 
# 
loop_
_atom_type.symbol 
C  
N  
NA 
O  
S  
# 
loop_
_atom_site.group_PDB 
_atom_site.id 
_atom_site.type_symbol 
_atom_site.label_atom_id 
_atom_site.label_alt_id 
_atom_site.label_comp_id 
_atom_site.label_asym_id 
_atom_site.label_entity_id 
_atom_site.label_seq_id 
_atom_site.pdbx_PDB_ins_code 
_atom_site.Cartn_x 
_atom_site.Cartn_y 
_atom_site.Cartn_z 
_atom_site.occupancy 
_atom_site.B_iso_or_equiv 
_atom_site.pdbx_formal_charge 
_atom_site.auth_seq_id 
_atom_site.auth_comp_id 
_atom_site.auth_asym_id 
_atom_site.auth_atom_id 
_atom_site.pdbx_PDB_model_num 
ATOM   1    N  N   . ILE A 1 5   ? -25.275 0.017   -3.816  1.00 41.97 ? 5   ILE A N   1 
ATOM   2    C  CA  . ILE A 1 5   ? -23.916 -0.589  -4.098  1.00 42.38 ? 5   ILE A CA  1 
ATOM   3    C  C   . ILE A 1 5   ? -22.965 0.516   -4.606  1.00 42.24 ? 5   ILE A C   1 
ATOM   4    O  O   . ILE A 1 5   ? -22.809 0.742   -5.812  1.00 41.63 ? 5   ILE A O   1 
ATOM   5    C  CB  . ILE A 1 5   ? -24.032 -1.881  -5.001  1.00 41.68 ? 5   ILE A CB  1 
ATOM   6    C  CG1 . ILE A 1 5   ? -24.018 -3.157  -4.133  1.00 42.03 ? 5   ILE A CG1 1 
ATOM   7    C  CG2 . ILE A 1 5   ? -22.966 -1.992  -6.095  1.00 41.17 ? 5   ILE A CG2 1 
ATOM   8    C  CD1 . ILE A 1 5   ? -22.649 -3.750  -3.831  1.00 41.85 ? 5   ILE A CD1 1 
ATOM   9    N  N   . ASP A 1 6   ? -22.389 1.247   -3.654  1.00 41.20 ? 6   ASP A N   1 
ATOM   10   C  CA  . ASP A 1 6   ? -21.372 2.232   -3.964  1.00 41.44 ? 6   ASP A CA  1 
ATOM   11   C  C   . ASP A 1 6   ? -20.019 1.535   -3.937  1.00 39.33 ? 6   ASP A C   1 
ATOM   12   O  O   . ASP A 1 6   ? -19.793 0.596   -3.154  1.00 39.59 ? 6   ASP A O   1 
ATOM   13   C  CB  . ASP A 1 6   ? -21.384 3.400   -2.976  1.00 43.68 ? 6   ASP A CB  1 
ATOM   14   C  CG  . ASP A 1 6   ? -20.582 4.594   -3.482  1.00 46.50 ? 6   ASP A CG  1 
ATOM   15   O  OD1 . ASP A 1 6   ? -20.899 5.085   -4.589  1.00 45.73 ? 6   ASP A OD1 1 
ATOM   16   O  OD2 . ASP A 1 6   ? -19.633 5.040   -2.792  1.00 49.33 ? 6   ASP A OD2 1 
ATOM   17   N  N   . PHE A 1 7   ? -19.138 1.985   -4.824  1.00 35.81 ? 7   PHE A N   1 
ATOM   18   C  CA  . PHE A 1 7   ? -17.767 1.518   -4.887  1.00 33.09 ? 7   PHE A CA  1 
ATOM   19   C  C   . PHE A 1 7   ? -16.925 2.768   -4.768  1.00 31.16 ? 7   PHE A C   1 
ATOM   20   O  O   . PHE A 1 7   ? -16.871 3.541   -5.716  1.00 32.10 ? 7   PHE A O   1 
ATOM   21   C  CB  . PHE A 1 7   ? -17.512 0.803   -6.215  1.00 32.38 ? 7   PHE A CB  1 
ATOM   22   C  CG  . PHE A 1 7   ? -18.188 -0.539  -6.317  1.00 32.28 ? 7   PHE A CG  1 
ATOM   23   C  CD1 . PHE A 1 7   ? -17.846 -1.571  -5.447  1.00 31.34 ? 7   PHE A CD1 1 
ATOM   24   C  CD2 . PHE A 1 7   ? -19.171 -0.775  -7.286  1.00 31.86 ? 7   PHE A CD2 1 
ATOM   25   C  CE1 . PHE A 1 7   ? -18.462 -2.811  -5.529  1.00 32.33 ? 7   PHE A CE1 1 
ATOM   26   C  CE2 . PHE A 1 7   ? -19.788 -2.017  -7.376  1.00 32.60 ? 7   PHE A CE2 1 
ATOM   27   C  CZ  . PHE A 1 7   ? -19.436 -3.040  -6.496  1.00 32.66 ? 7   PHE A CZ  1 
ATOM   28   N  N   . PRO A 1 8   ? -16.288 2.995   -3.600  1.00 29.34 ? 8   PRO A N   1 
ATOM   29   C  CA  . PRO A 1 8   ? -15.560 4.258   -3.403  1.00 28.56 ? 8   PRO A CA  1 
ATOM   30   C  C   . PRO A 1 8   ? -14.619 4.681   -4.544  1.00 29.10 ? 8   PRO A C   1 
ATOM   31   O  O   . PRO A 1 8   ? -14.502 5.870   -4.800  1.00 29.73 ? 8   PRO A O   1 
ATOM   32   C  CB  . PRO A 1 8   ? -14.780 4.008   -2.120  1.00 28.22 ? 8   PRO A CB  1 
ATOM   33   C  CG  . PRO A 1 8   ? -15.616 3.041   -1.357  1.00 28.42 ? 8   PRO A CG  1 
ATOM   34   C  CD  . PRO A 1 8   ? -16.435 2.252   -2.333  1.00 28.59 ? 8   PRO A CD  1 
ATOM   35   N  N   . PHE A 1 9   ? -13.984 3.722   -5.223  1.00 29.13 ? 9   PHE A N   1 
ATOM   36   C  CA  . PHE A 1 9   ? -13.108 3.999   -6.366  1.00 29.56 ? 9   PHE A CA  1 
ATOM   37   C  C   . PHE A 1 9   ? -13.827 4.041   -7.736  1.00 31.83 ? 9   PHE A C   1 
ATOM   38   O  O   . PHE A 1 9   ? -13.170 4.201   -8.763  1.00 33.34 ? 9   PHE A O   1 
ATOM   39   C  CB  . PHE A 1 9   ? -11.913 3.020   -6.425  1.00 28.56 ? 9   PHE A CB  1 
ATOM   40   C  CG  . PHE A 1 9   ? -11.071 2.957   -5.164  1.00 27.55 ? 9   PHE A CG  1 
ATOM   41   C  CD1 . PHE A 1 9   ? -10.883 4.074   -4.339  1.00 26.99 ? 9   PHE A CD1 1 
ATOM   42   C  CD2 . PHE A 1 9   ? -10.409 1.777   -4.831  1.00 26.84 ? 9   PHE A CD2 1 
ATOM   43   C  CE1 . PHE A 1 9   ? -10.088 3.993   -3.201  1.00 26.62 ? 9   PHE A CE1 1 
ATOM   44   C  CE2 . PHE A 1 9   ? -9.616  1.694   -3.690  1.00 26.56 ? 9   PHE A CE2 1 
ATOM   45   C  CZ  . PHE A 1 9   ? -9.453  2.804   -2.876  1.00 26.66 ? 9   PHE A CZ  1 
ATOM   46   N  N   . ALA A 1 10  ? -15.158 3.916   -7.756  1.00 34.09 ? 10  ALA A N   1 
ATOM   47   C  CA  . ALA A 1 10  ? -15.972 4.219   -8.947  1.00 34.96 ? 10  ALA A CA  1 
ATOM   48   C  C   . ALA A 1 10  ? -16.137 5.722   -9.191  1.00 37.16 ? 10  ALA A C   1 
ATOM   49   O  O   . ALA A 1 10  ? -16.606 6.120   -10.257 1.00 36.57 ? 10  ALA A O   1 
ATOM   50   C  CB  . ALA A 1 10  ? -17.341 3.566   -8.843  1.00 34.28 ? 10  ALA A CB  1 
ATOM   51   N  N   . HIS A 1 11  ? -15.774 6.537   -8.196  1.00 41.04 ? 11  HIS A N   1 
ATOM   52   C  CA  . HIS A 1 11  ? -15.824 7.996   -8.266  1.00 43.89 ? 11  HIS A CA  1 
ATOM   53   C  C   . HIS A 1 11  ? -14.428 8.570   -8.420  1.00 47.52 ? 11  HIS A C   1 
ATOM   54   O  O   . HIS A 1 11  ? -13.536 8.238   -7.642  1.00 50.65 ? 11  HIS A O   1 
ATOM   55   C  CB  . HIS A 1 11  ? -16.454 8.530   -6.984  1.00 44.58 ? 11  HIS A CB  1 
ATOM   56   C  CG  . HIS A 1 11  ? -17.769 7.897   -6.682  1.00 45.62 ? 11  HIS A CG  1 
ATOM   57   N  ND1 . HIS A 1 11  ? -18.915 8.220   -7.377  1.00 46.73 ? 11  HIS A ND1 1 
ATOM   58   C  CD2 . HIS A 1 11  ? -18.112 6.918   -5.813  1.00 45.80 ? 11  HIS A CD2 1 
ATOM   59   C  CE1 . HIS A 1 11  ? -19.915 7.484   -6.929  1.00 48.19 ? 11  HIS A CE1 1 
ATOM   60   N  NE2 . HIS A 1 11  ? -19.455 6.689   -5.977  1.00 47.65 ? 11  HIS A NE2 1 
ATOM   61   N  N   . GLU A 1 12  ? -14.257 9.459   -9.398  1.00 51.98 ? 12  GLU A N   1 
ATOM   62   C  CA  . GLU A 1 12  ? -12.940 10.045  -9.735  1.00 53.36 ? 12  GLU A CA  1 
ATOM   63   C  C   . GLU A 1 12  ? -12.354 10.955  -8.653  1.00 52.33 ? 12  GLU A C   1 
ATOM   64   O  O   . GLU A 1 12  ? -11.141 11.196  -8.624  1.00 52.55 ? 12  GLU A O   1 
ATOM   65   C  CB  . GLU A 1 12  ? -13.006 10.813  -11.071 1.00 54.92 ? 12  GLU A CB  1 
ATOM   66   C  CG  . GLU A 1 12  ? -12.603 9.996   -12.297 1.00 56.93 ? 12  GLU A CG  1 
ATOM   67   C  CD  . GLU A 1 12  ? -13.641 8.976   -12.745 1.00 58.13 ? 12  GLU A CD  1 
ATOM   68   O  OE1 . GLU A 1 12  ? -13.535 8.514   -13.903 1.00 58.73 ? 12  GLU A OE1 1 
ATOM   69   O  OE2 . GLU A 1 12  ? -14.560 8.632   -11.967 1.00 58.66 ? 12  GLU A OE2 1 
ATOM   70   N  N   . ASP A 1 13  ? -13.214 11.439  -7.768  1.00 51.72 ? 13  ASP A N   1 
ATOM   71   C  CA  . ASP A 1 13  ? -12.826 12.373  -6.713  1.00 52.38 ? 13  ASP A CA  1 
ATOM   72   C  C   . ASP A 1 13  ? -12.134 11.605  -5.573  1.00 51.25 ? 13  ASP A C   1 
ATOM   73   O  O   . ASP A 1 13  ? -11.093 12.032  -5.061  1.00 51.47 ? 13  ASP A O   1 
ATOM   74   C  CB  . ASP A 1 13  ? -14.070 13.118  -6.199  1.00 53.67 ? 13  ASP A CB  1 
ATOM   75   C  CG  . ASP A 1 13  ? -15.086 13.409  -7.313  1.00 56.09 ? 13  ASP A CG  1 
ATOM   76   O  OD1 . ASP A 1 13  ? -14.923 14.407  -8.052  1.00 57.59 ? 13  ASP A OD1 1 
ATOM   77   O  OD2 . ASP A 1 13  ? -16.035 12.607  -7.468  1.00 55.49 ? 13  ASP A OD2 1 
ATOM   78   N  N   . VAL A 1 14  ? -12.723 10.468  -5.199  1.00 47.11 ? 14  VAL A N   1 
ATOM   79   C  CA  . VAL A 1 14  ? -12.174 9.569   -4.176  1.00 46.14 ? 14  VAL A CA  1 
ATOM   80   C  C   . VAL A 1 14  ? -10.853 8.942   -4.619  1.00 44.10 ? 14  VAL A C   1 
ATOM   81   O  O   . VAL A 1 14  ? -9.909  8.854   -3.828  1.00 45.39 ? 14  VAL A O   1 
ATOM   82   C  CB  . VAL A 1 14  ? -13.155 8.412   -3.842  1.00 46.46 ? 14  VAL A CB  1 
ATOM   83   C  CG1 . VAL A 1 14  ? -12.522 7.392   -2.886  1.00 44.59 ? 14  VAL A CG1 1 
ATOM   84   C  CG2 . VAL A 1 14  ? -14.467 8.938   -3.257  1.00 46.74 ? 14  VAL A CG2 1 
ATOM   85   N  N   . VAL A 1 15  ? -10.808 8.478   -5.869  1.00 40.89 ? 15  VAL A N   1 
ATOM   86   C  CA  . VAL A 1 15  ? -9.610  7.853   -6.437  1.00 38.97 ? 15  VAL A CA  1 
ATOM   87   C  C   . VAL A 1 15  ? -8.419  8.808   -6.376  1.00 38.73 ? 15  VAL A C   1 
ATOM   88   O  O   . VAL A 1 15  ? -7.317  8.399   -6.026  1.00 40.73 ? 15  VAL A O   1 
ATOM   89   C  CB  . VAL A 1 15  ? -9.847  7.386   -7.892  1.00 38.00 ? 15  VAL A CB  1 
ATOM   90   C  CG1 . VAL A 1 15  ? -8.544  7.004   -8.592  1.00 37.68 ? 15  VAL A CG1 1 
ATOM   91   C  CG2 . VAL A 1 15  ? -10.802 6.207   -7.901  1.00 37.44 ? 15  VAL A CG2 1 
ATOM   92   N  N   . GLN A 1 16  ? -8.654  10.076  -6.698  1.00 37.29 ? 16  GLN A N   1 
ATOM   93   C  CA  . GLN A 1 16  ? -7.601  11.091  -6.665  1.00 35.33 ? 16  GLN A CA  1 
ATOM   94   C  C   . GLN A 1 16  ? -7.110  11.375  -5.256  1.00 32.84 ? 16  GLN A C   1 
ATOM   95   O  O   . GLN A 1 16  ? -5.912  11.467  -5.025  1.00 32.96 ? 16  GLN A O   1 
ATOM   96   C  CB  . GLN A 1 16  ? -8.082  12.387  -7.324  1.00 36.14 ? 16  GLN A CB  1 
ATOM   97   C  CG  . GLN A 1 16  ? -7.909  12.392  -8.835  1.00 36.66 ? 16  GLN A CG  1 
ATOM   98   C  CD  . GLN A 1 16  ? -6.450  12.378  -9.258  1.00 36.16 ? 16  GLN A CD  1 
ATOM   99   O  OE1 . GLN A 1 16  ? -6.028  11.495  -9.999  1.00 37.02 ? 16  GLN A OE1 1 
ATOM   100  N  NE2 . GLN A 1 16  ? -5.671  13.345  -8.774  1.00 35.66 ? 16  GLN A NE2 1 
ATOM   101  N  N   . LYS A 1 17  ? -8.047  11.535  -4.331  1.00 31.11 ? 17  LYS A N   1 
ATOM   102  C  CA  . LYS A 1 17  ? -7.742  11.691  -2.907  1.00 30.65 ? 17  LYS A CA  1 
ATOM   103  C  C   . LYS A 1 17  ? -6.863  10.536  -2.383  1.00 28.18 ? 17  LYS A C   1 
ATOM   104  O  O   . LYS A 1 17  ? -5.905  10.757  -1.630  1.00 25.52 ? 17  LYS A O   1 
ATOM   105  C  CB  . LYS A 1 17  ? -9.056  11.780  -2.126  1.00 32.45 ? 17  LYS A CB  1 
ATOM   106  C  CG  . LYS A 1 17  ? -8.931  11.890  -0.616  1.00 34.71 ? 17  LYS A CG  1 
ATOM   107  C  CD  . LYS A 1 17  ? -10.272 12.303  -0.022  1.00 37.64 ? 17  LYS A CD  1 
ATOM   108  C  CE  . LYS A 1 17  ? -10.352 12.097  1.487   1.00 40.69 ? 17  LYS A CE  1 
ATOM   109  N  NZ  . LYS A 1 17  ? -9.226  12.720  2.248   1.00 42.77 ? 17  LYS A NZ  1 
ATOM   110  N  N   . THR A 1 18  ? -7.189  9.317   -2.818  1.00 26.27 ? 18  THR A N   1 
ATOM   111  C  CA  . THR A 1 18  ? -6.432  8.114   -2.467  1.00 24.75 ? 18  THR A CA  1 
ATOM   112  C  C   . THR A 1 18  ? -5.070  8.010   -3.163  1.00 25.04 ? 18  THR A C   1 
ATOM   113  O  O   . THR A 1 18  ? -4.092  7.584   -2.551  1.00 25.02 ? 18  THR A O   1 
ATOM   114  C  CB  . THR A 1 18  ? -7.247  6.861   -2.798  1.00 23.00 ? 18  THR A CB  1 
ATOM   115  O  OG1 . THR A 1 18  ? -8.582  7.049   -2.334  1.00 22.22 ? 18  THR A OG1 1 
ATOM   116  C  CG2 . THR A 1 18  ? -6.658  5.647   -2.130  1.00 22.40 ? 18  THR A CG2 1 
ATOM   117  N  N   . VAL A 1 19  ? -5.016  8.356   -4.443  1.00 25.30 ? 19  VAL A N   1 
ATOM   118  C  CA  . VAL A 1 19  ? -3.752  8.388   -5.167  1.00 26.74 ? 19  VAL A CA  1 
ATOM   119  C  C   . VAL A 1 19  ? -2.800  9.434   -4.524  1.00 28.49 ? 19  VAL A C   1 
ATOM   120  O  O   . VAL A 1 19  ? -1.626  9.140   -4.289  1.00 28.05 ? 19  VAL A O   1 
ATOM   121  C  CB  . VAL A 1 19  ? -3.995  8.609   -6.685  1.00 26.87 ? 19  VAL A CB  1 
ATOM   122  C  CG1 . VAL A 1 19  ? -2.718  8.998   -7.430  1.00 26.79 ? 19  VAL A CG1 1 
ATOM   123  C  CG2 . VAL A 1 19  ? -4.586  7.343   -7.298  1.00 26.62 ? 19  VAL A CG2 1 
ATOM   124  N  N   . ASP A 1 20  ? -3.327  10.622  -4.208  1.00 30.17 ? 20  ASP A N   1 
ATOM   125  C  CA  . ASP A 1 20  ? -2.585  11.643  -3.453  1.00 31.19 ? 20  ASP A CA  1 
ATOM   126  C  C   . ASP A 1 20  ? -2.052  11.097  -2.148  1.00 29.57 ? 20  ASP A C   1 
ATOM   127  O  O   . ASP A 1 20  ? -0.881  11.266  -1.850  1.00 29.92 ? 20  ASP A O   1 
ATOM   128  C  CB  . ASP A 1 20  ? -3.473  12.839  -3.112  1.00 34.01 ? 20  ASP A CB  1 
ATOM   129  C  CG  . ASP A 1 20  ? -3.798  13.692  -4.304  1.00 37.13 ? 20  ASP A CG  1 
ATOM   130  O  OD1 . ASP A 1 20  ? -3.559  13.254  -5.451  1.00 41.29 ? 20  ASP A OD1 1 
ATOM   131  O  OD2 . ASP A 1 20  ? -4.315  14.811  -4.089  1.00 40.35 ? 20  ASP A OD2 1 
ATOM   132  N  N   . ASP A 1 21  ? -2.929  10.478  -1.362  1.00 28.52 ? 21  ASP A N   1 
ATOM   133  C  CA  . ASP A 1 21  ? -2.535  9.805   -0.116  1.00 28.04 ? 21  ASP A CA  1 
ATOM   134  C  C   . ASP A 1 21  ? -1.273  8.975   -0.277  1.00 27.49 ? 21  ASP A C   1 
ATOM   135  O  O   . ASP A 1 21  ? -0.346  9.101   0.515   1.00 26.90 ? 21  ASP A O   1 
ATOM   136  C  CB  . ASP A 1 21  ? -3.645  8.868   0.372   1.00 28.25 ? 21  ASP A CB  1 
ATOM   137  C  CG  . ASP A 1 21  ? -4.624  9.541   1.281   1.00 28.66 ? 21  ASP A CG  1 
ATOM   138  O  OD1 . ASP A 1 21  ? -4.253  10.533  1.932   1.00 29.30 ? 21  ASP A OD1 1 
ATOM   139  O  OD2 . ASP A 1 21  ? -5.768  9.049   1.365   1.00 29.22 ? 21  ASP A OD2 1 
ATOM   140  N  N   . VAL A 1 22  ? -1.254  8.139   -1.315  1.00 27.58 ? 22  VAL A N   1 
ATOM   141  C  CA  . VAL A 1 22  ? -0.111  7.267   -1.600  1.00 27.67 ? 22  VAL A CA  1 
ATOM   142  C  C   . VAL A 1 22  ? 1.084   8.096   -2.081  1.00 28.62 ? 22  VAL A C   1 
ATOM   143  O  O   . VAL A 1 22  ? 2.208   7.892   -1.622  1.00 29.27 ? 22  VAL A O   1 
ATOM   144  C  CB  . VAL A 1 22  ? -0.466  6.151   -2.610  1.00 26.91 ? 22  VAL A CB  1 
ATOM   145  C  CG1 . VAL A 1 22  ? 0.755   5.308   -2.958  1.00 26.76 ? 22  VAL A CG1 1 
ATOM   146  C  CG2 . VAL A 1 22  ? -1.546  5.244   -2.039  1.00 26.73 ? 22  VAL A CG2 1 
ATOM   147  N  N   . ARG A 1 23  ? 0.837   9.038   -2.980  1.00 29.66 ? 23  ARG A N   1 
ATOM   148  C  CA  . ARG A 1 23  ? 1.880   9.959   -3.427  1.00 30.82 ? 23  ARG A CA  1 
ATOM   149  C  C   . ARG A 1 23  ? 2.517   10.649  -2.213  1.00 29.12 ? 23  ARG A C   1 
ATOM   150  O  O   . ARG A 1 23  ? 3.727   10.638  -2.043  1.00 28.09 ? 23  ARG A O   1 
ATOM   151  C  CB  . ARG A 1 23  ? 1.299   10.981  -4.416  1.00 32.84 ? 23  ARG A CB  1 
ATOM   152  C  CG  . ARG A 1 23  ? 0.857   10.379  -5.753  1.00 35.14 ? 23  ARG A CG  1 
ATOM   153  C  CD  . ARG A 1 23  ? 1.940   10.453  -6.816  1.00 37.88 ? 23  ARG A CD  1 
ATOM   154  N  NE  . ARG A 1 23  ? 1.881   9.355   -7.789  1.00 41.80 ? 23  ARG A NE  1 
ATOM   155  C  CZ  . ARG A 1 23  ? 2.333   8.103   -7.594  1.00 44.61 ? 23  ARG A CZ  1 
ATOM   156  N  NH1 . ARG A 1 23  ? 2.866   7.715   -6.427  1.00 47.01 ? 23  ARG A NH1 1 
ATOM   157  N  NH2 . ARG A 1 23  ? 2.237   7.209   -8.577  1.00 44.18 ? 23  ARG A NH2 1 
ATOM   158  N  N   . THR A 1 24  ? 1.675   11.192  -1.347  1.00 29.11 ? 24  THR A N   1 
ATOM   159  C  CA  . THR A 1 24  ? 2.098   11.811  -0.085  1.00 29.24 ? 24  THR A CA  1 
ATOM   160  C  C   . THR A 1 24  ? 2.905   10.866  0.790   1.00 28.33 ? 24  THR A C   1 
ATOM   161  O  O   . THR A 1 24  ? 3.845   11.277  1.448   1.00 29.02 ? 24  THR A O   1 
ATOM   162  C  CB  . THR A 1 24  ? 0.879   12.278  0.728   1.00 29.06 ? 24  THR A CB  1 
ATOM   163  O  OG1 . THR A 1 24  ? 0.031   13.063  -0.110  1.00 30.59 ? 24  THR A OG1 1 
ATOM   164  C  CG2 . THR A 1 24  ? 1.302   13.112  1.926   1.00 29.20 ? 24  THR A CG2 1 
ATOM   165  N  N   . LEU A 1 25  ? 2.513   9.606   0.809   1.00 28.01 ? 25  LEU A N   1 
ATOM   166  C  CA  . LEU A 1 25  ? 3.256   8.579   1.523   1.00 27.23 ? 25  LEU A CA  1 
ATOM   167  C  C   . LEU A 1 25  ? 4.621   8.263   0.865   1.00 26.13 ? 25  LEU A C   1 
ATOM   168  O  O   . LEU A 1 25  ? 5.619   8.065   1.563   1.00 24.87 ? 25  LEU A O   1 
ATOM   169  C  CB  . LEU A 1 25  ? 2.377   7.336   1.633   1.00 27.50 ? 25  LEU A CB  1 
ATOM   170  C  CG  . LEU A 1 25  ? 2.825   6.160   2.491   1.00 27.90 ? 25  LEU A CG  1 
ATOM   171  C  CD1 . LEU A 1 25  ? 3.282   6.601   3.875   1.00 28.19 ? 25  LEU A CD1 1 
ATOM   172  C  CD2 . LEU A 1 25  ? 1.678   5.160   2.572   1.00 27.81 ? 25  LEU A CD2 1 
ATOM   173  N  N   . SER A 1 26  ? 4.663   8.239   -0.467  1.00 25.77 ? 26  SER A N   1 
ATOM   174  C  CA  . SER A 1 26  ? 5.920   8.040   -1.209  1.00 25.42 ? 26  SER A CA  1 
ATOM   175  C  C   . SER A 1 26  ? 6.890   9.213   -1.055  1.00 24.82 ? 26  SER A C   1 
ATOM   176  O  O   . SER A 1 26  ? 8.044   9.017   -0.680  1.00 25.74 ? 26  SER A O   1 
ATOM   177  C  CB  . SER A 1 26  ? 5.650   7.797   -2.694  1.00 25.71 ? 26  SER A CB  1 
ATOM   178  O  OG  . SER A 1 26  ? 6.770   7.176   -3.312  1.00 26.44 ? 26  SER A OG  1 
ATOM   179  N  N   . ASN A 1 27  ? 6.397   10.421  -1.313  1.00 23.31 ? 27  ASN A N   1 
ATOM   180  C  CA  . ASN A 1 27  ? 7.199   11.647  -1.254  1.00 22.40 ? 27  ASN A CA  1 
ATOM   181  C  C   . ASN A 1 27  ? 7.750   11.929  0.154   1.00 22.89 ? 27  ASN A C   1 
ATOM   182  O  O   . ASN A 1 27  ? 8.923   12.284  0.317   1.00 23.72 ? 27  ASN A O   1 
ATOM   183  C  CB  . ASN A 1 27  ? 6.376   12.853  -1.755  1.00 21.62 ? 27  ASN A CB  1 
ATOM   184  C  CG  . ASN A 1 27  ? 5.828   12.662  -3.172  1.00 20.79 ? 27  ASN A CG  1 
ATOM   185  O  OD1 . ASN A 1 27  ? 6.357   11.894  -3.963  1.00 20.40 ? 27  ASN A OD1 1 
ATOM   186  N  ND2 . ASN A 1 27  ? 4.750   13.353  -3.481  1.00 20.87 ? 27  ASN A ND2 1 
ATOM   187  N  N   . MET A 1 28  ? 6.907   11.765  1.165   1.00 23.14 ? 28  MET A N   1 
ATOM   188  C  CA  . MET A 1 28  ? 7.317   11.899  2.574   1.00 24.26 ? 28  MET A CA  1 
ATOM   189  C  C   . MET A 1 28  ? 8.482   10.981  2.958   1.00 23.32 ? 28  MET A C   1 
ATOM   190  O  O   . MET A 1 28  ? 9.424   11.399  3.629   1.00 23.16 ? 28  MET A O   1 
ATOM   191  C  CB  . MET A 1 28  ? 6.113   11.601  3.468   1.00 26.29 ? 28  MET A CB  1 
ATOM   192  C  CG  . MET A 1 28  ? 6.367   11.558  4.965   1.00 28.09 ? 28  MET A CG  1 
ATOM   193  S  SD  . MET A 1 28  ? 4.854   11.083  5.824   1.00 32.88 ? 28  MET A SD  1 
ATOM   194  C  CE  . MET A 1 28  ? 3.761   12.443  5.384   1.00 31.64 ? 28  MET A CE  1 
ATOM   195  N  N   . SER A 1 29  ? 8.388   9.727   2.540   1.00 22.65 ? 29  SER A N   1 
ATOM   196  C  CA  . SER A 1 29  ? 9.427   8.735   2.784   1.00 22.44 ? 29  SER A CA  1 
ATOM   197  C  C   . SER A 1 29  ? 10.747  9.159   2.143   1.00 21.81 ? 29  SER A C   1 
ATOM   198  O  O   . SER A 1 29  ? 11.804  9.034   2.750   1.00 21.76 ? 29  SER A O   1 
ATOM   199  C  CB  . SER A 1 29  ? 8.983   7.377   2.229   1.00 22.75 ? 29  SER A CB  1 
ATOM   200  O  OG  . SER A 1 29  ? 7.678   7.037   2.689   1.00 22.74 ? 29  SER A OG  1 
ATOM   201  N  N   . ALA A 1 30  ? 10.667  9.675   0.919   1.00 21.23 ? 30  ALA A N   1 
ATOM   202  C  CA  . ALA A 1 30  ? 11.836  10.189  0.215   1.00 20.62 ? 30  ALA A CA  1 
ATOM   203  C  C   . ALA A 1 30  ? 12.423  11.363  0.979   1.00 20.40 ? 30  ALA A C   1 
ATOM   204  O  O   . ALA A 1 30  ? 13.576  11.315  1.393   1.00 19.53 ? 30  ALA A O   1 
ATOM   205  C  CB  . ALA A 1 30  ? 11.464  10.590  -1.206  1.00 20.50 ? 30  ALA A CB  1 
ATOM   206  N  N   . ALA A 1 31  ? 11.596  12.383  1.215   1.00 21.06 ? 31  ALA A N   1 
ATOM   207  C  CA  . ALA A 1 31  ? 12.026  13.604  1.917   1.00 21.42 ? 31  ALA A CA  1 
ATOM   208  C  C   . ALA A 1 31  ? 12.667  13.308  3.262   1.00 22.14 ? 31  ALA A C   1 
ATOM   209  O  O   . ALA A 1 31  ? 13.760  13.797  3.544   1.00 23.54 ? 31  ALA A O   1 
ATOM   210  C  CB  . ALA A 1 31  ? 10.864  14.565  2.102   1.00 21.10 ? 31  ALA A CB  1 
ATOM   211  N  N   . ALA A 1 32  ? 11.992  12.501  4.078   1.00 22.67 ? 32  ALA A N   1 
ATOM   212  C  CA  . ALA A 1 32  ? 12.468  12.166  5.429   1.00 23.36 ? 32  ALA A CA  1 
ATOM   213  C  C   . ALA A 1 32  ? 13.763  11.363  5.443   1.00 24.05 ? 32  ALA A C   1 
ATOM   214  O  O   . ALA A 1 32  ? 14.632  11.572  6.291   1.00 24.62 ? 32  ALA A O   1 
ATOM   215  C  CB  . ALA A 1 32  ? 11.396  11.397  6.174   1.00 23.94 ? 32  ALA A CB  1 
ATOM   216  N  N   . ASP A 1 33  ? 13.871  10.426  4.511   1.00 24.83 ? 33  ASP A N   1 
ATOM   217  C  CA  . ASP A 1 33  ? 15.049  9.574   4.397   1.00 25.20 ? 33  ASP A CA  1 
ATOM   218  C  C   . ASP A 1 33  ? 16.277  10.398  4.054   1.00 25.37 ? 33  ASP A C   1 
ATOM   219  O  O   . ASP A 1 33  ? 17.350  10.189  4.626   1.00 25.20 ? 33  ASP A O   1 
ATOM   220  C  CB  . ASP A 1 33  ? 14.808  8.520   3.322   1.00 25.18 ? 33  ASP A CB  1 
ATOM   221  C  CG  . ASP A 1 33  ? 15.857  7.456   3.304   1.00 25.74 ? 33  ASP A CG  1 
ATOM   222  O  OD1 . ASP A 1 33  ? 16.233  6.944   4.379   1.00 26.30 ? 33  ASP A OD1 1 
ATOM   223  O  OD2 . ASP A 1 33  ? 16.289  7.105   2.195   1.00 27.74 ? 33  ASP A OD2 1 
ATOM   224  N  N   . GLN A 1 34  ? 16.094  11.321  3.110   1.00 25.12 ? 34  GLN A N   1 
ATOM   225  C  CA  . GLN A 1 34  ? 17.100  12.314  2.752   1.00 25.52 ? 34  GLN A CA  1 
ATOM   226  C  C   . GLN A 1 34  ? 17.463  13.193  3.939   1.00 25.07 ? 34  GLN A C   1 
ATOM   227  O  O   . GLN A 1 34  ? 18.634  13.464  4.185   1.00 24.28 ? 34  GLN A O   1 
ATOM   228  C  CB  . GLN A 1 34  ? 16.562  13.197  1.636   1.00 26.01 ? 34  GLN A CB  1 
ATOM   229  C  CG  . GLN A 1 34  ? 17.511  14.271  1.117   1.00 26.39 ? 34  GLN A CG  1 
ATOM   230  C  CD  . GLN A 1 34  ? 16.827  15.121  0.072   1.00 27.33 ? 34  GLN A CD  1 
ATOM   231  O  OE1 . GLN A 1 34  ? 17.219  15.137  -1.102  1.00 27.90 ? 34  GLN A OE1 1 
ATOM   232  N  NE2 . GLN A 1 34  ? 15.745  15.781  0.479   1.00 27.53 ? 34  GLN A NE2 1 
ATOM   233  N  N   . GLY A 1 35  ? 16.442  13.646  4.652   1.00 25.13 ? 35  GLY A N   1 
ATOM   234  C  CA  . GLY A 1 35  ? 16.627  14.452  5.844   1.00 26.25 ? 35  GLY A CA  1 
ATOM   235  C  C   . GLY A 1 35  ? 17.489  13.760  6.874   1.00 26.84 ? 35  GLY A C   1 
ATOM   236  O  O   . GLY A 1 35  ? 18.359  14.387  7.470   1.00 27.95 ? 35  GLY A O   1 
ATOM   237  N  N   . VAL A 1 36  ? 17.242  12.466  7.070   1.00 27.48 ? 36  VAL A N   1 
ATOM   238  C  CA  . VAL A 1 36  ? 18.053  11.638  7.957   1.00 28.36 ? 36  VAL A CA  1 
ATOM   239  C  C   . VAL A 1 36  ? 19.474  11.478  7.417   1.00 30.66 ? 36  VAL A C   1 
ATOM   240  O  O   . VAL A 1 36  ? 20.434  11.615  8.176   1.00 31.31 ? 36  VAL A O   1 
ATOM   241  C  CB  . VAL A 1 36  ? 17.414  10.250  8.182   1.00 28.33 ? 36  VAL A CB  1 
ATOM   242  C  CG1 . VAL A 1 36  ? 18.373  9.297   8.889   1.00 28.17 ? 36  VAL A CG1 1 
ATOM   243  C  CG2 . VAL A 1 36  ? 16.131  10.384  8.991   1.00 28.56 ? 36  VAL A CG2 1 
ATOM   244  N  N   . HIS A 1 37  ? 19.621  11.179  6.125   1.00 32.42 ? 37  HIS A N   1 
ATOM   245  C  CA  . HIS A 1 37  ? 20.964  11.074  5.539   1.00 33.84 ? 37  HIS A CA  1 
ATOM   246  C  C   . HIS A 1 37  ? 21.753  12.399  5.520   1.00 32.02 ? 37  HIS A C   1 
ATOM   247  O  O   . HIS A 1 37  ? 22.966  12.376  5.716   1.00 32.19 ? 37  HIS A O   1 
ATOM   248  C  CB  . HIS A 1 37  ? 20.949  10.493  4.128   1.00 36.01 ? 37  HIS A CB  1 
ATOM   249  C  CG  . HIS A 1 37  ? 22.323  10.349  3.546   1.00 39.28 ? 37  HIS A CG  1 
ATOM   250  N  ND1 . HIS A 1 37  ? 22.899  11.308  2.733   1.00 40.13 ? 37  HIS A ND1 1 
ATOM   251  C  CD2 . HIS A 1 37  ? 23.264  9.392   3.724   1.00 39.41 ? 37  HIS A CD2 1 
ATOM   252  C  CE1 . HIS A 1 37  ? 24.121  10.923  2.403   1.00 40.48 ? 37  HIS A CE1 1 
ATOM   253  N  NE2 . HIS A 1 37  ? 24.367  9.764   2.992   1.00 39.99 ? 37  HIS A NE2 1 
ATOM   254  N  N   . ASP A 1 38  ? 21.085  13.527  5.271   1.00 29.72 ? 38  ASP A N   1 
ATOM   255  C  CA  . ASP A 1 38  ? 21.741  14.847  5.303   1.00 27.92 ? 38  ASP A CA  1 
ATOM   256  C  C   . ASP A 1 38  ? 22.302  15.138  6.694   1.00 26.57 ? 38  ASP A C   1 
ATOM   257  O  O   . ASP A 1 38  ? 23.438  15.589  6.828   1.00 25.19 ? 38  ASP A O   1 
ATOM   258  C  CB  . ASP A 1 38  ? 20.773  15.969  4.904   1.00 27.80 ? 38  ASP A CB  1 
ATOM   259  C  CG  . ASP A 1 38  ? 20.465  16.010  3.394   1.00 28.75 ? 38  ASP A CG  1 
ATOM   260  O  OD1 . ASP A 1 38  ? 21.147  15.354  2.563   1.00 28.32 ? 38  ASP A OD1 1 
ATOM   261  O  OD2 . ASP A 1 38  ? 19.509  16.732  3.038   1.00 28.88 ? 38  ASP A OD2 1 
ATOM   262  N  N   . VAL A 1 39  ? 21.484  14.882  7.718   1.00 25.94 ? 39  VAL A N   1 
ATOM   263  C  CA  . VAL A 1 39  ? 21.911  14.952  9.126   1.00 25.28 ? 39  VAL A CA  1 
ATOM   264  C  C   . VAL A 1 39  ? 23.097  14.020  9.353   1.00 24.92 ? 39  VAL A C   1 
ATOM   265  O  O   . VAL A 1 39  ? 24.091  14.405  9.927   1.00 25.46 ? 39  VAL A O   1 
ATOM   266  C  CB  . VAL A 1 39  ? 20.744  14.592  10.094  1.00 24.76 ? 39  VAL A CB  1 
ATOM   267  C  CG1 . VAL A 1 39  ? 21.237  14.162  11.476  1.00 24.78 ? 39  VAL A CG1 1 
ATOM   268  C  CG2 . VAL A 1 39  ? 19.780  15.761  10.220  1.00 24.24 ? 39  VAL A CG2 1 
ATOM   269  N  N   . ASN A 1 40  ? 22.972  12.794  8.884   1.00 25.67 ? 40  ASN A N   1 
ATOM   270  C  CA  . ASN A 1 40  ? 24.009  11.783  9.037   1.00 26.02 ? 40  ASN A CA  1 
ATOM   271  C  C   . ASN A 1 40  ? 25.320  12.143  8.324   1.00 26.27 ? 40  ASN A C   1 
ATOM   272  O  O   . ASN A 1 40  ? 26.401  12.033  8.898   1.00 25.51 ? 40  ASN A O   1 
ATOM   273  C  CB  . ASN A 1 40  ? 23.475  10.452  8.510   1.00 25.57 ? 40  ASN A CB  1 
ATOM   274  C  CG  . ASN A 1 40  ? 24.328  9.284   8.916   1.00 25.14 ? 40  ASN A CG  1 
ATOM   275  O  OD1 . ASN A 1 40  ? 24.914  9.280   9.994   1.00 26.08 ? 40  ASN A OD1 1 
ATOM   276  N  ND2 . ASN A 1 40  ? 24.383  8.268   8.065   1.00 24.91 ? 40  ASN A ND2 1 
ATOM   277  N  N   . HIS A 1 41  ? 25.200  12.567  7.069   1.00 27.06 ? 41  HIS A N   1 
ATOM   278  C  CA  . HIS A 1 41  ? 26.320  13.097  6.297   1.00 27.34 ? 41  HIS A CA  1 
ATOM   279  C  C   . HIS A 1 41  ? 26.980  14.268  7.020   1.00 26.95 ? 41  HIS A C   1 
ATOM   280  O  O   . HIS A 1 41  ? 28.193  14.231  7.268   1.00 27.73 ? 41  HIS A O   1 
ATOM   281  C  CB  . HIS A 1 41  ? 25.853  13.538  4.908   1.00 27.70 ? 41  HIS A CB  1 
ATOM   282  C  CG  . HIS A 1 41  ? 26.942  14.120  4.067   1.00 28.51 ? 41  HIS A CG  1 
ATOM   283  N  ND1 . HIS A 1 41  ? 27.944  13.352  3.512   1.00 28.80 ? 41  HIS A ND1 1 
ATOM   284  C  CD2 . HIS A 1 41  ? 27.197  15.397  3.699   1.00 28.84 ? 41  HIS A CD2 1 
ATOM   285  C  CE1 . HIS A 1 41  ? 28.762  14.131  2.829   1.00 29.24 ? 41  HIS A CE1 1 
ATOM   286  N  NE2 . HIS A 1 41  ? 28.334  15.378  2.932   1.00 29.09 ? 41  HIS A NE2 1 
ATOM   287  N  N   . SER A 1 42  ? 26.177  15.280  7.370   1.00 26.43 ? 42  SER A N   1 
ATOM   288  C  CA  . SER A 1 42  ? 26.643  16.473  8.115   1.00 26.28 ? 42  SER A CA  1 
ATOM   289  C  C   . SER A 1 42  ? 27.374  16.142  9.412   1.00 26.66 ? 42  SER A C   1 
ATOM   290  O  O   . SER A 1 42  ? 28.322  16.830  9.793   1.00 26.24 ? 42  SER A O   1 
ATOM   291  C  CB  . SER A 1 42  ? 25.475  17.401  8.446   1.00 25.94 ? 42  SER A CB  1 
ATOM   292  O  OG  . SER A 1 42  ? 25.059  18.074  7.286   1.00 26.52 ? 42  SER A OG  1 
ATOM   293  N  N   . SER A 1 43  ? 26.915  15.087  10.076  1.00 27.14 ? 43  SER A N   1 
ATOM   294  C  CA  . SER A 1 43  ? 27.535  14.597  11.289  1.00 28.41 ? 43  SER A CA  1 
ATOM   295  C  C   . SER A 1 43  ? 28.928  14.036  11.013  1.00 30.74 ? 43  SER A C   1 
ATOM   296  O  O   . SER A 1 43  ? 29.883  14.312  11.753  1.00 32.45 ? 43  SER A O   1 
ATOM   297  C  CB  . SER A 1 43  ? 26.650  13.525  11.919  1.00 28.05 ? 43  SER A CB  1 
ATOM   298  O  OG  . SER A 1 43  ? 26.966  13.362  13.277  1.00 28.92 ? 43  SER A OG  1 
ATOM   299  N  N   . LYS A 1 44  ? 29.036  13.261  9.939   1.00 32.57 ? 44  LYS A N   1 
ATOM   300  C  CA  . LYS A 1 44  ? 30.289  12.610  9.569   1.00 34.71 ? 44  LYS A CA  1 
ATOM   301  C  C   . LYS A 1 44  ? 31.336  13.627  9.119   1.00 33.48 ? 44  LYS A C   1 
ATOM   302  O  O   . LYS A 1 44  ? 32.468  13.589  9.594   1.00 31.77 ? 44  LYS A O   1 
ATOM   303  C  CB  . LYS A 1 44  ? 30.041  11.575  8.457   1.00 37.69 ? 44  LYS A CB  1 
ATOM   304  C  CG  . LYS A 1 44  ? 31.136  10.525  8.295   1.00 40.13 ? 44  LYS A CG  1 
ATOM   305  C  CD  . LYS A 1 44  ? 31.205  9.593   9.503   1.00 42.23 ? 44  LYS A CD  1 
ATOM   306  C  CE  . LYS A 1 44  ? 31.897  8.277   9.175   1.00 43.96 ? 44  LYS A CE  1 
ATOM   307  N  NZ  . LYS A 1 44  ? 31.759  7.313   10.301  1.00 45.16 ? 44  LYS A NZ  1 
ATOM   308  N  N   . THR A 1 45  ? 30.949  14.526  8.209   1.00 32.90 ? 45  THR A N   1 
ATOM   309  C  CA  . THR A 1 45  ? 31.844  15.583  7.717   1.00 33.02 ? 45  THR A CA  1 
ATOM   310  C  C   . THR A 1 45  ? 32.421  16.455  8.835   1.00 34.35 ? 45  THR A C   1 
ATOM   311  O  O   . THR A 1 45  ? 33.585  16.855  8.778   1.00 36.32 ? 45  THR A O   1 
ATOM   312  C  CB  . THR A 1 45  ? 31.134  16.516  6.730   1.00 32.83 ? 45  THR A CB  1 
ATOM   313  O  OG1 . THR A 1 45  ? 29.859  16.894  7.264   1.00 32.78 ? 45  THR A OG1 1 
ATOM   314  C  CG2 . THR A 1 45  ? 30.959  15.829  5.382   1.00 33.04 ? 45  THR A CG2 1 
ATOM   315  N  N   . LEU A 1 46  ? 31.597  16.734  9.842   1.00 33.54 ? 46  LEU A N   1 
ATOM   316  C  CA  . LEU A 1 46  ? 31.989  17.537  10.998  1.00 32.29 ? 46  LEU A CA  1 
ATOM   317  C  C   . LEU A 1 46  ? 33.093  16.880  11.823  1.00 32.55 ? 46  LEU A C   1 
ATOM   318  O  O   . LEU A 1 46  ? 34.065  17.533  12.200  1.00 31.99 ? 46  LEU A O   1 
ATOM   319  C  CB  . LEU A 1 46  ? 30.763  17.782  11.882  1.00 31.49 ? 46  LEU A CB  1 
ATOM   320  C  CG  . LEU A 1 46  ? 30.880  18.659  13.123  1.00 30.33 ? 46  LEU A CG  1 
ATOM   321  C  CD1 . LEU A 1 46  ? 31.409  20.033  12.763  1.00 30.30 ? 46  LEU A CD1 1 
ATOM   322  C  CD2 . LEU A 1 46  ? 29.514  18.762  13.772  1.00 29.92 ? 46  LEU A CD2 1 
ATOM   323  N  N   . ALA A 1 47  ? 32.931  15.593  12.108  1.00 32.82 ? 47  ALA A N   1 
ATOM   324  C  CA  . ALA A 1 47  ? 33.950  14.833  12.814  1.00 33.15 ? 47  ALA A CA  1 
ATOM   325  C  C   . ALA A 1 47  ? 35.228  14.706  11.980  1.00 35.56 ? 47  ALA A C   1 
ATOM   326  O  O   . ALA A 1 47  ? 36.328  14.732  12.519  1.00 36.99 ? 47  ALA A O   1 
ATOM   327  C  CB  . ALA A 1 47  ? 33.423  13.467  13.185  1.00 32.72 ? 47  ALA A CB  1 
ATOM   328  N  N   . GLU A 1 48  ? 35.079  14.569  10.667  1.00 37.51 ? 48  GLU A N   1 
ATOM   329  C  CA  . GLU A 1 48  ? 36.225  14.536  9.766   1.00 39.65 ? 48  GLU A CA  1 
ATOM   330  C  C   . GLU A 1 48  ? 36.939  15.890  9.796   1.00 39.60 ? 48  GLU A C   1 
ATOM   331  O  O   . GLU A 1 48  ? 38.170  15.937  9.834   1.00 38.38 ? 48  GLU A O   1 
ATOM   332  C  CB  . GLU A 1 48  ? 35.778  14.170  8.335   1.00 41.80 ? 48  GLU A CB  1 
ATOM   333  C  CG  . GLU A 1 48  ? 36.883  14.114  7.270   1.00 42.98 ? 48  GLU A CG  1 
ATOM   334  C  CD  . GLU A 1 48  ? 37.911  13.002  7.488   1.00 44.61 ? 48  GLU A CD  1 
ATOM   335  O  OE1 . GLU A 1 48  ? 37.577  11.967  8.115   1.00 46.20 ? 48  GLU A OE1 1 
ATOM   336  O  OE2 . GLU A 1 48  ? 39.065  13.157  7.016   1.00 43.87 ? 48  GLU A OE2 1 
ATOM   337  N  N   . ARG A 1 49  ? 36.162  16.980  9.791   1.00 40.06 ? 49  ARG A N   1 
ATOM   338  C  CA  . ARG A 1 49  ? 36.716  18.353  9.802   1.00 40.41 ? 49  ARG A CA  1 
ATOM   339  C  C   . ARG A 1 49  ? 37.614  18.657  11.007  1.00 38.49 ? 49  ARG A C   1 
ATOM   340  O  O   . ARG A 1 49  ? 38.512  19.483  10.890  1.00 37.77 ? 49  ARG A O   1 
ATOM   341  C  CB  . ARG A 1 49  ? 35.613  19.435  9.667   1.00 42.44 ? 49  ARG A CB  1 
ATOM   342  C  CG  . ARG A 1 49  ? 35.547  20.075  8.282   1.00 44.71 ? 49  ARG A CG  1 
ATOM   343  C  CD  . ARG A 1 49  ? 34.391  21.061  8.097   1.00 46.67 ? 49  ARG A CD  1 
ATOM   344  N  NE  . ARG A 1 49  ? 33.263  20.490  7.341   1.00 50.71 ? 49  ARG A NE  1 
ATOM   345  C  CZ  . ARG A 1 49  ? 33.245  20.239  6.020   1.00 51.90 ? 49  ARG A CZ  1 
ATOM   346  N  NH1 . ARG A 1 49  ? 34.306  20.488  5.247   1.00 52.96 ? 49  ARG A NH1 1 
ATOM   347  N  NH2 . ARG A 1 49  ? 32.153  19.716  5.459   1.00 51.03 ? 49  ARG A NH2 1 
ATOM   348  N  N   . TYR A 1 50  ? 37.379  17.989  12.138  1.00 36.22 ? 50  TYR A N   1 
ATOM   349  C  CA  . TYR A 1 50  ? 38.136  18.219  13.370  1.00 35.79 ? 50  TYR A CA  1 
ATOM   350  C  C   . TYR A 1 50  ? 38.624  16.903  13.988  1.00 37.48 ? 50  TYR A C   1 
ATOM   351  O  O   . TYR A 1 50  ? 38.639  16.741  15.209  1.00 37.04 ? 50  TYR A O   1 
ATOM   352  C  CB  . TYR A 1 50  ? 37.258  18.987  14.364  1.00 33.75 ? 50  TYR A CB  1 
ATOM   353  C  CG  . TYR A 1 50  ? 36.640  20.243  13.796  1.00 31.83 ? 50  TYR A CG  1 
ATOM   354  C  CD1 . TYR A 1 50  ? 37.414  21.377  13.558  1.00 30.93 ? 50  TYR A CD1 1 
ATOM   355  C  CD2 . TYR A 1 50  ? 35.285  20.303  13.493  1.00 31.51 ? 50  TYR A CD2 1 
ATOM   356  C  CE1 . TYR A 1 50  ? 36.853  22.536  13.034  1.00 30.75 ? 50  TYR A CE1 1 
ATOM   357  C  CE2 . TYR A 1 50  ? 34.714  21.461  12.971  1.00 31.19 ? 50  TYR A CE2 1 
ATOM   358  C  CZ  . TYR A 1 50  ? 35.498  22.575  12.743  1.00 30.74 ? 50  TYR A CZ  1 
ATOM   359  O  OH  . TYR A 1 50  ? 34.921  23.712  12.217  1.00 29.87 ? 50  TYR A OH  1 
ATOM   360  N  N   . LYS A 1 51  ? 39.042  15.972  13.131  1.00 39.77 ? 51  LYS A N   1 
ATOM   361  C  CA  . LYS A 1 51  ? 39.411  14.615  13.572  1.00 39.72 ? 51  LYS A CA  1 
ATOM   362  C  C   . LYS A 1 51  ? 40.744  14.585  14.316  1.00 38.80 ? 51  LYS A C   1 
ATOM   363  O  O   . LYS A 1 51  ? 40.922  13.786  15.232  1.00 39.91 ? 51  LYS A O   1 
ATOM   364  C  CB  . LYS A 1 51  ? 39.389  13.601  12.404  1.00 39.44 ? 51  LYS A CB  1 
ATOM   365  C  CG  . LYS A 1 51  ? 40.427  13.783  11.301  1.00 39.53 ? 51  LYS A CG  1 
ATOM   366  C  CD  . LYS A 1 51  ? 40.357  12.627  10.306  1.00 40.20 ? 51  LYS A CD  1 
ATOM   367  C  CE  . LYS A 1 51  ? 41.431  12.721  9.225   1.00 40.83 ? 51  LYS A CE  1 
ATOM   368  N  NZ  . LYS A 1 51  ? 41.736  11.406  8.585   1.00 40.50 ? 51  LYS A NZ  1 
ATOM   369  N  N   . ASP A 1 52  ? 41.666  15.458  13.927  1.00 38.13 ? 52  ASP A N   1 
ATOM   370  C  CA  . ASP A 1 52  ? 42.959  15.574  14.602  1.00 38.46 ? 52  ASP A CA  1 
ATOM   371  C  C   . ASP A 1 52  ? 42.837  16.154  16.013  1.00 37.78 ? 52  ASP A C   1 
ATOM   372  O  O   . ASP A 1 52  ? 43.436  15.637  16.964  1.00 37.19 ? 52  ASP A O   1 
ATOM   373  C  CB  . ASP A 1 52  ? 43.907  16.461  13.783  1.00 39.91 ? 52  ASP A CB  1 
ATOM   374  C  CG  . ASP A 1 52  ? 44.256  15.859  12.429  1.00 41.53 ? 52  ASP A CG  1 
ATOM   375  O  OD1 . ASP A 1 52  ? 43.510  14.973  11.945  1.00 42.95 ? 52  ASP A OD1 1 
ATOM   376  O  OD2 . ASP A 1 52  ? 45.279  16.280  11.847  1.00 40.99 ? 52  ASP A OD2 1 
ATOM   377  N  N   . ASP A 1 53  ? 42.051  17.226  16.129  1.00 36.79 ? 53  ASP A N   1 
ATOM   378  C  CA  . ASP A 1 53  ? 42.014  18.069  17.331  1.00 34.22 ? 53  ASP A CA  1 
ATOM   379  C  C   . ASP A 1 53  ? 40.956  17.662  18.339  1.00 32.86 ? 53  ASP A C   1 
ATOM   380  O  O   . ASP A 1 53  ? 41.200  17.716  19.542  1.00 31.79 ? 53  ASP A O   1 
ATOM   381  C  CB  . ASP A 1 53  ? 41.802  19.522  16.917  1.00 33.41 ? 53  ASP A CB  1 
ATOM   382  C  CG  . ASP A 1 53  ? 42.937  20.037  16.081  1.00 32.61 ? 53  ASP A CG  1 
ATOM   383  O  OD1 . ASP A 1 53  ? 44.031  20.230  16.639  1.00 33.35 ? 53  ASP A OD1 1 
ATOM   384  O  OD2 . ASP A 1 53  ? 42.754  20.220  14.869  1.00 32.35 ? 53  ASP A OD2 1 
ATOM   385  N  N   . ILE A 1 54  ? 39.787  17.267  17.845  1.00 32.17 ? 54  ILE A N   1 
ATOM   386  C  CA  . ILE A 1 54  ? 38.649  16.977  18.694  1.00 31.93 ? 54  ILE A CA  1 
ATOM   387  C  C   . ILE A 1 54  ? 38.280  15.519  18.461  1.00 33.14 ? 54  ILE A C   1 
ATOM   388  O  O   . ILE A 1 54  ? 37.617  15.160  17.494  1.00 33.76 ? 54  ILE A O   1 
ATOM   389  C  CB  . ILE A 1 54  ? 37.482  17.954  18.445  1.00 31.74 ? 54  ILE A CB  1 
ATOM   390  C  CG1 . ILE A 1 54  ? 38.036  19.371  18.154  1.00 31.46 ? 54  ILE A CG1 1 
ATOM   391  C  CG2 . ILE A 1 54  ? 36.543  17.937  19.647  1.00 31.64 ? 54  ILE A CG2 1 
ATOM   392  C  CD1 . ILE A 1 54  ? 37.034  20.501  18.139  1.00 31.33 ? 54  ILE A CD1 1 
ATOM   393  N  N   . THR A 1 55  ? 38.758  14.690  19.378  1.00 34.12 ? 55  THR A N   1 
ATOM   394  C  CA  . THR A 1 55  ? 38.632  13.245  19.315  1.00 34.21 ? 55  THR A CA  1 
ATOM   395  C  C   . THR A 1 55  ? 37.209  12.771  19.670  1.00 35.09 ? 55  THR A C   1 
ATOM   396  O  O   . THR A 1 55  ? 36.740  11.759  19.127  1.00 35.90 ? 55  THR A O   1 
ATOM   397  C  CB  . THR A 1 55  ? 39.734  12.606  20.203  1.00 33.69 ? 55  THR A CB  1 
ATOM   398  O  OG1 . THR A 1 55  ? 40.968  12.632  19.475  1.00 33.26 ? 55  THR A OG1 1 
ATOM   399  C  CG2 . THR A 1 55  ? 39.420  11.168  20.627  1.00 33.75 ? 55  THR A CG2 1 
ATOM   400  N  N   . ALA A 1 56  ? 36.530  13.497  20.559  1.00 34.31 ? 56  ALA A N   1 
ATOM   401  C  CA  . ALA A 1 56  ? 35.206  13.096  21.045  1.00 34.60 ? 56  ALA A CA  1 
ATOM   402  C  C   . ALA A 1 56  ? 34.117  13.186  19.977  1.00 34.20 ? 56  ALA A C   1 
ATOM   403  O  O   . ALA A 1 56  ? 33.148  12.437  20.039  1.00 34.79 ? 56  ALA A O   1 
ATOM   404  C  CB  . ALA A 1 56  ? 34.817  13.914  22.270  1.00 35.10 ? 56  ALA A CB  1 
ATOM   405  N  N   . LEU A 1 57  ? 34.286  14.086  19.005  1.00 33.83 ? 57  LEU A N   1 
ATOM   406  C  CA  . LEU A 1 57  ? 33.365  14.219  17.853  1.00 34.01 ? 57  LEU A CA  1 
ATOM   407  C  C   . LEU A 1 57  ? 33.105  12.932  17.050  1.00 35.44 ? 57  LEU A C   1 
ATOM   408  O  O   . LEU A 1 57  ? 32.079  12.825  16.386  1.00 35.97 ? 57  LEU A O   1 
ATOM   409  C  CB  . LEU A 1 57  ? 33.861  15.306  16.882  1.00 33.25 ? 57  LEU A CB  1 
ATOM   410  C  CG  . LEU A 1 57  ? 33.600  16.767  17.254  1.00 32.93 ? 57  LEU A CG  1 
ATOM   411  C  CD1 . LEU A 1 57  ? 34.356  17.708  16.334  1.00 33.09 ? 57  LEU A CD1 1 
ATOM   412  C  CD2 . LEU A 1 57  ? 32.122  17.101  17.194  1.00 33.10 ? 57  LEU A CD2 1 
ATOM   413  N  N   . ALA A 1 58  ? 34.044  11.984  17.097  1.00 36.76 ? 58  ALA A N   1 
ATOM   414  C  CA  . ALA A 1 58  ? 33.895  10.654  16.482  1.00 35.44 ? 58  ALA A CA  1 
ATOM   415  C  C   . ALA A 1 58  ? 32.822  9.764   17.117  1.00 35.54 ? 58  ALA A C   1 
ATOM   416  O  O   . ALA A 1 58  ? 32.388  8.792   16.494  1.00 36.18 ? 58  ALA A O   1 
ATOM   417  C  CB  . ALA A 1 58  ? 35.232  9.923   16.516  1.00 35.47 ? 58  ALA A CB  1 
ATOM   418  N  N   . VAL A 1 59  ? 32.412  10.076  18.347  1.00 35.13 ? 59  VAL A N   1 
ATOM   419  C  CA  . VAL A 1 59  ? 31.416  9.281   19.073  1.00 34.94 ? 59  VAL A CA  1 
ATOM   420  C  C   . VAL A 1 59  ? 30.028  9.461   18.448  1.00 35.19 ? 59  VAL A C   1 
ATOM   421  O  O   . VAL A 1 59  ? 29.184  8.560   18.547  1.00 35.82 ? 59  VAL A O   1 
ATOM   422  C  CB  . VAL A 1 59  ? 31.377  9.666   20.582  1.00 36.13 ? 59  VAL A CB  1 
ATOM   423  C  CG1 . VAL A 1 59  ? 30.348  8.843   21.362  1.00 35.82 ? 59  VAL A CG1 1 
ATOM   424  C  CG2 . VAL A 1 59  ? 32.752  9.484   21.228  1.00 37.11 ? 59  VAL A CG2 1 
ATOM   425  N  N   . LEU A 1 60  ? 29.811  10.611  17.793  1.00 34.15 ? 60  LEU A N   1 
ATOM   426  C  CA  . LEU A 1 60  ? 28.494  11.008  17.295  1.00 32.97 ? 60  LEU A CA  1 
ATOM   427  C  C   . LEU A 1 60  ? 27.993  10.285  16.030  1.00 33.87 ? 60  LEU A C   1 
ATOM   428  O  O   . LEU A 1 60  ? 26.858  9.777   16.041  1.00 31.65 ? 60  LEU A O   1 
ATOM   429  C  CB  . LEU A 1 60  ? 28.423  12.532  17.096  1.00 32.23 ? 60  LEU A CB  1 
ATOM   430  C  CG  . LEU A 1 60  ? 27.059  13.101  16.678  1.00 31.88 ? 60  LEU A CG  1 
ATOM   431  C  CD1 . LEU A 1 60  ? 25.992  12.767  17.714  1.00 31.93 ? 60  LEU A CD1 1 
ATOM   432  C  CD2 . LEU A 1 60  ? 27.115  14.603  16.431  1.00 31.26 ? 60  LEU A CD2 1 
ATOM   433  N  N   . PRO A 1 61  ? 28.802  10.254  14.940  1.00 34.23 ? 61  PRO A N   1 
ATOM   434  C  CA  . PRO A 1 61  ? 28.291  9.612   13.717  1.00 35.60 ? 61  PRO A CA  1 
ATOM   435  C  C   . PRO A 1 61  ? 27.742  8.182   13.902  1.00 35.58 ? 61  PRO A C   1 
ATOM   436  O  O   . PRO A 1 61  ? 26.638  7.924   13.428  1.00 35.90 ? 61  PRO A O   1 
ATOM   437  C  CB  . PRO A 1 61  ? 29.479  9.667   12.734  1.00 35.37 ? 61  PRO A CB  1 
ATOM   438  C  CG  . PRO A 1 61  ? 30.384  10.719  13.262  1.00 34.63 ? 61  PRO A CG  1 
ATOM   439  C  CD  . PRO A 1 61  ? 30.165  10.784  14.746  1.00 34.42 ? 61  PRO A CD  1 
ATOM   440  N  N   . PRO A 1 62  ? 28.468  7.286   14.613  1.00 36.08 ? 62  PRO A N   1 
ATOM   441  C  CA  . PRO A 1 62  ? 27.900  5.972   14.953  1.00 36.49 ? 62  PRO A CA  1 
ATOM   442  C  C   . PRO A 1 62  ? 26.494  5.980   15.566  1.00 36.98 ? 62  PRO A C   1 
ATOM   443  O  O   . PRO A 1 62  ? 25.700  5.111   15.234  1.00 37.79 ? 62  PRO A O   1 
ATOM   444  C  CB  . PRO A 1 62  ? 28.910  5.412   15.964  1.00 36.20 ? 62  PRO A CB  1 
ATOM   445  C  CG  . PRO A 1 62  ? 30.203  5.993   15.533  1.00 35.57 ? 62  PRO A CG  1 
ATOM   446  C  CD  . PRO A 1 62  ? 29.867  7.389   15.085  1.00 36.00 ? 62  PRO A CD  1 
ATOM   447  N  N   . ARG A 1 63  ? 26.194  6.940   16.436  1.00 38.65 ? 63  ARG A N   1 
ATOM   448  C  CA  . ARG A 1 63  ? 24.842  7.060   17.031  1.00 41.05 ? 63  ARG A CA  1 
ATOM   449  C  C   . ARG A 1 63  ? 23.764  7.453   16.023  1.00 38.87 ? 63  ARG A C   1 
ATOM   450  O  O   . ARG A 1 63  ? 22.632  6.977   16.108  1.00 37.88 ? 63  ARG A O   1 
ATOM   451  C  CB  . ARG A 1 63  ? 24.835  8.054   18.214  1.00 44.81 ? 63  ARG A CB  1 
ATOM   452  C  CG  . ARG A 1 63  ? 24.944  7.375   19.581  1.00 49.39 ? 63  ARG A CG  1 
ATOM   453  C  CD  . ARG A 1 63  ? 26.021  7.947   20.491  1.00 52.58 ? 63  ARG A CD  1 
ATOM   454  N  NE  . ARG A 1 63  ? 25.527  9.065   21.302  1.00 55.45 ? 63  ARG A NE  1 
ATOM   455  C  CZ  . ARG A 1 63  ? 26.005  9.429   22.497  1.00 56.36 ? 63  ARG A CZ  1 
ATOM   456  N  NH1 . ARG A 1 63  ? 25.459  10.472  23.124  1.00 56.60 ? 63  ARG A NH1 1 
ATOM   457  N  NH2 . ARG A 1 63  ? 27.012  8.770   23.083  1.00 55.28 ? 63  ARG A NH2 1 
ATOM   458  N  N   . VAL A 1 64  ? 24.139  8.323   15.087  1.00 37.87 ? 64  VAL A N   1 
ATOM   459  C  CA  . VAL A 1 64  ? 23.261  8.808   14.020  1.00 36.38 ? 64  VAL A CA  1 
ATOM   460  C  C   . VAL A 1 64  ? 23.117  7.746   12.919  1.00 35.80 ? 64  VAL A C   1 
ATOM   461  O  O   . VAL A 1 64  ? 22.107  7.703   12.214  1.00 33.84 ? 64  VAL A O   1 
ATOM   462  C  CB  . VAL A 1 64  ? 23.809  10.124  13.410  1.00 36.50 ? 64  VAL A CB  1 
ATOM   463  C  CG1 . VAL A 1 64  ? 22.886  10.669  12.319  1.00 36.96 ? 64  VAL A CG1 1 
ATOM   464  C  CG2 . VAL A 1 64  ? 23.992  11.183  14.489  1.00 36.51 ? 64  VAL A CG2 1 
ATOM   465  N  N   . ASP A 1 65  ? 24.133  6.900   12.776  1.00 36.04 ? 65  ASP A N   1 
ATOM   466  C  CA  . ASP A 1 65  ? 24.112  5.809   11.806  1.00 36.18 ? 65  ASP A CA  1 
ATOM   467  C  C   . ASP A 1 65  ? 23.275  4.623   12.265  1.00 35.85 ? 65  ASP A C   1 
ATOM   468  O  O   . ASP A 1 65  ? 22.612  3.984   11.448  1.00 34.83 ? 65  ASP A O   1 
ATOM   469  C  CB  . ASP A 1 65  ? 25.532  5.334   11.506  1.00 36.19 ? 65  ASP A CB  1 
ATOM   470  C  CG  . ASP A 1 65  ? 25.625  4.601   10.188  1.00 36.73 ? 65  ASP A CG  1 
ATOM   471  O  OD1 . ASP A 1 65  ? 25.319  5.203   9.131   1.00 34.92 ? 65  ASP A OD1 1 
ATOM   472  O  OD2 . ASP A 1 65  ? 26.011  3.417   10.214  1.00 39.16 ? 65  ASP A OD2 1 
ATOM   473  N  N   . GLU A 1 66  ? 23.321  4.304   13.557  1.00 36.48 ? 66  GLU A N   1 
ATOM   474  C  CA  . GLU A 1 66  ? 22.493  3.210   14.086  1.00 37.25 ? 66  GLU A CA  1 
ATOM   475  C  C   . GLU A 1 66  ? 21.022  3.526   13.911  1.00 35.42 ? 66  GLU A C   1 
ATOM   476  O  O   . GLU A 1 66  ? 20.232  2.621   13.620  1.00 35.54 ? 66  GLU A O   1 
ATOM   477  C  CB  . GLU A 1 66  ? 22.792  2.889   15.561  1.00 38.12 ? 66  GLU A CB  1 
ATOM   478  C  CG  . GLU A 1 66  ? 24.153  2.253   15.815  1.00 41.01 ? 66  GLU A CG  1 
ATOM   479  C  CD  . GLU A 1 66  ? 24.522  1.182   14.800  1.00 43.98 ? 66  GLU A CD  1 
ATOM   480  O  OE1 . GLU A 1 66  ? 23.984  0.059   14.902  1.00 47.60 ? 66  GLU A OE1 1 
ATOM   481  O  OE2 . GLU A 1 66  ? 25.344  1.463   13.895  1.00 45.87 ? 66  GLU A OE2 1 
ATOM   482  N  N   . PHE A 1 67  ? 20.660  4.800   14.071  1.00 32.43 ? 67  PHE A N   1 
ATOM   483  C  CA  . PHE A 1 67  ? 19.291  5.219   13.833  1.00 30.97 ? 67  PHE A CA  1 
ATOM   484  C  C   . PHE A 1 67  ? 18.917  5.157   12.349  1.00 30.55 ? 67  PHE A C   1 
ATOM   485  O  O   . PHE A 1 67  ? 17.854  4.654   12.012  1.00 33.44 ? 67  PHE A O   1 
ATOM   486  C  CB  . PHE A 1 67  ? 19.007  6.611   14.388  1.00 30.15 ? 67  PHE A CB  1 
ATOM   487  C  CG  . PHE A 1 67  ? 17.669  7.130   13.981  1.00 29.77 ? 67  PHE A CG  1 
ATOM   488  C  CD1 . PHE A 1 67  ? 16.523  6.679   14.616  1.00 30.17 ? 67  PHE A CD1 1 
ATOM   489  C  CD2 . PHE A 1 67  ? 17.545  8.007   12.903  1.00 29.35 ? 67  PHE A CD2 1 
ATOM   490  C  CE1 . PHE A 1 67  ? 15.278  7.124   14.214  1.00 30.16 ? 67  PHE A CE1 1 
ATOM   491  C  CE2 . PHE A 1 67  ? 16.307  8.460   12.500  1.00 29.09 ? 67  PHE A CE2 1 
ATOM   492  C  CZ  . PHE A 1 67  ? 15.171  8.021   13.157  1.00 30.08 ? 67  PHE A CZ  1 
ATOM   493  N  N   . ALA A 1 68  ? 19.783  5.677   11.481  1.00 29.44 ? 68  ALA A N   1 
ATOM   494  C  CA  . ALA A 1 68  ? 19.575  5.681   10.024  1.00 28.44 ? 68  ALA A CA  1 
ATOM   495  C  C   . ALA A 1 68  ? 19.217  4.310   9.451   1.00 28.38 ? 68  ALA A C   1 
ATOM   496  O  O   . ALA A 1 68  ? 18.406  4.199   8.527   1.00 29.05 ? 68  ALA A O   1 
ATOM   497  C  CB  . ALA A 1 68  ? 20.823  6.207   9.330   1.00 28.20 ? 68  ALA A CB  1 
ATOM   498  N  N   . LYS A 1 69  ? 19.840  3.280   10.003  1.00 27.55 ? 69  LYS A N   1 
ATOM   499  C  CA  . LYS A 1 69  ? 19.592  1.913   9.596   1.00 27.78 ? 69  LYS A CA  1 
ATOM   500  C  C   . LYS A 1 69  ? 18.267  1.375   10.143  1.00 28.60 ? 69  LYS A C   1 
ATOM   501  O  O   . LYS A 1 69  ? 17.546  0.670   9.426   1.00 30.02 ? 69  LYS A O   1 
ATOM   502  C  CB  . LYS A 1 69  ? 20.776  1.035   9.985   1.00 27.24 ? 69  LYS A CB  1 
ATOM   503  C  CG  . LYS A 1 69  ? 21.971  1.299   9.085   1.00 27.41 ? 69  LYS A CG  1 
ATOM   504  C  CD  . LYS A 1 69  ? 23.239  0.657   9.600   1.00 27.97 ? 69  LYS A CD  1 
ATOM   505  C  CE  . LYS A 1 69  ? 24.368  0.839   8.599   1.00 28.56 ? 69  LYS A CE  1 
ATOM   506  N  NZ  . LYS A 1 69  ? 25.665  0.284   9.089   1.00 28.77 ? 69  LYS A NZ  1 
ATOM   507  N  N   . SER A 1 70  ? 17.944  1.706   11.395  1.00 27.98 ? 70  SER A N   1 
ATOM   508  C  CA  . SER A 1 70  ? 16.601  1.461   11.937  1.00 27.72 ? 70  SER A CA  1 
ATOM   509  C  C   . SER A 1 70  ? 15.544  2.128   11.067  1.00 26.94 ? 70  SER A C   1 
ATOM   510  O  O   . SER A 1 70  ? 14.490  1.545   10.818  1.00 26.43 ? 70  SER A O   1 
ATOM   511  C  CB  . SER A 1 70  ? 16.458  1.993   13.367  1.00 28.07 ? 70  SER A CB  1 
ATOM   512  O  OG  . SER A 1 70  ? 17.570  1.645   14.166  1.00 29.75 ? 70  SER A OG  1 
ATOM   513  N  N   . PHE A 1 71  ? 15.845  3.349   10.614  1.00 26.27 ? 71  PHE A N   1 
ATOM   514  C  CA  . PHE A 1 71  ? 14.919  4.123   9.794   1.00 25.14 ? 71  PHE A CA  1 
ATOM   515  C  C   . PHE A 1 71  ? 14.682  3.454   8.455   1.00 24.82 ? 71  PHE A C   1 
ATOM   516  O  O   . PHE A 1 71  ? 13.546  3.383   8.014   1.00 24.55 ? 71  PHE A O   1 
ATOM   517  C  CB  . PHE A 1 71  ? 15.396  5.569   9.581   1.00 24.29 ? 71  PHE A CB  1 
ATOM   518  C  CG  . PHE A 1 71  ? 14.336  6.461   8.983   1.00 23.77 ? 71  PHE A CG  1 
ATOM   519  C  CD1 . PHE A 1 71  ? 13.148  6.691   9.673   1.00 23.90 ? 71  PHE A CD1 1 
ATOM   520  C  CD2 . PHE A 1 71  ? 14.494  7.038   7.725   1.00 23.00 ? 71  PHE A CD2 1 
ATOM   521  C  CE1 . PHE A 1 71  ? 12.151  7.488   9.130   1.00 23.87 ? 71  PHE A CE1 1 
ATOM   522  C  CE2 . PHE A 1 71  ? 13.497  7.840   7.181   1.00 23.13 ? 71  PHE A CE2 1 
ATOM   523  C  CZ  . PHE A 1 71  ? 12.324  8.065   7.878   1.00 23.39 ? 71  PHE A CZ  1 
ATOM   524  N  N   . ASN A 1 72  ? 15.752  2.972   7.824   1.00 25.47 ? 72  ASN A N   1 
ATOM   525  C  CA  . ASN A 1 72  ? 15.654  2.232   6.554   1.00 25.79 ? 72  ASN A CA  1 
ATOM   526  C  C   . ASN A 1 72  ? 14.781  0.989   6.658   1.00 25.39 ? 72  ASN A C   1 
ATOM   527  O  O   . ASN A 1 72  ? 14.015  0.721   5.749   1.00 24.50 ? 72  ASN A O   1 
ATOM   528  C  CB  . ASN A 1 72  ? 17.029  1.802   6.051   1.00 26.61 ? 72  ASN A CB  1 
ATOM   529  C  CG  . ASN A 1 72  ? 17.864  2.958   5.538   1.00 28.01 ? 72  ASN A CG  1 
ATOM   530  O  OD1 . ASN A 1 72  ? 17.359  3.882   4.876   1.00 27.90 ? 72  ASN A OD1 1 
ATOM   531  N  ND2 . ASN A 1 72  ? 19.171  2.902   5.814   1.00 29.36 ? 72  ASN A ND2 1 
ATOM   532  N  N   . ASP A 1 73  ? 14.903  0.242   7.761   1.00 24.86 ? 73  ASP A N   1 
ATOM   533  C  CA  . ASP A 1 73  ? 14.048  -0.933  8.005   1.00 24.95 ? 73  ASP A CA  1 
ATOM   534  C  C   . ASP A 1 73  ? 12.555  -0.613  8.067   1.00 23.35 ? 73  ASP A C   1 
ATOM   535  O  O   . ASP A 1 73  ? 11.726  -1.391  7.593   1.00 22.78 ? 73  ASP A O   1 
ATOM   536  C  CB  . ASP A 1 73  ? 14.445  -1.640  9.308   1.00 25.90 ? 73  ASP A CB  1 
ATOM   537  C  CG  . ASP A 1 73  ? 15.721  -2.435  9.177   1.00 26.36 ? 73  ASP A CG  1 
ATOM   538  O  OD1 . ASP A 1 73  ? 16.513  -2.134  8.256   1.00 26.34 ? 73  ASP A OD1 1 
ATOM   539  O  OD2 . ASP A 1 73  ? 15.922  -3.361  10.003  1.00 26.37 ? 73  ASP A OD2 1 
ATOM   540  N  N   . ILE A 1 74  ? 12.232  0.515   8.679   1.00 22.22 ? 74  ILE A N   1 
ATOM   541  C  CA  . ILE A 1 74  ? 10.855  0.991   8.778   1.00 22.09 ? 74  ILE A CA  1 
ATOM   542  C  C   . ILE A 1 74  ? 10.325  1.376   7.395   1.00 21.13 ? 74  ILE A C   1 
ATOM   543  O  O   . ILE A 1 74  ? 9.202   1.021   7.026   1.00 20.82 ? 74  ILE A O   1 
ATOM   544  C  CB  . ILE A 1 74  ? 10.764  2.175   9.764   1.00 22.66 ? 74  ILE A CB  1 
ATOM   545  C  CG1 . ILE A 1 74  ? 10.980  1.657   11.199  1.00 23.09 ? 74  ILE A CG1 1 
ATOM   546  C  CG2 . ILE A 1 74  ? 9.431   2.898   9.641   1.00 22.90 ? 74  ILE A CG2 1 
ATOM   547  C  CD1 . ILE A 1 74  ? 11.194  2.736   12.242  1.00 23.40 ? 74  ILE A CD1 1 
ATOM   548  N  N   . LEU A 1 75  ? 11.151  2.089   6.640   1.00 20.06 ? 75  LEU A N   1 
ATOM   549  C  CA  . LEU A 1 75  ? 10.836  2.432   5.258   1.00 19.76 ? 75  LEU A CA  1 
ATOM   550  C  C   . LEU A 1 75  ? 10.609  1.189   4.373   1.00 18.47 ? 75  LEU A C   1 
ATOM   551  O  O   . LEU A 1 75  ? 9.738   1.221   3.497   1.00 18.87 ? 75  LEU A O   1 
ATOM   552  C  CB  . LEU A 1 75  ? 11.936  3.328   4.652   1.00 20.09 ? 75  LEU A CB  1 
ATOM   553  C  CG  . LEU A 1 75  ? 12.132  4.757   5.205   1.00 20.50 ? 75  LEU A CG  1 
ATOM   554  C  CD1 . LEU A 1 75  ? 13.385  5.395   4.610   1.00 20.63 ? 75  LEU A CD1 1 
ATOM   555  C  CD2 . LEU A 1 75  ? 10.933  5.639   4.928   1.00 20.42 ? 75  LEU A CD2 1 
ATOM   556  N  N   . TRP A 1 76  ? 11.385  0.125   4.598   1.00 16.70 ? 76  TRP A N   1 
ATOM   557  C  CA  . TRP A 1 76  ? 11.199  -1.157  3.896   1.00 15.89 ? 76  TRP A CA  1 
ATOM   558  C  C   . TRP A 1 76  ? 10.023  -1.985  4.432   1.00 15.43 ? 76  TRP A C   1 
ATOM   559  O  O   . TRP A 1 76  ? 9.421   -2.746  3.681   1.00 15.60 ? 76  TRP A O   1 
ATOM   560  C  CB  . TRP A 1 76  ? 12.470  -2.008  3.917   1.00 15.59 ? 76  TRP A CB  1 
ATOM   561  C  CG  . TRP A 1 76  ? 13.458  -1.627  2.874   1.00 15.40 ? 76  TRP A CG  1 
ATOM   562  C  CD1 . TRP A 1 76  ? 14.309  -0.557  2.895   1.00 15.70 ? 76  TRP A CD1 1 
ATOM   563  C  CD2 . TRP A 1 76  ? 13.721  -2.319  1.655   1.00 15.29 ? 76  TRP A CD2 1 
ATOM   564  N  NE1 . TRP A 1 76  ? 15.079  -0.533  1.760   1.00 15.74 ? 76  TRP A NE1 1 
ATOM   565  C  CE2 . TRP A 1 76  ? 14.734  -1.601  0.975   1.00 15.59 ? 76  TRP A CE2 1 
ATOM   566  C  CE3 . TRP A 1 76  ? 13.184  -3.461  1.052   1.00 15.23 ? 76  TRP A CE3 1 
ATOM   567  C  CZ2 . TRP A 1 76  ? 15.224  -1.997  -0.273  1.00 15.52 ? 76  TRP A CZ2 1 
ATOM   568  C  CZ3 . TRP A 1 76  ? 13.673  -3.854  -0.191  1.00 15.23 ? 76  TRP A CZ3 1 
ATOM   569  C  CH2 . TRP A 1 76  ? 14.688  -3.126  -0.836  1.00 15.39 ? 76  TRP A CH2 1 
ATOM   570  N  N   . ALA A 1 77  ? 9.706   -1.864  5.717   1.00 14.99 ? 77  ALA A N   1 
ATOM   571  C  CA  . ALA A 1 77  ? 8.472   -2.446  6.238   1.00 14.69 ? 77  ALA A CA  1 
ATOM   572  C  C   . ALA A 1 77  ? 7.283   -1.802  5.528   1.00 14.37 ? 77  ALA A C   1 
ATOM   573  O  O   . ALA A 1 77  ? 6.345   -2.497  5.142   1.00 14.81 ? 77  ALA A O   1 
ATOM   574  C  CB  . ALA A 1 77  ? 8.367   -2.258  7.743   1.00 14.63 ? 77  ALA A CB  1 
ATOM   575  N  N   . GLY A 1 78  ? 7.339   -0.481  5.348   1.00 13.81 ? 78  GLY A N   1 
ATOM   576  C  CA  . GLY A 1 78  ? 6.372   0.243   4.527   1.00 13.62 ? 78  GLY A CA  1 
ATOM   577  C  C   . GLY A 1 78  ? 6.277   -0.285  3.102   1.00 13.44 ? 78  GLY A C   1 
ATOM   578  O  O   . GLY A 1 78  ? 5.184   -0.532  2.594   1.00 13.19 ? 78  GLY A O   1 
ATOM   579  N  N   . ARG A 1 79  ? 7.422   -0.481  2.461   1.00 13.31 ? 79  ARG A N   1 
ATOM   580  C  CA  . ARG A 1 79  ? 7.432   -1.093  1.132   1.00 13.44 ? 79  ARG A CA  1 
ATOM   581  C  C   . ARG A 1 79  ? 6.716   -2.440  1.104   1.00 13.32 ? 79  ARG A C   1 
ATOM   582  O  O   . ARG A 1 79  ? 5.908   -2.685  0.216   1.00 13.65 ? 79  ARG A O   1 
ATOM   583  C  CB  . ARG A 1 79  ? 8.852   -1.282  0.601   1.00 13.39 ? 79  ARG A CB  1 
ATOM   584  C  CG  . ARG A 1 79  ? 8.858   -1.948  -0.764  1.00 13.21 ? 79  ARG A CG  1 
ATOM   585  C  CD  . ARG A 1 79  ? 10.234  -2.193  -1.344  1.00 13.18 ? 79  ARG A CD  1 
ATOM   586  N  NE  . ARG A 1 79  ? 10.072  -3.028  -2.533  1.00 13.42 ? 79  ARG A NE  1 
ATOM   587  C  CZ  . ARG A 1 79  ? 9.858   -4.352  -2.540  1.00 13.56 ? 79  ARG A CZ  1 
ATOM   588  N  NH1 . ARG A 1 79  ? 9.794   -5.063  -1.407  1.00 13.48 ? 79  ARG A NH1 1 
ATOM   589  N  NH2 . ARG A 1 79  ? 9.699   -4.979  -3.707  1.00 13.65 ? 79  ARG A NH2 1 
ATOM   590  N  N   . THR A 1 80  ? 7.020   -3.298  2.071   1.00 13.09 ? 80  THR A N   1 
ATOM   591  C  CA  . THR A 1 80  ? 6.436   -4.636  2.142   1.00 13.11 ? 80  THR A CA  1 
ATOM   592  C  C   . THR A 1 80  ? 4.914   -4.610  2.230   1.00 13.21 ? 80  THR A C   1 
ATOM   593  O  O   . THR A 1 80  ? 4.223   -5.357  1.522   1.00 13.37 ? 80  THR A O   1 
ATOM   594  C  CB  . THR A 1 80  ? 7.047   -5.415  3.317   1.00 13.14 ? 80  THR A CB  1 
ATOM   595  O  OG1 . THR A 1 80  ? 8.418   -5.676  3.007   1.00 13.36 ? 80  THR A OG1 1 
ATOM   596  C  CG2 . THR A 1 80  ? 6.330   -6.749  3.577   1.00 13.12 ? 80  THR A CG2 1 
ATOM   597  N  N   . SER A 1 81  ? 4.403   -3.753  3.099   1.00 13.29 ? 81  SER A N   1 
ATOM   598  C  CA  . SER A 1 81  ? 2.967   -3.539  3.210   1.00 13.45 ? 81  SER A CA  1 
ATOM   599  C  C   . SER A 1 81  ? 2.374   -2.998  1.893   1.00 13.43 ? 81  SER A C   1 
ATOM   600  O  O   . SER A 1 81  ? 1.293   -3.396  1.503   1.00 13.42 ? 81  SER A O   1 
ATOM   601  C  CB  . SER A 1 81  ? 2.678   -2.582  4.369   1.00 13.70 ? 81  SER A CB  1 
ATOM   602  O  OG  . SER A 1 81  ? 1.296   -2.259  4.452   1.00 14.16 ? 81  SER A OG  1 
ATOM   603  N  N   . ALA A 1 82  ? 3.089   -2.105  1.217   1.00 13.51 ? 82  ALA A N   1 
ATOM   604  C  CA  . ALA A 1 82  ? 2.652   -1.574  -0.080  1.00 13.66 ? 82  ALA A CA  1 
ATOM   605  C  C   . ALA A 1 82  ? 2.571   -2.655  -1.149  1.00 13.92 ? 82  ALA A C   1 
ATOM   606  O  O   . ALA A 1 82  ? 1.657   -2.622  -1.963  1.00 14.12 ? 82  ALA A O   1 
ATOM   607  C  CB  . ALA A 1 82  ? 3.570   -0.454  -0.550  1.00 13.40 ? 82  ALA A CB  1 
ATOM   608  N  N   . THR A 1 83  ? 3.520   -3.597  -1.154  1.00 14.16 ? 83  THR A N   1 
ATOM   609  C  CA  . THR A 1 83  ? 3.525   -4.665  -2.157  1.00 14.32 ? 83  THR A CA  1 
ATOM   610  C  C   . THR A 1 83  ? 2.400   -5.662  -1.904  1.00 14.49 ? 83  THR A C   1 
ATOM   611  O  O   . THR A 1 83  ? 1.751   -6.101  -2.848  1.00 14.65 ? 83  THR A O   1 
ATOM   612  C  CB  . THR A 1 83  ? 4.863   -5.425  -2.224  1.00 14.33 ? 83  THR A CB  1 
ATOM   613  O  OG1 . THR A 1 83  ? 5.169   -5.963  -0.939  1.00 14.88 ? 83  THR A OG1 1 
ATOM   614  C  CG2 . THR A 1 83  ? 5.969   -4.508  -2.651  1.00 14.27 ? 83  THR A CG2 1 
ATOM   615  N  N   . HIS A 1 84  ? 2.166   -6.007  -0.638  1.00 14.67 ? 84  HIS A N   1 
ATOM   616  C  CA  . HIS A 1 84  ? 0.993   -6.812  -0.257  1.00 14.73 ? 84  HIS A CA  1 
ATOM   617  C  C   . HIS A 1 84  ? -0.319  -6.132  -0.631  1.00 14.18 ? 84  HIS A C   1 
ATOM   618  O  O   . HIS A 1 84  ? -1.288  -6.811  -0.983  1.00 14.55 ? 84  HIS A O   1 
ATOM   619  C  CB  . HIS A 1 84  ? 0.996   -7.138  1.245   1.00 15.30 ? 84  HIS A CB  1 
ATOM   620  C  CG  . HIS A 1 84  ? 2.093   -8.070  1.655   1.00 15.83 ? 84  HIS A CG  1 
ATOM   621  N  ND1 . HIS A 1 84  ? 2.615   -8.092  2.931   1.00 16.57 ? 84  HIS A ND1 1 
ATOM   622  C  CD2 . HIS A 1 84  ? 2.784   -8.995  0.952   1.00 16.40 ? 84  HIS A CD2 1 
ATOM   623  C  CE1 . HIS A 1 84  ? 3.577   -8.995  2.999   1.00 16.68 ? 84  HIS A CE1 1 
ATOM   624  N  NE2 . HIS A 1 84  ? 3.703   -9.554  1.809   1.00 17.03 ? 84  HIS A NE2 1 
ATOM   625  N  N   . GLY A 1 85  ? -0.341  -4.798  -0.538  1.00 13.55 ? 85  GLY A N   1 
ATOM   626  C  CA  . GLY A 1 85  ? -1.419  -3.968  -1.075  1.00 12.91 ? 85  GLY A CA  1 
ATOM   627  C  C   . GLY A 1 85  ? -1.629  -4.110  -2.577  1.00 12.69 ? 85  GLY A C   1 
ATOM   628  O  O   . GLY A 1 85  ? -2.773  -4.172  -3.027  1.00 12.69 ? 85  GLY A O   1 
ATOM   629  N  N   . VAL A 1 86  ? -0.536  -4.154  -3.347  1.00 12.23 ? 86  VAL A N   1 
ATOM   630  C  CA  . VAL A 1 86  ? -0.589  -4.404  -4.807  1.00 12.11 ? 86  VAL A CA  1 
ATOM   631  C  C   . VAL A 1 86  ? -1.128  -5.816  -5.092  1.00 12.35 ? 86  VAL A C   1 
ATOM   632  O  O   . VAL A 1 86  ? -2.042  -5.971  -5.910  1.00 12.14 ? 86  VAL A O   1 
ATOM   633  C  CB  . VAL A 1 86  ? 0.798   -4.217  -5.493  1.00 11.59 ? 86  VAL A CB  1 
ATOM   634  C  CG1 . VAL A 1 86  ? 0.781   -4.709  -6.924  1.00 11.47 ? 86  VAL A CG1 1 
ATOM   635  C  CG2 . VAL A 1 86  ? 1.237   -2.762  -5.452  1.00 11.49 ? 86  VAL A CG2 1 
ATOM   636  N  N   . SER A 1 87  ? -0.549  -6.819  -4.415  1.00 12.67 ? 87  SER A N   1 
ATOM   637  C  CA  . SER A 1 87  ? -0.979  -8.232  -4.500  1.00 13.10 ? 87  SER A CA  1 
ATOM   638  C  C   . SER A 1 87  ? -2.458  -8.409  -4.190  1.00 13.54 ? 87  SER A C   1 
ATOM   639  O  O   . SER A 1 87  ? -3.173  -9.106  -4.912  1.00 13.75 ? 87  SER A O   1 
ATOM   640  C  CB  . SER A 1 87  ? -0.188  -9.109  -3.520  1.00 12.98 ? 87  SER A CB  1 
ATOM   641  O  OG  . SER A 1 87  ? 1.165   -9.256  -3.911  1.00 13.10 ? 87  SER A OG  1 
ATOM   642  N  N   . ARG A 1 88  ? -2.887  -7.782  -3.098  1.00 14.18 ? 88  ARG A N   1 
ATOM   643  C  CA  . ARG A 1 88  ? -4.274  -7.794  -2.657  1.00 14.88 ? 88  ARG A CA  1 
ATOM   644  C  C   . ARG A 1 88  ? -5.261  -7.305  -3.703  1.00 15.14 ? 88  ARG A C   1 
ATOM   645  O  O   . ARG A 1 88  ? -6.290  -7.940  -3.915  1.00 15.57 ? 88  ARG A O   1 
ATOM   646  C  CB  . ARG A 1 88  ? -4.427  -6.929  -1.418  1.00 15.32 ? 88  ARG A CB  1 
ATOM   647  C  CG  . ARG A 1 88  ? -5.875  -6.697  -0.989  1.00 15.71 ? 88  ARG A CG  1 
ATOM   648  C  CD  . ARG A 1 88  ? -5.916  -6.132  0.411   1.00 16.08 ? 88  ARG A CD  1 
ATOM   649  N  NE  . ARG A 1 88  ? -7.245  -6.141  1.017   1.00 16.70 ? 88  ARG A NE  1 
ATOM   650  C  CZ  . ARG A 1 88  ? -7.882  -7.226  1.467   1.00 16.82 ? 88  ARG A CZ  1 
ATOM   651  N  NH1 . ARG A 1 88  ? -7.342  -8.435  1.361   1.00 16.90 ? 88  ARG A NH1 1 
ATOM   652  N  NH2 . ARG A 1 88  ? -9.085  -7.099  2.022   1.00 17.12 ? 88  ARG A NH2 1 
ATOM   653  N  N   . ILE A 1 89  ? -4.962  -6.167  -4.320  1.00 15.43 ? 89  ILE A N   1 
ATOM   654  C  CA  . ILE A 1 89  ? -5.801  -5.612  -5.392  1.00 15.66 ? 89  ILE A CA  1 
ATOM   655  C  C   . ILE A 1 89  ? -5.846  -6.543  -6.604  1.00 16.01 ? 89  ILE A C   1 
ATOM   656  O  O   . ILE A 1 89  ? -6.903  -6.722  -7.197  1.00 16.01 ? 89  ILE A O   1 
ATOM   657  C  CB  . ILE A 1 89  ? -5.352  -4.188  -5.789  1.00 15.81 ? 89  ILE A CB  1 
ATOM   658  C  CG1 . ILE A 1 89  ? -5.666  -3.218  -4.643  1.00 15.49 ? 89  ILE A CG1 1 
ATOM   659  C  CG2 . ILE A 1 89  ? -6.014  -3.710  -7.099  1.00 16.11 ? 89  ILE A CG2 1 
ATOM   660  C  CD1 . ILE A 1 89  ? -4.875  -1.927  -4.684  1.00 15.58 ? 89  ILE A CD1 1 
ATOM   661  N  N   . THR A 1 90  ? -4.713  -7.139  -6.965  1.00 16.88 ? 90  THR A N   1 
ATOM   662  C  CA  . THR A 1 90  ? -4.702  -8.117  -8.054  1.00 17.62 ? 90  THR A CA  1 
ATOM   663  C  C   . THR A 1 90  ? -5.626  -9.278  -7.690  1.00 18.94 ? 90  THR A C   1 
ATOM   664  O  O   . THR A 1 90  ? -6.488  -9.634  -8.492  1.00 19.05 ? 90  THR A O   1 
ATOM   665  C  CB  . THR A 1 90  ? -3.281  -8.612  -8.413  1.00 17.32 ? 90  THR A CB  1 
ATOM   666  O  OG1 . THR A 1 90  ? -2.525  -7.523  -8.959  1.00 17.19 ? 90  THR A OG1 1 
ATOM   667  C  CG2 . THR A 1 90  ? -3.329  -9.738  -9.458  1.00 17.09 ? 90  THR A CG2 1 
ATOM   668  N  N   . ASP A 1 91  ? -5.476  -9.841  -6.489  1.00 20.69 ? 91  ASP A N   1 
ATOM   669  C  CA  . ASP A 1 91  ? -6.318  -10.980 -6.086  1.00 22.81 ? 91  ASP A CA  1 
ATOM   670  C  C   . ASP A 1 91  ? -7.814  -10.635 -6.030  1.00 22.62 ? 91  ASP A C   1 
ATOM   671  O  O   . ASP A 1 91  ? -8.635  -11.459 -6.393  1.00 24.07 ? 91  ASP A O   1 
ATOM   672  C  CB  . ASP A 1 91  ? -5.839  -11.609 -4.777  1.00 24.42 ? 91  ASP A CB  1 
ATOM   673  C  CG  . ASP A 1 91  ? -4.481  -12.302 -4.933  1.00 27.05 ? 91  ASP A CG  1 
ATOM   674  O  OD1 . ASP A 1 91  ? -4.345  -13.180 -5.824  1.00 28.91 ? 91  ASP A OD1 1 
ATOM   675  O  OD2 . ASP A 1 91  ? -3.539  -11.964 -4.176  1.00 28.62 ? 91  ASP A OD2 1 
ATOM   676  N  N   . PHE A 1 92  ? -8.161  -9.416  -5.629  1.00 21.79 ? 92  PHE A N   1 
ATOM   677  C  CA  . PHE A 1 92  ? -9.566  -8.997  -5.570  1.00 20.84 ? 92  PHE A CA  1 
ATOM   678  C  C   . PHE A 1 92  ? -10.126 -8.723  -6.961  1.00 21.21 ? 92  PHE A C   1 
ATOM   679  O  O   . PHE A 1 92  ? -11.065 -9.382  -7.398  1.00 21.10 ? 92  PHE A O   1 
ATOM   680  C  CB  . PHE A 1 92  ? -9.720  -7.752  -4.685  1.00 20.17 ? 92  PHE A CB  1 
ATOM   681  C  CG  . PHE A 1 92  ? -11.101 -7.158  -4.708  1.00 19.50 ? 92  PHE A CG  1 
ATOM   682  C  CD1 . PHE A 1 92  ? -12.198 -7.911  -4.296  1.00 19.25 ? 92  PHE A CD1 1 
ATOM   683  C  CD2 . PHE A 1 92  ? -11.309 -5.853  -5.148  1.00 18.91 ? 92  PHE A CD2 1 
ATOM   684  C  CE1 . PHE A 1 92  ? -13.474 -7.373  -4.321  1.00 19.10 ? 92  PHE A CE1 1 
ATOM   685  C  CE2 . PHE A 1 92  ? -12.580 -5.307  -5.176  1.00 18.97 ? 92  PHE A CE2 1 
ATOM   686  C  CZ  . PHE A 1 92  ? -13.667 -6.066  -4.761  1.00 19.35 ? 92  PHE A CZ  1 
ATOM   687  N  N   . VAL A 1 93  ? -9.534  -7.753  -7.653  1.00 21.48 ? 93  VAL A N   1 
ATOM   688  C  CA  . VAL A 1 93  ? -10.049 -7.295  -8.938  1.00 21.40 ? 93  VAL A CA  1 
ATOM   689  C  C   . VAL A 1 93  ? -9.835  -8.357  -10.020 1.00 22.16 ? 93  VAL A C   1 
ATOM   690  O  O   . VAL A 1 93  ? -10.795 -8.840  -10.609 1.00 22.82 ? 93  VAL A O   1 
ATOM   691  C  CB  . VAL A 1 93  ? -9.419  -5.953  -9.353  1.00 20.87 ? 93  VAL A CB  1 
ATOM   692  C  CG1 . VAL A 1 93  ? -9.888  -5.528  -10.748 1.00 21.02 ? 93  VAL A CG1 1 
ATOM   693  C  CG2 . VAL A 1 93  ? -9.764  -4.880  -8.336  1.00 20.11 ? 93  VAL A CG2 1 
ATOM   694  N  N   . ASP A 1 94  ? -8.591  -8.744  -10.258 1.00 22.65 ? 94  ASP A N   1 
ATOM   695  C  CA  . ASP A 1 94  ? -8.270  -9.582  -11.424 1.00 23.73 ? 94  ASP A CA  1 
ATOM   696  C  C   . ASP A 1 94  ? -8.530  -11.086 -11.251 1.00 24.53 ? 94  ASP A C   1 
ATOM   697  O  O   . ASP A 1 94  ? -9.114  -11.710 -12.136 1.00 23.99 ? 94  ASP A O   1 
ATOM   698  C  CB  . ASP A 1 94  ? -6.834  -9.315  -11.879 1.00 23.93 ? 94  ASP A CB  1 
ATOM   699  C  CG  . ASP A 1 94  ? -6.622  -7.861  -12.280 1.00 24.19 ? 94  ASP A CG  1 
ATOM   700  O  OD1 . ASP A 1 94  ? -7.345  -7.372  -13.181 1.00 23.31 ? 94  ASP A OD1 1 
ATOM   701  O  OD2 . ASP A 1 94  ? -5.750  -7.199  -11.674 1.00 25.20 ? 94  ASP A OD2 1 
ATOM   702  N  N   . VAL A 1 95  ? -8.108  -11.654 -10.120 1.00 25.66 ? 95  VAL A N   1 
ATOM   703  C  CA  . VAL A 1 95  ? -8.289  -13.094 -9.834  1.00 26.08 ? 95  VAL A CA  1 
ATOM   704  C  C   . VAL A 1 95  ? -9.734  -13.453 -9.404  1.00 26.69 ? 95  VAL A C   1 
ATOM   705  O  O   . VAL A 1 95  ? -10.276 -14.467 -9.849  1.00 26.61 ? 95  VAL A O   1 
ATOM   706  C  CB  . VAL A 1 95  ? -7.283  -13.592 -8.759  1.00 26.17 ? 95  VAL A CB  1 
ATOM   707  C  CG1 . VAL A 1 95  ? -7.444  -15.080 -8.471  1.00 25.98 ? 95  VAL A CG1 1 
ATOM   708  C  CG2 . VAL A 1 95  ? -5.846  -13.321 -9.193  1.00 27.06 ? 95  VAL A CG2 1 
ATOM   709  N  N   . THR A 1 96  ? -10.338 -12.635 -8.539  1.00 27.35 ? 96  THR A N   1 
ATOM   710  C  CA  . THR A 1 96  ? -11.646 -12.932 -7.930  1.00 26.23 ? 96  THR A CA  1 
ATOM   711  C  C   . THR A 1 96  ? -12.790 -12.344 -8.737  1.00 25.97 ? 96  THR A C   1 
ATOM   712  O  O   . THR A 1 96  ? -13.611 -13.081 -9.258  1.00 27.03 ? 96  THR A O   1 
ATOM   713  C  CB  . THR A 1 96  ? -11.712 -12.410 -6.485  1.00 25.90 ? 96  THR A CB  1 
ATOM   714  O  OG1 . THR A 1 96  ? -10.688 -13.051 -5.721  1.00 25.83 ? 96  THR A OG1 1 
ATOM   715  C  CG2 . THR A 1 96  ? -13.091 -12.672 -5.837  1.00 25.81 ? 96  THR A CG2 1 
ATOM   716  N  N   . VAL A 1 97  ? -12.844 -11.025 -8.844  1.00 25.51 ? 97  VAL A N   1 
ATOM   717  C  CA  . VAL A 1 97  ? -13.950 -10.370 -9.534  1.00 25.75 ? 97  VAL A CA  1 
ATOM   718  C  C   . VAL A 1 97  ? -13.999 -10.776 -11.019 1.00 26.57 ? 97  VAL A C   1 
ATOM   719  O  O   . VAL A 1 97  ? -14.964 -11.418 -11.448 1.00 27.04 ? 97  VAL A O   1 
ATOM   720  C  CB  . VAL A 1 97  ? -13.895 -8.832  -9.339  1.00 25.44 ? 97  VAL A CB  1 
ATOM   721  C  CG1 . VAL A 1 97  ? -14.803 -8.081  -10.319 1.00 25.29 ? 97  VAL A CG1 1 
ATOM   722  C  CG2 . VAL A 1 97  ? -14.263 -8.490  -7.905  1.00 25.27 ? 97  VAL A CG2 1 
ATOM   723  N  N   . VAL A 1 98  ? -12.960 -10.422 -11.780 1.00 26.03 ? 98  VAL A N   1 
ATOM   724  C  CA  . VAL A 1 98  ? -12.930 -10.677 -13.228 1.00 26.22 ? 98  VAL A CA  1 
ATOM   725  C  C   . VAL A 1 98  ? -12.690 -12.173 -13.509 1.00 26.10 ? 98  VAL A C   1 
ATOM   726  O  O   . VAL A 1 98  ? -13.246 -12.727 -14.456 1.00 27.41 ? 98  VAL A O   1 
ATOM   727  C  CB  . VAL A 1 98  ? -11.899 -9.764  -13.974 1.00 26.44 ? 98  VAL A CB  1 
ATOM   728  C  CG1 . VAL A 1 98  ? -11.932 -10.001 -15.482 1.00 26.36 ? 98  VAL A CG1 1 
ATOM   729  C  CG2 . VAL A 1 98  ? -12.179 -8.282  -13.720 1.00 25.78 ? 98  VAL A CG2 1 
ATOM   730  N  N   . GLY A 1 99  ? -11.896 -12.830 -12.678 1.00 25.67 ? 99  GLY A N   1 
ATOM   731  C  CA  . GLY A 1 99  ? -11.641 -14.257 -12.837 1.00 26.17 ? 99  GLY A CA  1 
ATOM   732  C  C   . GLY A 1 99  ? -12.830 -15.144 -12.516 1.00 26.67 ? 99  GLY A C   1 
ATOM   733  O  O   . GLY A 1 99  ? -13.123 -16.067 -13.268 1.00 27.00 ? 99  GLY A O   1 
ATOM   734  N  N   . ILE A 1 100 ? -13.518 -14.856 -11.410 1.00 27.45 ? 100 ILE A N   1 
ATOM   735  C  CA  . ILE A 1 100 ? -14.629 -15.683 -10.917 1.00 27.38 ? 100 ILE A CA  1 
ATOM   736  C  C   . ILE A 1 100 ? -16.016 -15.011 -11.060 1.00 27.19 ? 100 ILE A C   1 
ATOM   737  O  O   . ILE A 1 100 ? -16.898 -15.538 -11.736 1.00 27.10 ? 100 ILE A O   1 
ATOM   738  C  CB  . ILE A 1 100 ? -14.411 -16.108 -9.443  1.00 27.84 ? 100 ILE A CB  1 
ATOM   739  C  CG1 . ILE A 1 100 ? -12.935 -16.413 -9.147  1.00 27.99 ? 100 ILE A CG1 1 
ATOM   740  C  CG2 . ILE A 1 100 ? -15.269 -17.320 -9.098  1.00 28.24 ? 100 ILE A CG2 1 
ATOM   741  C  CD1 . ILE A 1 100 ? -12.315 -17.509 -9.989  1.00 28.65 ? 100 ILE A CD1 1 
ATOM   742  N  N   . VAL A 1 101 ? -16.199 -13.842 -10.460 1.00 27.56 ? 101 VAL A N   1 
ATOM   743  C  CA  . VAL A 1 101 ? -17.544 -13.253 -10.312 1.00 28.10 ? 101 VAL A CA  1 
ATOM   744  C  C   . VAL A 1 101 ? -18.162 -12.820 -11.653 1.00 30.72 ? 101 VAL A C   1 
ATOM   745  O  O   . VAL A 1 101 ? -19.388 -12.800 -11.804 1.00 33.00 ? 101 VAL A O   1 
ATOM   746  C  CB  . VAL A 1 101 ? -17.556 -12.062 -9.325  1.00 27.23 ? 101 VAL A CB  1 
ATOM   747  C  CG1 . VAL A 1 101 ? -18.982 -11.581 -9.057  1.00 27.26 ? 101 VAL A CG1 1 
ATOM   748  C  CG2 . VAL A 1 101 ? -16.905 -12.446 -8.006  1.00 27.23 ? 101 VAL A CG2 1 
ATOM   749  N  N   . GLU A 1 102 ? -17.328 -12.465 -12.624 1.00 32.04 ? 102 GLU A N   1 
ATOM   750  C  CA  . GLU A 1 102 ? -17.819 -12.169 -13.969 1.00 32.45 ? 102 GLU A CA  1 
ATOM   751  C  C   . GLU A 1 102 ? -18.004 -13.409 -14.854 1.00 32.35 ? 102 GLU A C   1 
ATOM   752  O  O   . GLU A 1 102 ? -18.682 -13.316 -15.865 1.00 31.27 ? 102 GLU A O   1 
ATOM   753  C  CB  . GLU A 1 102 ? -16.894 -11.173 -14.657 1.00 32.36 ? 102 GLU A CB  1 
ATOM   754  C  CG  . GLU A 1 102 ? -16.793 -9.854  -13.919 1.00 32.25 ? 102 GLU A CG  1 
ATOM   755  C  CD  . GLU A 1 102 ? -16.100 -8.777  -14.721 1.00 32.57 ? 102 GLU A CD  1 
ATOM   756  O  OE1 . GLU A 1 102 ? -15.801 -7.724  -14.126 1.00 32.72 ? 102 GLU A OE1 1 
ATOM   757  O  OE2 . GLU A 1 102 ? -15.857 -8.965  -15.937 1.00 32.72 ? 102 GLU A OE2 1 
ATOM   758  N  N   . ASP A 1 103 ? -17.405 -14.543 -14.477 1.00 34.18 ? 103 ASP A N   1 
ATOM   759  C  CA  . ASP A 1 103 ? -17.464 -15.797 -15.240 1.00 37.09 ? 103 ASP A CA  1 
ATOM   760  C  C   . ASP A 1 103 ? -18.260 -16.909 -14.527 1.00 41.66 ? 103 ASP A C   1 
ATOM   761  O  O   . ASP A 1 103 ? -18.100 -18.104 -14.822 1.00 40.62 ? 103 ASP A O   1 
ATOM   762  C  CB  . ASP A 1 103 ? -16.035 -16.278 -15.517 1.00 36.97 ? 103 ASP A CB  1 
ATOM   763  C  CG  . ASP A 1 103 ? -15.976 -17.396 -16.553 1.00 37.15 ? 103 ASP A CG  1 
ATOM   764  O  OD1 . ASP A 1 103 ? -16.630 -17.275 -17.609 1.00 36.33 ? 103 ASP A OD1 1 
ATOM   765  O  OD2 . ASP A 1 103 ? -15.280 -18.401 -16.302 1.00 37.68 ? 103 ASP A OD2 1 
ATOM   766  N  N   . ILE A 1 104 ? -19.129 -16.503 -13.606 1.00 47.83 ? 104 ILE A N   1 
ATOM   767  C  CA  . ILE A 1 104 ? -19.946 -17.426 -12.805 1.00 53.17 ? 104 ILE A CA  1 
ATOM   768  C  C   . ILE A 1 104 ? -20.812 -18.371 -13.671 1.00 57.50 ? 104 ILE A C   1 
ATOM   769  O  O   . ILE A 1 104 ? -21.528 -17.913 -14.578 1.00 54.06 ? 104 ILE A O   1 
ATOM   770  C  CB  . ILE A 1 104 ? -20.845 -16.650 -11.809 1.00 54.46 ? 104 ILE A CB  1 
ATOM   771  C  CG1 . ILE A 1 104 ? -21.819 -15.697 -12.532 1.00 54.40 ? 104 ILE A CG1 1 
ATOM   772  C  CG2 . ILE A 1 104 ? -19.991 -15.891 -10.802 1.00 54.78 ? 104 ILE A CG2 1 
ATOM   773  C  CD1 . ILE A 1 104 ? -23.241 -16.213 -12.599 1.00 55.43 ? 104 ILE A CD1 1 
ATOM   774  N  N   . LYS A 1 105 ? -20.726 -19.680 -13.398 1.00 60.60 ? 105 LYS A N   1 
ATOM   775  C  CA  . LYS A 1 105 ? -21.431 -20.704 -14.193 1.00 65.97 ? 105 LYS A CA  1 
ATOM   776  C  C   . LYS A 1 105 ? -22.292 -21.638 -13.323 1.00 67.99 ? 105 LYS A C   1 
ATOM   777  O  O   . LYS A 1 105 ? -23.527 -21.648 -13.430 1.00 68.96 ? 105 LYS A O   1 
ATOM   778  C  CB  . LYS A 1 105 ? -20.428 -21.519 -15.033 1.00 64.27 ? 105 LYS A CB  1 
ATOM   779  N  N   . THR A 1 106 ? -21.622 -22.396 -12.456 1.00 68.39 ? 106 THR A N   1 
ATOM   780  C  CA  . THR A 1 106 ? -22.223 -23.483 -11.680 1.00 65.33 ? 106 THR A CA  1 
ATOM   781  C  C   . THR A 1 106 ? -22.348 -23.145 -10.182 1.00 65.16 ? 106 THR A C   1 
ATOM   782  O  O   . THR A 1 106 ? -21.864 -22.092 -9.738  1.00 62.39 ? 106 THR A O   1 
ATOM   783  C  CB  . THR A 1 106 ? -21.378 -24.771 -11.868 1.00 64.11 ? 106 THR A CB  1 
ATOM   784  O  OG1 . THR A 1 106 ? -20.014 -24.529 -11.493 1.00 60.79 ? 106 THR A OG1 1 
ATOM   785  C  CG2 . THR A 1 106 ? -21.411 -25.223 -13.324 1.00 63.01 ? 106 THR A CG2 1 
ATOM   786  N  N   . PRO A 1 107 ? -23.040 -24.013 -9.403  1.00 65.82 ? 107 PRO A N   1 
ATOM   787  C  CA  . PRO A 1 107 ? -22.978 -23.891 -7.941  1.00 65.04 ? 107 PRO A CA  1 
ATOM   788  C  C   . PRO A 1 107 ? -21.545 -23.990 -7.412  1.00 63.97 ? 107 PRO A C   1 
ATOM   789  O  O   . PRO A 1 107 ? -21.151 -23.155 -6.601  1.00 62.60 ? 107 PRO A O   1 
ATOM   790  C  CB  . PRO A 1 107 ? -23.843 -25.067 -7.433  1.00 66.19 ? 107 PRO A CB  1 
ATOM   791  C  CG  . PRO A 1 107 ? -24.225 -25.868 -8.636  1.00 65.87 ? 107 PRO A CG  1 
ATOM   792  C  CD  . PRO A 1 107 ? -24.091 -24.962 -9.821  1.00 65.60 ? 107 PRO A CD  1 
ATOM   793  N  N   . GLU A 1 108 ? -20.786 -24.978 -7.906  1.00 64.72 ? 108 GLU A N   1 
ATOM   794  C  CA  . GLU A 1 108 ? -19.359 -25.192 -7.542  1.00 64.79 ? 108 GLU A CA  1 
ATOM   795  C  C   . GLU A 1 108 ? -18.444 -23.991 -7.849  1.00 63.85 ? 108 GLU A C   1 
ATOM   796  O  O   . GLU A 1 108 ? -17.415 -23.817 -7.186  1.00 60.16 ? 108 GLU A O   1 
ATOM   797  C  CB  . GLU A 1 108 ? -18.763 -26.430 -8.249  1.00 65.26 ? 108 GLU A CB  1 
ATOM   798  C  CG  . GLU A 1 108 ? -19.296 -27.791 -7.799  1.00 67.08 ? 108 GLU A CG  1 
ATOM   799  C  CD  . GLU A 1 108 ? -20.536 -28.246 -8.551  1.00 68.87 ? 108 GLU A CD  1 
ATOM   800  O  OE1 . GLU A 1 108 ? -20.707 -27.859 -9.728  1.00 67.02 ? 108 GLU A OE1 1 
ATOM   801  O  OE2 . GLU A 1 108 ? -21.345 -28.994 -7.960  1.00 71.22 ? 108 GLU A OE2 1 
ATOM   802  N  N   . ASP A 1 109 ? -18.808 -23.201 -8.867  1.00 64.38 ? 109 ASP A N   1 
ATOM   803  C  CA  . ASP A 1 109 ? -18.097 -21.957 -9.228  1.00 63.93 ? 109 ASP A CA  1 
ATOM   804  C  C   . ASP A 1 109 ? -18.347 -20.846 -8.213  1.00 62.76 ? 109 ASP A C   1 
ATOM   805  O  O   . ASP A 1 109 ? -17.395 -20.273 -7.670  1.00 60.15 ? 109 ASP A O   1 
ATOM   806  C  CB  . ASP A 1 109 ? -18.539 -21.423 -10.608 1.00 64.80 ? 109 ASP A CB  1 
ATOM   807  C  CG  . ASP A 1 109 ? -17.864 -22.127 -11.789 1.00 63.81 ? 109 ASP A CG  1 
ATOM   808  O  OD1 . ASP A 1 109 ? -16.930 -22.936 -11.599 1.00 62.99 ? 109 ASP A OD1 1 
ATOM   809  O  OD2 . ASP A 1 109 ? -18.275 -21.842 -12.936 1.00 61.98 ? 109 ASP A OD2 1 
ATOM   810  N  N   . ARG A 1 110 ? -19.626 -20.523 -7.992  1.00 58.90 ? 110 ARG A N   1 
ATOM   811  C  CA  . ARG A 1 110 ? -20.002 -19.481 -7.030  1.00 55.06 ? 110 ARG A CA  1 
ATOM   812  C  C   . ARG A 1 110 ? -19.642 -19.914 -5.595  1.00 53.92 ? 110 ARG A C   1 
ATOM   813  O  O   . ARG A 1 110 ? -19.375 -19.073 -4.738  1.00 52.89 ? 110 ARG A O   1 
ATOM   814  C  CB  . ARG A 1 110 ? -21.477 -19.064 -7.213  1.00 53.17 ? 110 ARG A CB  1 
ATOM   815  C  CG  . ARG A 1 110 ? -22.087 -18.198 -6.107  1.00 51.53 ? 110 ARG A CG  1 
ATOM   816  C  CD  . ARG A 1 110 ? -22.505 -18.927 -4.820  1.00 50.80 ? 110 ARG A CD  1 
ATOM   817  N  NE  . ARG A 1 110 ? -22.661 -20.391 -4.930  1.00 50.33 ? 110 ARG A NE  1 
ATOM   818  C  CZ  . ARG A 1 110 ? -23.407 -21.164 -4.136  1.00 50.61 ? 110 ARG A CZ  1 
ATOM   819  N  NH1 . ARG A 1 110 ? -23.450 -22.479 -4.358  1.00 49.27 ? 110 ARG A NH1 1 
ATOM   820  N  NH2 . ARG A 1 110 ? -24.124 -20.657 -3.136  1.00 52.75 ? 110 ARG A NH2 1 
ATOM   821  N  N   . ASP A 1 111 ? -19.624 -21.225 -5.350  1.00 54.80 ? 111 ASP A N   1 
ATOM   822  C  CA  . ASP A 1 111 ? -19.022 -21.793 -4.136  1.00 56.92 ? 111 ASP A CA  1 
ATOM   823  C  C   . ASP A 1 111 ? -17.619 -21.221 -3.917  1.00 57.71 ? 111 ASP A C   1 
ATOM   824  O  O   . ASP A 1 111 ? -17.259 -20.901 -2.786  1.00 60.45 ? 111 ASP A O   1 
ATOM   825  C  CB  . ASP A 1 111 ? -18.941 -23.337 -4.196  1.00 56.11 ? 111 ASP A CB  1 
ATOM   826  C  CG  . ASP A 1 111 ? -20.184 -24.038 -3.651  1.00 55.78 ? 111 ASP A CG  1 
ATOM   827  O  OD1 . ASP A 1 111 ? -21.224 -23.381 -3.414  1.00 54.78 ? 111 ASP A OD1 1 
ATOM   828  O  OD2 . ASP A 1 111 ? -20.111 -25.274 -3.467  1.00 54.75 ? 111 ASP A OD2 1 
ATOM   829  N  N   . GLU A 1 112 ? -16.834 -21.104 -4.988  1.00 57.00 ? 112 GLU A N   1 
ATOM   830  C  CA  . GLU A 1 112 ? -15.589 -20.332 -4.937  1.00 57.12 ? 112 GLU A CA  1 
ATOM   831  C  C   . GLU A 1 112 ? -15.879 -18.829 -4.742  1.00 54.66 ? 112 GLU A C   1 
ATOM   832  O  O   . GLU A 1 112 ? -15.389 -18.251 -3.776  1.00 58.14 ? 112 GLU A O   1 
ATOM   833  C  CB  . GLU A 1 112 ? -14.717 -20.570 -6.178  1.00 57.26 ? 112 GLU A CB  1 
ATOM   834  N  N   . ALA A 1 113 ? -16.689 -18.224 -5.623  1.00 48.37 ? 113 ALA A N   1 
ATOM   835  C  CA  . ALA A 1 113 ? -16.911 -16.758 -5.636  1.00 45.25 ? 113 ALA A CA  1 
ATOM   836  C  C   . ALA A 1 113 ? -17.203 -16.143 -4.268  1.00 44.76 ? 113 ALA A C   1 
ATOM   837  O  O   . ALA A 1 113 ? -16.394 -15.356 -3.754  1.00 43.45 ? 113 ALA A O   1 
ATOM   838  C  CB  . ALA A 1 113 ? -18.018 -16.377 -6.611  1.00 44.94 ? 113 ALA A CB  1 
ATOM   839  N  N   . VAL A 1 114 ? -18.342 -16.517 -3.679  1.00 43.50 ? 114 VAL A N   1 
ATOM   840  C  CA  . VAL A 1 114 ? -18.791 -15.929 -2.406  1.00 41.62 ? 114 VAL A CA  1 
ATOM   841  C  C   . VAL A 1 114 ? -17.809 -16.208 -1.252  1.00 39.79 ? 114 VAL A C   1 
ATOM   842  O  O   . VAL A 1 114 ? -17.597 -15.348 -0.404  1.00 38.85 ? 114 VAL A O   1 
ATOM   843  C  CB  . VAL A 1 114 ? -20.239 -16.367 -2.039  1.00 40.96 ? 114 VAL A CB  1 
ATOM   844  C  CG1 . VAL A 1 114 ? -20.273 -17.760 -1.399  1.00 40.91 ? 114 VAL A CG1 1 
ATOM   845  C  CG2 . VAL A 1 114 ? -20.911 -15.319 -1.148  1.00 39.94 ? 114 VAL A CG2 1 
ATOM   846  N  N   . ILE A 1 115 ? -17.216 -17.401 -1.243  1.00 38.47 ? 115 ILE A N   1 
ATOM   847  C  CA  . ILE A 1 115 ? -16.169 -17.759 -0.283  1.00 37.66 ? 115 ILE A CA  1 
ATOM   848  C  C   . ILE A 1 115 ? -14.922 -16.933 -0.483  1.00 38.56 ? 115 ILE A C   1 
ATOM   849  O  O   . ILE A 1 115 ? -14.328 -16.453 0.486   1.00 38.51 ? 115 ILE A O   1 
ATOM   850  C  CB  . ILE A 1 115 ? -15.764 -19.246 -0.413  1.00 37.33 ? 115 ILE A CB  1 
ATOM   851  C  CG1 . ILE A 1 115 ? -16.835 -20.103 0.261   1.00 38.70 ? 115 ILE A CG1 1 
ATOM   852  C  CG2 . ILE A 1 115 ? -14.360 -19.512 0.157   1.00 37.60 ? 115 ILE A CG2 1 
ATOM   853  C  CD1 . ILE A 1 115 ? -16.492 -21.566 0.412   1.00 39.19 ? 115 ILE A CD1 1 
ATOM   854  N  N   . GLU A 1 116 ? -14.500 -16.815 -1.742  1.00 39.49 ? 116 GLU A N   1 
ATOM   855  C  CA  . GLU A 1 116 ? -13.228 -16.178 -2.058  1.00 38.25 ? 116 GLU A CA  1 
ATOM   856  C  C   . GLU A 1 116 ? -13.281 -14.692 -1.751  1.00 35.04 ? 116 GLU A C   1 
ATOM   857  O  O   . GLU A 1 116 ? -12.286 -14.125 -1.303  1.00 34.29 ? 116 GLU A O   1 
ATOM   858  C  CB  . GLU A 1 116 ? -12.788 -16.461 -3.505  1.00 40.54 ? 116 GLU A CB  1 
ATOM   859  C  CG  . GLU A 1 116 ? -12.179 -17.858 -3.701  1.00 40.88 ? 116 GLU A CG  1 
ATOM   860  C  CD  . GLU A 1 116 ? -10.756 -17.998 -3.149  1.00 41.67 ? 116 GLU A CD  1 
ATOM   861  O  OE1 . GLU A 1 116 ? -10.022 -18.912 -3.579  1.00 41.53 ? 116 GLU A OE1 1 
ATOM   862  O  OE2 . GLU A 1 116 ? -10.344 -17.209 -2.275  1.00 43.13 ? 116 GLU A OE2 1 
ATOM   863  N  N   . LEU A 1 117 ? -14.448 -14.087 -1.950  1.00 31.94 ? 117 LEU A N   1 
ATOM   864  C  CA  . LEU A 1 117 ? -14.705 -12.739 -1.465  1.00 31.36 ? 117 LEU A CA  1 
ATOM   865  C  C   . LEU A 1 117 ? -14.722 -12.655 0.074   1.00 30.57 ? 117 LEU A C   1 
ATOM   866  O  O   . LEU A 1 117 ? -14.249 -11.670 0.646   1.00 30.43 ? 117 LEU A O   1 
ATOM   867  C  CB  . LEU A 1 117 ? -16.015 -12.213 -2.041  1.00 31.70 ? 117 LEU A CB  1 
ATOM   868  C  CG  . LEU A 1 117 ? -16.043 -11.990 -3.559  1.00 31.91 ? 117 LEU A CG  1 
ATOM   869  C  CD1 . LEU A 1 117 ? -17.475 -11.803 -4.023  1.00 31.74 ? 117 LEU A CD1 1 
ATOM   870  C  CD2 . LEU A 1 117 ? -15.195 -10.801 -3.997  1.00 31.34 ? 117 LEU A CD2 1 
ATOM   871  N  N   . ASN A 1 118 ? -15.270 -13.677 0.733   1.00 29.76 ? 118 ASN A N   1 
ATOM   872  C  CA  . ASN A 1 118 ? -15.248 -13.774 2.210   1.00 28.92 ? 118 ASN A CA  1 
ATOM   873  C  C   . ASN A 1 118 ? -13.839 -13.916 2.797   1.00 28.05 ? 118 ASN A C   1 
ATOM   874  O  O   . ASN A 1 118 ? -13.522 -13.276 3.810   1.00 27.94 ? 118 ASN A O   1 
ATOM   875  C  CB  . ASN A 1 118 ? -16.106 -14.948 2.724   1.00 28.06 ? 118 ASN A CB  1 
ATOM   876  C  CG  . ASN A 1 118 ? -17.594 -14.757 2.493   1.00 27.48 ? 118 ASN A CG  1 
ATOM   877  O  OD1 . ASN A 1 118 ? -18.057 -13.711 2.030   1.00 27.10 ? 118 ASN A OD1 1 
ATOM   878  N  ND2 . ASN A 1 118 ? -18.352 -15.789 2.810   1.00 27.48 ? 118 ASN A ND2 1 
ATOM   879  N  N   . ALA A 1 119 ? -13.013 -14.764 2.186   1.00 26.59 ? 119 ALA A N   1 
ATOM   880  C  CA  . ALA A 1 119 ? -11.622 -14.922 2.618   1.00 26.28 ? 119 ALA A CA  1 
ATOM   881  C  C   . ALA A 1 119 ? -10.867 -13.589 2.474   1.00 26.40 ? 119 ALA A C   1 
ATOM   882  O  O   . ALA A 1 119 ? -10.114 -13.190 3.372   1.00 26.05 ? 119 ALA A O   1 
ATOM   883  C  CB  . ALA A 1 119 ? -10.929 -16.032 1.837   1.00 25.99 ? 119 ALA A CB  1 
ATOM   884  N  N   . ILE A 1 120 ? -11.116 -12.896 1.361   1.00 26.11 ? 120 ILE A N   1 
ATOM   885  C  CA  . ILE A 1 120 ? -10.607 -11.529 1.141   1.00 26.07 ? 120 ILE A CA  1 
ATOM   886  C  C   . ILE A 1 120 ? -11.074 -10.533 2.224   1.00 25.59 ? 120 ILE A C   1 
ATOM   887  O  O   . ILE A 1 120 ? -10.243 -9.894  2.876   1.00 25.69 ? 120 ILE A O   1 
ATOM   888  C  CB  . ILE A 1 120 ? -10.910 -11.034 -0.309  1.00 25.75 ? 120 ILE A CB  1 
ATOM   889  C  CG1 . ILE A 1 120 ? -9.976  -11.762 -1.289  1.00 25.51 ? 120 ILE A CG1 1 
ATOM   890  C  CG2 . ILE A 1 120 ? -10.741 -9.521  -0.450  1.00 25.22 ? 120 ILE A CG2 1 
ATOM   891  C  CD1 . ILE A 1 120 ? -10.356 -11.627 -2.750  1.00 25.73 ? 120 ILE A CD1 1 
ATOM   892  N  N   . ALA A 1 121 ? -12.382 -10.421 2.442   1.00 25.53 ? 121 ALA A N   1 
ATOM   893  C  CA  . ALA A 1 121 ? -12.908 -9.508  3.468   1.00 25.65 ? 121 ALA A CA  1 
ATOM   894  C  C   . ALA A 1 121 ? -12.392 -9.834  4.875   1.00 25.85 ? 121 ALA A C   1 
ATOM   895  O  O   . ALA A 1 121 ? -12.289 -8.944  5.708   1.00 25.74 ? 121 ALA A O   1 
ATOM   896  C  CB  . ALA A 1 121 ? -14.427 -9.499  3.453   1.00 25.65 ? 121 ALA A CB  1 
ATOM   897  N  N   . GLY A 1 122 ? -12.066 -11.103 5.124   1.00 26.61 ? 122 GLY A N   1 
ATOM   898  C  CA  . GLY A 1 122 ? -11.504 -11.547 6.394   1.00 26.80 ? 122 GLY A CA  1 
ATOM   899  C  C   . GLY A 1 122 ? -10.018 -11.321 6.604   1.00 27.16 ? 122 GLY A C   1 
ATOM   900  O  O   . GLY A 1 122 ? -9.537  -11.479 7.724   1.00 27.36 ? 122 GLY A O   1 
ATOM   901  N  N   . GLN A 1 123 ? -9.286  -10.987 5.544   1.00 27.84 ? 123 GLN A N   1 
ATOM   902  C  CA  . GLN A 1 123 ? -7.856  -10.667 5.659   1.00 29.72 ? 123 GLN A CA  1 
ATOM   903  C  C   . GLN A 1 123 ? -7.605  -9.280  6.244   1.00 30.62 ? 123 GLN A C   1 
ATOM   904  O  O   . GLN A 1 123 ? -8.308  -8.333  5.910   1.00 29.86 ? 123 GLN A O   1 
ATOM   905  C  CB  . GLN A 1 123 ? -7.187  -10.738 4.296   1.00 30.93 ? 123 GLN A CB  1 
ATOM   906  C  CG  . GLN A 1 123 ? -7.006  -12.158 3.782   1.00 31.46 ? 123 GLN A CG  1 
ATOM   907  C  CD  . GLN A 1 123 ? -7.032  -12.271 2.269   1.00 31.34 ? 123 GLN A CD  1 
ATOM   908  O  OE1 . GLN A 1 123 ? -7.270  -11.304 1.561   1.00 31.67 ? 123 GLN A OE1 1 
ATOM   909  N  NE2 . GLN A 1 123 ? -6.787  -13.470 1.769   1.00 31.92 ? 123 GLN A NE2 1 
ATOM   910  N  N   . LYS A 1 124 ? -6.589  -9.177  7.102   1.00 33.00 ? 124 LYS A N   1 
ATOM   911  C  CA  . LYS A 1 124 ? -6.170  -7.910  7.719   1.00 35.25 ? 124 LYS A CA  1 
ATOM   912  C  C   . LYS A 1 124 ? -4.684  -7.690  7.426   1.00 35.04 ? 124 LYS A C   1 
ATOM   913  O  O   . LYS A 1 124 ? -4.011  -8.570  6.879   1.00 35.59 ? 124 LYS A O   1 
ATOM   914  C  CB  . LYS A 1 124 ? -6.407  -7.914  9.239   1.00 36.97 ? 124 LYS A CB  1 
ATOM   915  C  CG  . LYS A 1 124 ? -7.790  -8.379  9.694   1.00 37.94 ? 124 LYS A CG  1 
ATOM   916  C  CD  . LYS A 1 124 ? -8.872  -7.309  9.640   1.00 37.81 ? 124 LYS A CD  1 
ATOM   917  C  CE  . LYS A 1 124 ? -10.254 -7.954  9.686   1.00 37.37 ? 124 LYS A CE  1 
ATOM   918  N  NZ  . LYS A 1 124 ? -11.332 -7.005  10.071  1.00 37.49 ? 124 LYS A NZ  1 
ATOM   919  N  N   . SER A 1 125 ? -4.182  -6.518  7.806   1.00 35.46 ? 125 SER A N   1 
ATOM   920  C  CA  . SER A 1 125 ? -2.832  -6.071  7.436   1.00 35.49 ? 125 SER A CA  1 
ATOM   921  C  C   . SER A 1 125 ? -1.932  -5.939  8.649   1.00 35.90 ? 125 SER A C   1 
ATOM   922  O  O   . SER A 1 125 ? -2.379  -5.496  9.701   1.00 39.28 ? 125 SER A O   1 
ATOM   923  C  CB  . SER A 1 125 ? -2.921  -4.713  6.735   1.00 35.34 ? 125 SER A CB  1 
ATOM   924  O  OG  . SER A 1 125 ? -4.000  -3.940  7.243   1.00 35.03 ? 125 SER A OG  1 
ATOM   925  N  N   . LYS A 1 126 ? -0.665  -6.325  8.500   1.00 34.85 ? 126 LYS A N   1 
ATOM   926  C  CA  . LYS A 1 126 ? 0.362   -5.967  9.471   1.00 34.03 ? 126 LYS A CA  1 
ATOM   927  C  C   . LYS A 1 126 ? 0.558   -4.442  9.415   1.00 33.67 ? 126 LYS A C   1 
ATOM   928  O  O   . LYS A 1 126 ? 0.778   -3.892  8.335   1.00 33.43 ? 126 LYS A O   1 
ATOM   929  C  CB  . LYS A 1 126 ? 1.684   -6.678  9.167   1.00 33.76 ? 126 LYS A CB  1 
ATOM   930  N  N   . PRO A 1 127 ? 0.430   -3.749  10.563  1.00 33.21 ? 127 PRO A N   1 
ATOM   931  C  CA  . PRO A 1 127 ? 0.761   -2.321  10.582  1.00 32.41 ? 127 PRO A CA  1 
ATOM   932  C  C   . PRO A 1 127 ? 2.268   -2.081  10.490  1.00 31.79 ? 127 PRO A C   1 
ATOM   933  O  O   . PRO A 1 127 ? 3.049   -2.988  10.811  1.00 33.47 ? 127 PRO A O   1 
ATOM   934  C  CB  . PRO A 1 127 ? 0.220   -1.854  11.937  1.00 33.19 ? 127 PRO A CB  1 
ATOM   935  C  CG  . PRO A 1 127 ? 0.193   -3.077  12.784  1.00 33.37 ? 127 PRO A CG  1 
ATOM   936  C  CD  . PRO A 1 127 ? -0.134  -4.199  11.852  1.00 33.48 ? 127 PRO A CD  1 
ATOM   937  N  N   . VAL A 1 128 ? 2.662   -0.877  10.055  1.00 30.11 ? 128 VAL A N   1 
ATOM   938  C  CA  . VAL A 1 128 ? 4.087   -0.483  9.940   1.00 29.50 ? 128 VAL A CA  1 
ATOM   939  C  C   . VAL A 1 128 ? 4.547   0.197   11.242  1.00 28.74 ? 128 VAL A C   1 
ATOM   940  O  O   . VAL A 1 128 ? 4.337   1.402   11.421  1.00 27.22 ? 128 VAL A O   1 
ATOM   941  C  CB  . VAL A 1 128 ? 4.366   0.473   8.734   1.00 29.03 ? 128 VAL A CB  1 
ATOM   942  C  CG1 . VAL A 1 128 ? 5.864   0.613   8.500   1.00 28.57 ? 128 VAL A CG1 1 
ATOM   943  C  CG2 . VAL A 1 128 ? 3.692   -0.007  7.451   1.00 28.88 ? 128 VAL A CG2 1 
ATOM   944  N  N   . ASP A 1 129 ? 5.182   -0.578  12.130  1.00 28.78 ? 129 ASP A N   1 
ATOM   945  C  CA  . ASP A 1 129 ? 5.667   -0.074  13.431  1.00 28.80 ? 129 ASP A CA  1 
ATOM   946  C  C   . ASP A 1 129 ? 6.518   1.196   13.268  1.00 27.55 ? 129 ASP A C   1 
ATOM   947  O  O   . ASP A 1 129 ? 7.404   1.264   12.409  1.00 26.75 ? 129 ASP A O   1 
ATOM   948  C  CB  . ASP A 1 129 ? 6.484   -1.150  14.174  1.00 30.66 ? 129 ASP A CB  1 
ATOM   949  C  CG  . ASP A 1 129 ? 5.631   -2.342  14.643  1.00 32.49 ? 129 ASP A CG  1 
ATOM   950  O  OD1 . ASP A 1 129 ? 4.450   -2.135  15.022  1.00 32.22 ? 129 ASP A OD1 1 
ATOM   951  O  OD2 . ASP A 1 129 ? 6.156   -3.489  14.638  1.00 33.60 ? 129 ASP A OD2 1 
ATOM   952  N  N   . GLY A 1 130 ? 6.214   2.217   14.065  1.00 25.95 ? 130 GLY A N   1 
ATOM   953  C  CA  . GLY A 1 130 ? 6.890   3.513   13.960  1.00 24.83 ? 130 GLY A CA  1 
ATOM   954  C  C   . GLY A 1 130 ? 6.558   4.373   12.741  1.00 24.13 ? 130 GLY A C   1 
ATOM   955  O  O   . GLY A 1 130 ? 7.164   5.439   12.571  1.00 23.65 ? 130 GLY A O   1 
ATOM   956  N  N   . PHE A 1 131 ? 5.604   3.927   11.907  1.00 22.79 ? 131 PHE A N   1 
ATOM   957  C  CA  . PHE A 1 131 ? 5.171   4.663   10.711  1.00 21.89 ? 131 PHE A CA  1 
ATOM   958  C  C   . PHE A 1 131 ? 3.635   4.611   10.641  1.00 21.76 ? 131 PHE A C   1 
ATOM   959  O  O   . PHE A 1 131 ? 3.068   3.984   9.736   1.00 21.56 ? 131 PHE A O   1 
ATOM   960  C  CB  . PHE A 1 131 ? 5.818   4.075   9.445   1.00 21.15 ? 131 PHE A CB  1 
ATOM   961  C  CG  . PHE A 1 131 ? 5.889   5.022   8.257   1.00 20.69 ? 131 PHE A CG  1 
ATOM   962  C  CD1 . PHE A 1 131 ? 5.133   6.198   8.173   1.00 19.97 ? 131 PHE A CD1 1 
ATOM   963  C  CD2 . PHE A 1 131 ? 6.723   4.700   7.175   1.00 20.28 ? 131 PHE A CD2 1 
ATOM   964  C  CE1 . PHE A 1 131 ? 5.221   7.019   7.063   1.00 19.75 ? 131 PHE A CE1 1 
ATOM   965  C  CE2 . PHE A 1 131 ? 6.810   5.524   6.065   1.00 19.52 ? 131 PHE A CE2 1 
ATOM   966  C  CZ  . PHE A 1 131 ? 6.060   6.683   6.010   1.00 19.61 ? 131 PHE A CZ  1 
ATOM   967  N  N   . PRO A 1 132 ? 2.958   5.281   11.596  1.00 21.58 ? 132 PRO A N   1 
ATOM   968  C  CA  . PRO A 1 132 ? 1.490   5.374   11.598  1.00 21.10 ? 132 PRO A CA  1 
ATOM   969  C  C   . PRO A 1 132 ? 0.901   6.138   10.409  1.00 20.36 ? 132 PRO A C   1 
ATOM   970  O  O   . PRO A 1 132 ? -0.265  5.937   10.067  1.00 20.78 ? 132 PRO A O   1 
ATOM   971  C  CB  . PRO A 1 132 ? 1.188   6.095   12.918  1.00 21.40 ? 132 PRO A CB  1 
ATOM   972  C  CG  . PRO A 1 132 ? 2.433   6.859   13.239  1.00 21.27 ? 132 PRO A CG  1 
ATOM   973  C  CD  . PRO A 1 132 ? 3.543   5.980   12.759  1.00 21.55 ? 132 PRO A CD  1 
ATOM   974  N  N   . GLY A 1 133 ? 1.691   6.992   9.778   1.00 19.47 ? 133 GLY A N   1 
ATOM   975  C  CA  . GLY A 1 133 ? 1.299   7.557   8.496   1.00 19.65 ? 133 GLY A CA  1 
ATOM   976  C  C   . GLY A 1 133 ? 1.070   6.486   7.436   1.00 19.21 ? 133 GLY A C   1 
ATOM   977  O  O   . GLY A 1 133 ? 0.111   6.550   6.677   1.00 18.96 ? 133 GLY A O   1 
ATOM   978  N  N   . ALA A 1 134 ? 1.949   5.493   7.403   1.00 19.29 ? 134 ALA A N   1 
ATOM   979  C  CA  . ALA A 1 134 ? 1.906   4.447   6.396   1.00 19.65 ? 134 ALA A CA  1 
ATOM   980  C  C   . ALA A 1 134 ? 0.802   3.464   6.743   1.00 20.07 ? 134 ALA A C   1 
ATOM   981  O  O   . ALA A 1 134 ? -0.043  3.181   5.900   1.00 20.33 ? 134 ALA A O   1 
ATOM   982  C  CB  . ALA A 1 134 ? 3.248   3.737   6.309   1.00 19.97 ? 134 ALA A CB  1 
ATOM   983  N  N   . THR A 1 135 ? 0.801   2.969   7.984   1.00 19.74 ? 135 THR A N   1 
ATOM   984  C  CA  . THR A 1 135 ? -0.294  2.158   8.496   1.00 20.41 ? 135 THR A CA  1 
ATOM   985  C  C   . THR A 1 135 ? -1.681  2.741   8.169   1.00 20.95 ? 135 THR A C   1 
ATOM   986  O  O   . THR A 1 135 ? -2.532  2.017   7.649   1.00 19.19 ? 135 THR A O   1 
ATOM   987  C  CB  . THR A 1 135 ? -0.156  1.950   10.021  1.00 20.71 ? 135 THR A CB  1 
ATOM   988  O  OG1 . THR A 1 135 ? 0.993   1.130   10.284  1.00 20.95 ? 135 THR A OG1 1 
ATOM   989  C  CG2 . THR A 1 135 ? -1.385  1.261   10.619  1.00 20.38 ? 135 THR A CG2 1 
ATOM   990  N  N   . ARG A 1 136 ? -1.892  4.034   8.444   1.00 22.36 ? 136 ARG A N   1 
ATOM   991  C  CA  . ARG A 1 136 ? -3.215  4.663   8.235   1.00 24.09 ? 136 ARG A CA  1 
ATOM   992  C  C   . ARG A 1 136 ? -3.693  4.716   6.781   1.00 23.01 ? 136 ARG A C   1 
ATOM   993  O  O   . ARG A 1 136 ? -4.839  4.377   6.494   1.00 22.47 ? 136 ARG A O   1 
ATOM   994  C  CB  . ARG A 1 136 ? -3.279  6.082   8.804   1.00 26.48 ? 136 ARG A CB  1 
ATOM   995  C  CG  . ARG A 1 136 ? -4.716  6.593   8.965   1.00 29.24 ? 136 ARG A CG  1 
ATOM   996  C  CD  . ARG A 1 136 ? -4.860  8.080   9.301   1.00 31.50 ? 136 ARG A CD  1 
ATOM   997  N  NE  . ARG A 1 136 ? -3.644  8.700   9.849   1.00 33.29 ? 136 ARG A NE  1 
ATOM   998  C  CZ  . ARG A 1 136 ? -2.769  9.450   9.166   1.00 34.42 ? 136 ARG A CZ  1 
ATOM   999  N  NH1 . ARG A 1 136 ? -2.934  9.715   7.863   1.00 34.05 ? 136 ARG A NH1 1 
ATOM   1000 N  NH2 . ARG A 1 136 ? -1.705  9.950   9.806   1.00 35.55 ? 136 ARG A NH2 1 
ATOM   1001 N  N   . ARG A 1 137 ? -2.833  5.174   5.885   1.00 22.69 ? 137 ARG A N   1 
ATOM   1002 C  CA  . ARG A 1 137 ? -3.195  5.306   4.473   1.00 23.06 ? 137 ARG A CA  1 
ATOM   1003 C  C   . ARG A 1 137 ? -3.235  3.945   3.778   1.00 21.70 ? 137 ARG A C   1 
ATOM   1004 O  O   . ARG A 1 137 ? -4.045  3.744   2.875   1.00 22.05 ? 137 ARG A O   1 
ATOM   1005 C  CB  . ARG A 1 137 ? -2.249  6.263   3.741   1.00 24.34 ? 137 ARG A CB  1 
ATOM   1006 C  CG  . ARG A 1 137 ? -2.267  7.692   4.281   1.00 25.73 ? 137 ARG A CG  1 
ATOM   1007 C  CD  . ARG A 1 137 ? -1.265  8.575   3.545   1.00 27.50 ? 137 ARG A CD  1 
ATOM   1008 N  NE  . ARG A 1 137 ? -1.164  9.940   4.077   1.00 28.52 ? 137 ARG A NE  1 
ATOM   1009 C  CZ  . ARG A 1 137 ? -0.544  10.292  5.212   1.00 29.50 ? 137 ARG A CZ  1 
ATOM   1010 N  NH1 . ARG A 1 137 ? 0.046   9.385   5.996   1.00 30.27 ? 137 ARG A NH1 1 
ATOM   1011 N  NH2 . ARG A 1 137 ? -0.523  11.572  5.584   1.00 28.85 ? 137 ARG A NH2 1 
ATOM   1012 N  N   . LEU A 1 138 ? -2.397  3.010   4.209   1.00 19.95 ? 138 LEU A N   1 
ATOM   1013 C  CA  . LEU A 1 138 ? -2.402  1.671   3.620   1.00 19.58 ? 138 LEU A CA  1 
ATOM   1014 C  C   . LEU A 1 138 ? -3.616  0.849   4.057   1.00 19.97 ? 138 LEU A C   1 
ATOM   1015 O  O   . LEU A 1 138 ? -4.251  0.225   3.208   1.00 19.67 ? 138 LEU A O   1 
ATOM   1016 C  CB  . LEU A 1 138 ? -1.085  0.930   3.885   1.00 18.86 ? 138 LEU A CB  1 
ATOM   1017 C  CG  . LEU A 1 138 ? 0.144   1.553   3.193   1.00 18.91 ? 138 LEU A CG  1 
ATOM   1018 C  CD1 . LEU A 1 138 ? 1.443   0.923   3.663   1.00 18.93 ? 138 LEU A CD1 1 
ATOM   1019 C  CD2 . LEU A 1 138 ? 0.072   1.466   1.672   1.00 19.09 ? 138 LEU A CD2 1 
ATOM   1020 N  N   . ASP A 1 139 ? -3.938  0.873   5.356   1.00 20.27 ? 139 ASP A N   1 
ATOM   1021 C  CA  . ASP A 1 139 ? -5.126  0.216   5.901   1.00 20.20 ? 139 ASP A CA  1 
ATOM   1022 C  C   . ASP A 1 139 ? -6.391  0.762   5.268   1.00 19.80 ? 139 ASP A C   1 
ATOM   1023 O  O   . ASP A 1 139 ? -7.326  0.002   4.998   1.00 20.24 ? 139 ASP A O   1 
ATOM   1024 C  CB  . ASP A 1 139 ? -5.213  0.362   7.443   1.00 21.61 ? 139 ASP A CB  1 
ATOM   1025 C  CG  . ASP A 1 139 ? -4.255  -0.614  8.215   1.00 23.02 ? 139 ASP A CG  1 
ATOM   1026 O  OD1 . ASP A 1 139 ? -3.505  -1.402  7.587   1.00 24.17 ? 139 ASP A OD1 1 
ATOM   1027 O  OD2 . ASP A 1 139 ? -4.244  -0.592  9.472   1.00 23.32 ? 139 ASP A OD2 1 
ATOM   1028 N  N   . GLY A 1 140 ? -6.422  2.069   5.026   1.00 19.23 ? 140 GLY A N   1 
ATOM   1029 C  CA  . GLY A 1 140 ? -7.556  2.709   4.363   1.00 18.71 ? 140 GLY A CA  1 
ATOM   1030 C  C   . GLY A 1 140 ? -7.840  2.105   3.003   1.00 18.79 ? 140 GLY A C   1 
ATOM   1031 O  O   . GLY A 1 140 ? -8.995  1.866   2.665   1.00 19.28 ? 140 GLY A O   1 
ATOM   1032 N  N   . ILE A 1 141 ? -6.781  1.840   2.237   1.00 18.01 ? 141 ILE A N   1 
ATOM   1033 C  CA  . ILE A 1 141 ? -6.898  1.200   0.928   1.00 17.42 ? 141 ILE A CA  1 
ATOM   1034 C  C   . ILE A 1 141 ? -7.181  -0.298  1.061   1.00 17.18 ? 141 ILE A C   1 
ATOM   1035 O  O   . ILE A 1 141 ? -7.967  -0.844  0.296   1.00 17.37 ? 141 ILE A O   1 
ATOM   1036 C  CB  . ILE A 1 141 ? -5.634  1.438   0.066   1.00 17.30 ? 141 ILE A CB  1 
ATOM   1037 C  CG1 . ILE A 1 141 ? -5.549  2.906   -0.336  1.00 17.09 ? 141 ILE A CG1 1 
ATOM   1038 C  CG2 . ILE A 1 141 ? -5.638  0.584   -1.197  1.00 17.38 ? 141 ILE A CG2 1 
ATOM   1039 C  CD1 . ILE A 1 141 ? -4.138  3.380   -0.584  1.00 17.00 ? 141 ILE A CD1 1 
ATOM   1040 N  N   . TRP A 1 142 ? -6.519  -0.963  1.999   1.00 16.85 ? 142 TRP A N   1 
ATOM   1041 C  CA  . TRP A 1 142 ? -6.730  -2.394  2.251   1.00 16.46 ? 142 TRP A CA  1 
ATOM   1042 C  C   . TRP A 1 142 ? -8.204  -2.636  2.536   1.00 17.53 ? 142 TRP A C   1 
ATOM   1043 O  O   . TRP A 1 142 ? -8.802  -3.542  1.964   1.00 17.63 ? 142 TRP A O   1 
ATOM   1044 C  CB  . TRP A 1 142 ? -5.866  -2.854  3.432   1.00 15.83 ? 142 TRP A CB  1 
ATOM   1045 C  CG  . TRP A 1 142 ? -5.886  -4.328  3.728   1.00 15.35 ? 142 TRP A CG  1 
ATOM   1046 C  CD1 . TRP A 1 142 ? -6.839  -5.013  4.425   1.00 14.88 ? 142 TRP A CD1 1 
ATOM   1047 C  CD2 . TRP A 1 142 ? -4.876  -5.291  3.384   1.00 15.02 ? 142 TRP A CD2 1 
ATOM   1048 N  NE1 . TRP A 1 142 ? -6.498  -6.335  4.518   1.00 14.45 ? 142 TRP A NE1 1 
ATOM   1049 C  CE2 . TRP A 1 142 ? -5.306  -6.540  3.879   1.00 14.54 ? 142 TRP A CE2 1 
ATOM   1050 C  CE3 . TRP A 1 142 ? -3.663  -5.223  2.684   1.00 14.78 ? 142 TRP A CE3 1 
ATOM   1051 C  CZ2 . TRP A 1 142 ? -4.570  -7.714  3.697   1.00 14.53 ? 142 TRP A CZ2 1 
ATOM   1052 C  CZ3 . TRP A 1 142 ? -2.924  -6.390  2.511   1.00 14.84 ? 142 TRP A CZ3 1 
ATOM   1053 C  CH2 . TRP A 1 142 ? -3.384  -7.621  3.019   1.00 14.67 ? 142 TRP A CH2 1 
ATOM   1054 N  N   . ASN A 1 143 ? -8.777  -1.789  3.393   1.00 18.71 ? 143 ASN A N   1 
ATOM   1055 C  CA  . ASN A 1 143 ? -10.158 -1.923  3.859   1.00 19.62 ? 143 ASN A CA  1 
ATOM   1056 C  C   . ASN A 1 143 ? -11.252 -1.576  2.839   1.00 20.20 ? 143 ASN A C   1 
ATOM   1057 O  O   . ASN A 1 143 ? -12.380 -2.051  2.990   1.00 19.33 ? 143 ASN A O   1 
ATOM   1058 C  CB  . ASN A 1 143 ? -10.365 -1.093  5.142   1.00 20.15 ? 143 ASN A CB  1 
ATOM   1059 C  CG  . ASN A 1 143 ? -9.586  -1.645  6.339   1.00 20.50 ? 143 ASN A CG  1 
ATOM   1060 O  OD1 . ASN A 1 143 ? -9.299  -2.840  6.416   1.00 20.47 ? 143 ASN A OD1 1 
ATOM   1061 N  ND2 . ASN A 1 143 ? -9.247  -0.766  7.285   1.00 21.24 ? 143 ASN A ND2 1 
ATOM   1062 N  N   . THR A 1 144 ? -10.929 -0.748  1.832   1.00 20.91 ? 144 THR A N   1 
ATOM   1063 C  CA  . THR A 1 144 ? -11.823 -0.497  0.681   1.00 21.18 ? 144 THR A CA  1 
ATOM   1064 C  C   . THR A 1 144 ? -12.117 -1.792  -0.086  1.00 21.69 ? 144 THR A C   1 
ATOM   1065 O  O   . THR A 1 144 ? -13.248 -2.025  -0.507  1.00 21.72 ? 144 THR A O   1 
ATOM   1066 C  CB  . THR A 1 144 ? -11.221 0.523   -0.319  1.00 21.60 ? 144 THR A CB  1 
ATOM   1067 O  OG1 . THR A 1 144 ? -11.104 1.814   0.289   1.00 22.39 ? 144 THR A OG1 1 
ATOM   1068 C  CG2 . THR A 1 144 ? -12.086 0.664   -1.540  1.00 21.39 ? 144 THR A CG2 1 
ATOM   1069 N  N   . SER A 1 145 ? -11.076 -2.597  -0.299  1.00 22.41 ? 145 SER A N   1 
ATOM   1070 C  CA  . SER A 1 145 ? -11.204 -3.941  -0.878  1.00 22.47 ? 145 SER A CA  1 
ATOM   1071 C  C   . SER A 1 145 ? -12.031 -4.881  -0.032  1.00 22.84 ? 145 SER A C   1 
ATOM   1072 O  O   . SER A 1 145 ? -12.868 -5.608  -0.563  1.00 22.56 ? 145 SER A O   1 
ATOM   1073 C  CB  . SER A 1 145 ? -9.834  -4.592  -1.095  1.00 22.40 ? 145 SER A CB  1 
ATOM   1074 O  OG  . SER A 1 145 ? -9.400  -4.378  -2.415  1.00 23.13 ? 145 SER A OG  1 
ATOM   1075 N  N   . SER A 1 146 ? -11.749 -4.900  1.268   1.00 23.07 ? 146 SER A N   1 
ATOM   1076 C  CA  . SER A 1 146 ? -12.468 -5.763  2.197   1.00 24.01 ? 146 SER A CA  1 
ATOM   1077 C  C   . SER A 1 146 ? -13.963 -5.452  2.195   1.00 23.56 ? 146 SER A C   1 
ATOM   1078 O  O   . SER A 1 146 ? -14.795 -6.364  2.218   1.00 24.14 ? 146 SER A O   1 
ATOM   1079 C  CB  . SER A 1 146 ? -11.915 -5.619  3.624   1.00 24.73 ? 146 SER A CB  1 
ATOM   1080 O  OG  . SER A 1 146 ? -10.595 -6.133  3.731   1.00 25.45 ? 146 SER A OG  1 
ATOM   1081 N  N   . THR A 1 147 ? -14.289 -4.166  2.163   1.00 23.15 ? 147 THR A N   1 
ATOM   1082 C  CA  . THR A 1 147 ? -15.671 -3.711  2.198   1.00 23.00 ? 147 THR A CA  1 
ATOM   1083 C  C   . THR A 1 147 ? -16.356 -3.999  0.864   1.00 23.02 ? 147 THR A C   1 
ATOM   1084 O  O   . THR A 1 147 ? -17.499 -4.457  0.852   1.00 22.86 ? 147 THR A O   1 
ATOM   1085 C  CB  . THR A 1 147 ? -15.742 -2.215  2.569   1.00 22.78 ? 147 THR A CB  1 
ATOM   1086 O  OG1 . THR A 1 147 ? -15.187 -2.045  3.872   1.00 23.81 ? 147 THR A OG1 1 
ATOM   1087 C  CG2 . THR A 1 147 ? -17.176 -1.685  2.594   1.00 22.79 ? 147 THR A CG2 1 
ATOM   1088 N  N   . ASP A 1 148 ? -15.662 -3.730  -0.245  1.00 23.13 ? 148 ASP A N   1 
ATOM   1089 C  CA  . ASP A 1 148 ? -16.197 -4.005  -1.586  1.00 22.79 ? 148 ASP A CA  1 
ATOM   1090 C  C   . ASP A 1 148 ? -16.400 -5.486  -1.823  1.00 23.08 ? 148 ASP A C   1 
ATOM   1091 O  O   . ASP A 1 148 ? -17.387 -5.867  -2.412  1.00 23.92 ? 148 ASP A O   1 
ATOM   1092 C  CB  . ASP A 1 148 ? -15.288 -3.448  -2.675  1.00 22.73 ? 148 ASP A CB  1 
ATOM   1093 C  CG  . ASP A 1 148 ? -15.372 -1.947  -2.802  1.00 22.59 ? 148 ASP A CG  1 
ATOM   1094 O  OD1 . ASP A 1 148 ? -16.225 -1.296  -2.155  1.00 23.09 ? 148 ASP A OD1 1 
ATOM   1095 O  OD2 . ASP A 1 148 ? -14.567 -1.402  -3.584  1.00 21.67 ? 148 ASP A OD2 1 
ATOM   1096 N  N   . ALA A 1 149 ? -15.473 -6.315  -1.369  1.00 24.06 ? 149 ALA A N   1 
ATOM   1097 C  CA  . ALA A 1 149 ? -15.644 -7.763  -1.437  1.00 25.52 ? 149 ALA A CA  1 
ATOM   1098 C  C   . ALA A 1 149 ? -16.902 -8.185  -0.707  1.00 28.05 ? 149 ALA A C   1 
ATOM   1099 O  O   . ALA A 1 149 ? -17.764 -8.844  -1.289  1.00 30.62 ? 149 ALA A O   1 
ATOM   1100 C  CB  . ALA A 1 149 ? -14.435 -8.486  -0.853  1.00 25.35 ? 149 ALA A CB  1 
ATOM   1101 N  N   . ALA A 1 150 ? -17.004 -7.785  0.560   1.00 30.02 ? 150 ALA A N   1 
ATOM   1102 C  CA  . ALA A 1 150 ? -18.165 -8.103  1.401   1.00 30.65 ? 150 ALA A CA  1 
ATOM   1103 C  C   . ALA A 1 150 ? -19.478 -7.731  0.728   1.00 30.35 ? 150 ALA A C   1 
ATOM   1104 O  O   . ALA A 1 150 ? -20.360 -8.572  0.583   1.00 30.47 ? 150 ALA A O   1 
ATOM   1105 C  CB  . ALA A 1 150 ? -18.057 -7.397  2.743   1.00 30.59 ? 150 ALA A CB  1 
ATOM   1106 N  N   . ASN A 1 151 ? -19.583 -6.476  0.310   1.00 31.75 ? 151 ASN A N   1 
ATOM   1107 C  CA  . ASN A 1 151 ? -20.769 -5.985  -0.399  1.00 34.08 ? 151 ASN A CA  1 
ATOM   1108 C  C   . ASN A 1 151 ? -21.142 -6.895  -1.573  1.00 34.86 ? 151 ASN A C   1 
ATOM   1109 O  O   . ASN A 1 151 ? -22.267 -7.379  -1.647  1.00 35.07 ? 151 ASN A O   1 
ATOM   1110 C  CB  . ASN A 1 151 ? -20.562 -4.536  -0.888  1.00 34.99 ? 151 ASN A CB  1 
ATOM   1111 C  CG  . ASN A 1 151 ? -20.615 -3.503  0.242   1.00 35.75 ? 151 ASN A CG  1 
ATOM   1112 O  OD1 . ASN A 1 151 ? -21.153 -3.761  1.320   1.00 36.55 ? 151 ASN A OD1 1 
ATOM   1113 N  ND2 . ASN A 1 151 ? -20.063 -2.316  -0.014  1.00 35.98 ? 151 ASN A ND2 1 
ATOM   1114 N  N   . ILE A 1 152 ? -20.171 -7.155  -2.443  1.00 35.32 ? 152 ILE A N   1 
ATOM   1115 C  CA  . ILE A 1 152 ? -20.353 -8.007  -3.625  1.00 35.25 ? 152 ILE A CA  1 
ATOM   1116 C  C   . ILE A 1 152 ? -20.815 -9.414  -3.253  1.00 35.45 ? 152 ILE A C   1 
ATOM   1117 O  O   . ILE A 1 152 ? -21.670 -9.980  -3.928  1.00 36.31 ? 152 ILE A O   1 
ATOM   1118 C  CB  . ILE A 1 152 ? -19.049 -8.094  -4.468  1.00 34.73 ? 152 ILE A CB  1 
ATOM   1119 C  CG1 . ILE A 1 152 ? -18.779 -6.753  -5.170  1.00 33.57 ? 152 ILE A CG1 1 
ATOM   1120 C  CG2 . ILE A 1 152 ? -19.134 -9.194  -5.530  1.00 35.10 ? 152 ILE A CG2 1 
ATOM   1121 C  CD1 . ILE A 1 152 ? -17.366 -6.608  -5.695  1.00 33.22 ? 152 ILE A CD1 1 
ATOM   1122 N  N   . ALA A 1 153 ? -20.233 -9.972  -2.195  1.00 36.38 ? 153 ALA A N   1 
ATOM   1123 C  CA  . ALA A 1 153 ? -20.551 -11.329 -1.744  1.00 36.93 ? 153 ALA A CA  1 
ATOM   1124 C  C   . ALA A 1 153 ? -21.948 -11.448 -1.114  1.00 39.14 ? 153 ALA A C   1 
ATOM   1125 O  O   . ALA A 1 153 ? -22.621 -12.462 -1.291  1.00 39.27 ? 153 ALA A O   1 
ATOM   1126 C  CB  . ALA A 1 153 ? -19.490 -11.805 -0.768  1.00 36.62 ? 153 ALA A CB  1 
ATOM   1127 N  N   . LYS A 1 154 ? -22.368 -10.421 -0.372  1.00 42.23 ? 154 LYS A N   1 
ATOM   1128 C  CA  . LYS A 1 154 ? -23.735 -10.342 0.183   1.00 45.05 ? 154 LYS A CA  1 
ATOM   1129 C  C   . LYS A 1 154 ? -24.813 -10.256 -0.909  1.00 45.64 ? 154 LYS A C   1 
ATOM   1130 O  O   . LYS A 1 154 ? -25.914 -10.788 -0.740  1.00 45.11 ? 154 LYS A O   1 
ATOM   1131 C  CB  . LYS A 1 154 ? -23.883 -9.142  1.136   1.00 45.09 ? 154 LYS A CB  1 
ATOM   1132 N  N   . VAL A 1 155 ? -24.479 -9.607  -2.030  1.00 44.99 ? 155 VAL A N   1 
ATOM   1133 C  CA  . VAL A 1 155 ? -25.360 -9.515  -3.198  1.00 45.18 ? 155 VAL A CA  1 
ATOM   1134 C  C   . VAL A 1 155 ? -25.267 -10.801 -4.063  1.00 48.62 ? 155 VAL A C   1 
ATOM   1135 O  O   . VAL A 1 155 ? -25.356 -10.764 -5.284  1.00 48.13 ? 155 VAL A O   1 
ATOM   1136 C  CB  . VAL A 1 155 ? -25.085 -8.203  -3.983  1.00 44.88 ? 155 VAL A CB  1 
ATOM   1137 C  CG1 . VAL A 1 155 ? -25.992 -8.042  -5.203  1.00 45.72 ? 155 VAL A CG1 1 
ATOM   1138 C  CG2 . VAL A 1 155 ? -25.304 -7.001  -3.069  1.00 45.11 ? 155 VAL A CG2 1 
ATOM   1139 N  N   . LEU A 1 156 ? -25.061 -11.944 -3.404  1.00 51.68 ? 156 LEU A N   1 
ATOM   1140 C  CA  . LEU A 1 156 ? -25.445 -13.247 -3.916  1.00 52.96 ? 156 LEU A CA  1 
ATOM   1141 C  C   . LEU A 1 156 ? -26.078 -13.989 -2.726  1.00 55.92 ? 156 LEU A C   1 
ATOM   1142 O  O   . LEU A 1 156 ? -25.514 -13.972 -1.627  1.00 58.33 ? 156 LEU A O   1 
ATOM   1143 C  CB  . LEU A 1 156 ? -24.227 -14.029 -4.425  1.00 53.76 ? 156 LEU A CB  1 
ATOM   1144 C  CG  . LEU A 1 156 ? -22.888 -13.349 -4.774  1.00 54.52 ? 156 LEU A CG  1 
ATOM   1145 C  CD1 . LEU A 1 156 ? -21.789 -14.398 -4.736  1.00 54.75 ? 156 LEU A CD1 1 
ATOM   1146 C  CD2 . LEU A 1 156 ? -22.864 -12.654 -6.130  1.00 54.25 ? 156 LEU A CD2 1 
ATOM   1147 N  N   . ALA A 1 157 ? -27.236 -14.623 -2.940  1.00 56.09 ? 157 ALA A N   1 
ATOM   1148 C  CA  . ALA A 1 157 ? -27.951 -15.367 -1.889  1.00 54.68 ? 157 ALA A CA  1 
ATOM   1149 C  C   . ALA A 1 157 ? -28.294 -14.467 -0.706  1.00 55.31 ? 157 ALA A C   1 
ATOM   1150 O  O   . ALA A 1 157 ? -28.581 -13.280 -0.885  1.00 56.62 ? 157 ALA A O   1 
ATOM   1151 C  CB  . ALA A 1 157 ? -27.153 -16.590 -1.427  1.00 52.80 ? 157 ALA A CB  1 
ATOM   1152 N  N   . ILE A 1 162 ? -29.799 -14.832 -10.488 1.00 45.02 ? 162 ILE A N   1 
ATOM   1153 C  CA  . ILE A 1 162 ? -28.343 -14.883 -10.488 1.00 46.19 ? 162 ILE A CA  1 
ATOM   1154 C  C   . ILE A 1 162 ? -27.788 -14.114 -11.681 1.00 47.65 ? 162 ILE A C   1 
ATOM   1155 O  O   . ILE A 1 162 ? -27.141 -13.076 -11.517 1.00 46.95 ? 162 ILE A O   1 
ATOM   1156 C  CB  . ILE A 1 162 ? -27.823 -16.350 -10.500 1.00 45.37 ? 162 ILE A CB  1 
ATOM   1157 C  CG1 . ILE A 1 162 ? -28.012 -16.969 -9.113  1.00 45.02 ? 162 ILE A CG1 1 
ATOM   1158 C  CG2 . ILE A 1 162 ? -26.349 -16.434 -10.926 1.00 44.83 ? 162 ILE A CG2 1 
ATOM   1159 C  CD1 . ILE A 1 162 ? -27.640 -18.436 -9.004  1.00 45.28 ? 162 ILE A CD1 1 
ATOM   1160 N  N   . GLU A 1 163 ? -28.065 -14.642 -12.873 1.00 48.46 ? 163 GLU A N   1 
ATOM   1161 C  CA  . GLU A 1 163 ? -27.499 -14.145 -14.118 1.00 49.23 ? 163 GLU A CA  1 
ATOM   1162 C  C   . GLU A 1 163 ? -27.895 -12.696 -14.388 1.00 51.81 ? 163 GLU A C   1 
ATOM   1163 O  O   . GLU A 1 163 ? -27.150 -11.974 -15.051 1.00 54.79 ? 163 GLU A O   1 
ATOM   1164 C  CB  . GLU A 1 163 ? -27.926 -15.038 -15.286 1.00 48.21 ? 163 GLU A CB  1 
ATOM   1165 N  N   . LYS A 1 164 ? -29.059 -12.281 -13.873 1.00 53.44 ? 164 LYS A N   1 
ATOM   1166 C  CA  . LYS A 1 164 ? -29.486 -10.871 -13.893 1.00 54.52 ? 164 LYS A CA  1 
ATOM   1167 C  C   . LYS A 1 164 ? -28.585 -9.982  -13.020 1.00 55.49 ? 164 LYS A C   1 
ATOM   1168 O  O   . LYS A 1 164 ? -28.000 -9.002  -13.501 1.00 58.14 ? 164 LYS A O   1 
ATOM   1169 C  CB  . LYS A 1 164 ? -30.942 -10.743 -13.423 1.00 53.66 ? 164 LYS A CB  1 
ATOM   1170 N  N   . THR A 1 165 ? -28.490 -10.340 -11.740 1.00 54.15 ? 165 THR A N   1 
ATOM   1171 C  CA  . THR A 1 165 ? -27.677 -9.618  -10.742 1.00 52.36 ? 165 THR A CA  1 
ATOM   1172 C  C   . THR A 1 165 ? -26.202 -9.445  -11.182 1.00 50.61 ? 165 THR A C   1 
ATOM   1173 O  O   . THR A 1 165 ? -25.588 -8.408  -10.915 1.00 48.91 ? 165 THR A O   1 
ATOM   1174 C  CB  . THR A 1 165 ? -27.774 -10.334 -9.363  1.00 50.87 ? 165 THR A CB  1 
ATOM   1175 O  OG1 . THR A 1 165 ? -29.078 -10.128 -8.810  1.00 46.95 ? 165 THR A OG1 1 
ATOM   1176 C  CG2 . THR A 1 165 ? -26.733 -9.838  -8.362  1.00 50.44 ? 165 THR A CG2 1 
ATOM   1177 N  N   . VAL A 1 166 ? -25.664 -10.454 -11.869 1.00 47.75 ? 166 VAL A N   1 
ATOM   1178 C  CA  . VAL A 1 166 ? -24.261 -10.464 -12.322 1.00 45.96 ? 166 VAL A CA  1 
ATOM   1179 C  C   . VAL A 1 166 ? -23.956 -9.387  -13.370 1.00 44.19 ? 166 VAL A C   1 
ATOM   1180 O  O   . VAL A 1 166 ? -22.882 -8.784  -13.330 1.00 42.54 ? 166 VAL A O   1 
ATOM   1181 C  CB  . VAL A 1 166 ? -23.854 -11.861 -12.857 1.00 43.30 ? 166 VAL A CB  1 
ATOM   1182 C  CG1 . VAL A 1 166 ? -22.478 -11.844 -13.510 1.00 43.78 ? 166 VAL A CG1 1 
ATOM   1183 C  CG2 . VAL A 1 166 ? -23.859 -12.864 -11.723 1.00 42.27 ? 166 VAL A CG2 1 
ATOM   1184 N  N   . LYS A 1 167 ? -24.883 -9.164  -14.299 1.00 44.61 ? 167 LYS A N   1 
ATOM   1185 C  CA  . LYS A 1 167 ? -24.711 -8.142  -15.339 1.00 46.41 ? 167 LYS A CA  1 
ATOM   1186 C  C   . LYS A 1 167 ? -24.761 -6.737  -14.731 1.00 47.67 ? 167 LYS A C   1 
ATOM   1187 O  O   . LYS A 1 167 ? -23.988 -5.857  -15.121 1.00 46.49 ? 167 LYS A O   1 
ATOM   1188 C  CB  . LYS A 1 167 ? -25.768 -8.291  -16.438 1.00 47.20 ? 167 LYS A CB  1 
ATOM   1189 N  N   . GLU A 1 168 ? -25.667 -6.541  -13.769 1.00 49.97 ? 168 GLU A N   1 
ATOM   1190 C  CA  . GLU A 1 168 ? -25.680 -5.325  -12.924 1.00 49.15 ? 168 GLU A CA  1 
ATOM   1191 C  C   . GLU A 1 168 ? -24.392 -5.179  -12.093 1.00 44.49 ? 168 GLU A C   1 
ATOM   1192 O  O   . GLU A 1 168 ? -23.833 -4.081  -12.021 1.00 43.82 ? 168 GLU A O   1 
ATOM   1193 C  CB  . GLU A 1 168 ? -26.896 -5.318  -11.982 1.00 51.99 ? 168 GLU A CB  1 
ATOM   1194 C  CG  . GLU A 1 168 ? -28.249 -5.145  -12.677 1.00 54.33 ? 168 GLU A CG  1 
ATOM   1195 C  CD  . GLU A 1 168 ? -29.454 -5.381  -11.762 1.00 54.63 ? 168 GLU A CD  1 
ATOM   1196 O  OE1 . GLU A 1 168 ? -30.567 -4.966  -12.147 1.00 54.32 ? 168 GLU A OE1 1 
ATOM   1197 O  OE2 . GLU A 1 168 ? -29.306 -5.980  -10.668 1.00 55.78 ? 168 GLU A OE2 1 
ATOM   1198 N  N   . LEU A 1 169 ? -23.936 -6.275  -11.476 1.00 39.02 ? 169 LEU A N   1 
ATOM   1199 C  CA  . LEU A 1 169 ? -22.685 -6.278  -10.693 1.00 37.34 ? 169 LEU A CA  1 
ATOM   1200 C  C   . LEU A 1 169 ? -21.504 -5.865  -11.556 1.00 36.80 ? 169 LEU A C   1 
ATOM   1201 O  O   . LEU A 1 169 ? -20.808 -4.894  -11.240 1.00 37.20 ? 169 LEU A O   1 
ATOM   1202 C  CB  . LEU A 1 169 ? -22.403 -7.653  -10.055 1.00 35.85 ? 169 LEU A CB  1 
ATOM   1203 C  CG  . LEU A 1 169 ? -23.034 -7.977  -8.692  1.00 34.70 ? 169 LEU A CG  1 
ATOM   1204 C  CD1 . LEU A 1 169 ? -22.781 -9.426  -8.309  1.00 34.83 ? 169 LEU A CD1 1 
ATOM   1205 C  CD2 . LEU A 1 169 ? -22.507 -7.067  -7.595  1.00 34.16 ? 169 LEU A CD2 1 
ATOM   1206 N  N   . THR A 1 170 ? -21.305 -6.603  -12.645 1.00 35.40 ? 170 THR A N   1 
ATOM   1207 C  CA  . THR A 1 170 ? -20.270 -6.309  -13.632 1.00 34.31 ? 170 THR A CA  1 
ATOM   1208 C  C   . THR A 1 170 ? -20.302 -4.841  -14.030 1.00 35.11 ? 170 THR A C   1 
ATOM   1209 O  O   . THR A 1 170 ? -19.294 -4.138  -13.931 1.00 35.07 ? 170 THR A O   1 
ATOM   1210 C  CB  . THR A 1 170 ? -20.457 -7.183  -14.891 1.00 33.81 ? 170 THR A CB  1 
ATOM   1211 O  OG1 . THR A 1 170 ? -20.200 -8.557  -14.568 1.00 31.42 ? 170 THR A OG1 1 
ATOM   1212 C  CG2 . THR A 1 170 ? -19.522 -6.751  -16.021 1.00 34.91 ? 170 THR A CG2 1 
ATOM   1213 N  N   . THR A 1 171 ? -21.473 -4.389  -14.471 1.00 36.21 ? 171 THR A N   1 
ATOM   1214 C  CA  . THR A 1 171 ? -21.659 -3.009  -14.945 1.00 36.27 ? 171 THR A CA  1 
ATOM   1215 C  C   . THR A 1 171 ? -21.409 -1.980  -13.858 1.00 36.19 ? 171 THR A C   1 
ATOM   1216 O  O   . THR A 1 171 ? -20.835 -0.924  -14.132 1.00 36.23 ? 171 THR A O   1 
ATOM   1217 C  CB  . THR A 1 171 ? -23.080 -2.794  -15.502 1.00 36.13 ? 171 THR A CB  1 
ATOM   1218 O  OG1 . THR A 1 171 ? -23.284 -3.676  -16.606 1.00 36.58 ? 171 THR A OG1 1 
ATOM   1219 C  CG2 . THR A 1 171 ? -23.288 -1.358  -15.988 1.00 36.63 ? 171 THR A CG2 1 
ATOM   1220 N  N   . ALA A 1 172 ? -21.860 -2.284  -12.643 1.00 36.58 ? 172 ALA A N   1 
ATOM   1221 C  CA  . ALA A 1 172 ? -21.714 -1.370  -11.509 1.00 37.64 ? 172 ALA A CA  1 
ATOM   1222 C  C   . ALA A 1 172 ? -20.271 -1.282  -11.030 1.00 37.63 ? 172 ALA A C   1 
ATOM   1223 O  O   . ALA A 1 172 ? -19.794 -0.188  -10.730 1.00 37.61 ? 172 ALA A O   1 
ATOM   1224 C  CB  . ALA A 1 172 ? -22.625 -1.782  -10.362 1.00 38.59 ? 172 ALA A CB  1 
ATOM   1225 N  N   . PHE A 1 173 ? -19.585 -2.426  -10.953 1.00 37.60 ? 173 PHE A N   1 
ATOM   1226 C  CA  . PHE A 1 173 ? -18.166 -2.456  -10.561 1.00 37.09 ? 173 PHE A CA  1 
ATOM   1227 C  C   . PHE A 1 173 ? -17.208 -1.897  -11.613 1.00 36.90 ? 173 PHE A C   1 
ATOM   1228 O  O   . PHE A 1 173 ? -16.151 -1.396  -11.251 1.00 37.22 ? 173 PHE A O   1 
ATOM   1229 C  CB  . PHE A 1 173 ? -17.715 -3.865  -10.172 1.00 36.62 ? 173 PHE A CB  1 
ATOM   1230 C  CG  . PHE A 1 173 ? -16.338 -3.903  -9.573  1.00 36.59 ? 173 PHE A CG  1 
ATOM   1231 C  CD1 . PHE A 1 173 ? -16.130 -3.503  -8.260  1.00 36.43 ? 173 PHE A CD1 1 
ATOM   1232 C  CD2 . PHE A 1 173 ? -15.239 -4.303  -10.330 1.00 37.06 ? 173 PHE A CD2 1 
ATOM   1233 C  CE1 . PHE A 1 173 ? -14.859 -3.524  -7.703  1.00 36.46 ? 173 PHE A CE1 1 
ATOM   1234 C  CE2 . PHE A 1 173 ? -13.964 -4.331  -9.780  1.00 36.46 ? 173 PHE A CE2 1 
ATOM   1235 C  CZ  . PHE A 1 173 ? -13.775 -3.941  -8.461  1.00 36.46 ? 173 PHE A CZ  1 
ATOM   1236 N  N   . SER A 1 174 ? -17.556 -2.000  -12.896 1.00 36.47 ? 174 SER A N   1 
ATOM   1237 C  CA  . SER A 1 174 ? -16.727 -1.464  -13.998 1.00 35.66 ? 174 SER A CA  1 
ATOM   1238 C  C   . SER A 1 174 ? -16.042 -0.107  -13.726 1.00 33.91 ? 174 SER A C   1 
ATOM   1239 O  O   . SER A 1 174 ? -14.824 0.012   -13.917 1.00 33.00 ? 174 SER A O   1 
ATOM   1240 C  CB  . SER A 1 174 ? -17.552 -1.379  -15.296 1.00 36.89 ? 174 SER A CB  1 
ATOM   1241 O  OG  . SER A 1 174 ? -16.831 -0.742  -16.349 1.00 36.31 ? 174 SER A OG  1 
ATOM   1242 N  N   . PRO A 1 175 ? -16.811 0.921   -13.302 1.00 33.09 ? 175 PRO A N   1 
ATOM   1243 C  CA  . PRO A 1 175 ? -16.147 2.206   -13.013 1.00 33.00 ? 175 PRO A CA  1 
ATOM   1244 C  C   . PRO A 1 175 ? -15.095 2.152   -11.895 1.00 32.88 ? 175 PRO A C   1 
ATOM   1245 O  O   . PRO A 1 175 ? -14.180 2.979   -11.876 1.00 32.13 ? 175 PRO A O   1 
ATOM   1246 C  CB  . PRO A 1 175 ? -17.311 3.151   -12.644 1.00 32.02 ? 175 PRO A CB  1 
ATOM   1247 C  CG  . PRO A 1 175 ? -18.517 2.295   -12.507 1.00 31.41 ? 175 PRO A CG  1 
ATOM   1248 C  CD  . PRO A 1 175 ? -18.275 1.078   -13.340 1.00 32.23 ? 175 PRO A CD  1 
ATOM   1249 N  N   . ALA A 1 176 ? -15.243 1.194   -10.981 1.00 32.91 ? 176 ALA A N   1 
ATOM   1250 C  CA  . ALA A 1 176 ? -14.267 0.956   -9.919  1.00 33.13 ? 176 ALA A CA  1 
ATOM   1251 C  C   . ALA A 1 176 ? -12.911 0.421   -10.415 1.00 33.03 ? 176 ALA A C   1 
ATOM   1252 O  O   . ALA A 1 176 ? -11.870 0.794   -9.847  1.00 34.49 ? 176 ALA A O   1 
ATOM   1253 C  CB  . ALA A 1 176 ? -14.848 0.021   -8.860  1.00 33.25 ? 176 ALA A CB  1 
ATOM   1254 N  N   . LYS A 1 177 ? -12.913 -0.428  -11.451 1.00 31.37 ? 177 LYS A N   1 
ATOM   1255 C  CA  . LYS A 1 177 ? -11.670 -1.027  -11.990 1.00 30.11 ? 177 LYS A CA  1 
ATOM   1256 C  C   . LYS A 1 177 ? -10.573 -0.022  -12.343 1.00 30.41 ? 177 LYS A C   1 
ATOM   1257 O  O   . LYS A 1 177 ? -9.424  -0.200  -11.930 1.00 30.61 ? 177 LYS A O   1 
ATOM   1258 C  CB  . LYS A 1 177 ? -11.944 -1.895  -13.217 1.00 29.65 ? 177 LYS A CB  1 
ATOM   1259 C  CG  . LYS A 1 177 ? -12.352 -3.314  -12.877 1.00 29.60 ? 177 LYS A CG  1 
ATOM   1260 C  CD  . LYS A 1 177 ? -12.537 -4.146  -14.137 1.00 29.17 ? 177 LYS A CD  1 
ATOM   1261 C  CE  . LYS A 1 177 ? -13.707 -5.103  -13.999 1.00 28.60 ? 177 LYS A CE  1 
ATOM   1262 N  NZ  . LYS A 1 177 ? -13.997 -5.791  -15.279 1.00 28.31 ? 177 LYS A NZ  1 
ATOM   1263 N  N   . ALA A 1 178 ? -10.911 1.015   -13.111 1.00 29.90 ? 178 ALA A N   1 
ATOM   1264 C  CA  . ALA A 1 178 ? -9.934  2.070   -13.419 1.00 30.12 ? 178 ALA A CA  1 
ATOM   1265 C  C   . ALA A 1 178 ? -9.451  2.760   -12.134 1.00 29.02 ? 178 ALA A C   1 
ATOM   1266 O  O   . ALA A 1 178 ? -8.274  3.121   -12.019 1.00 28.83 ? 178 ALA A O   1 
ATOM   1267 C  CB  . ALA A 1 178 ? -10.517 3.089   -14.391 1.00 30.22 ? 178 ALA A CB  1 
ATOM   1268 N  N   . GLY A 1 179 ? -10.370 2.929   -11.179 1.00 27.84 ? 179 GLY A N   1 
ATOM   1269 C  CA  . GLY A 1 179 ? -10.060 3.457   -9.861  1.00 26.55 ? 179 GLY A CA  1 
ATOM   1270 C  C   . GLY A 1 179 ? -9.021  2.610   -9.155  1.00 26.26 ? 179 GLY A C   1 
ATOM   1271 O  O   . GLY A 1 179 ? -7.974  3.128   -8.741  1.00 26.22 ? 179 GLY A O   1 
ATOM   1272 N  N   . TYR A 1 180 ? -9.305  1.308   -9.058  1.00 24.24 ? 180 TYR A N   1 
ATOM   1273 C  CA  . TYR A 1 180 ? -8.394  0.328   -8.454  1.00 22.67 ? 180 TYR A CA  1 
ATOM   1274 C  C   . TYR A 1 180 ? -7.025  0.288   -9.117  1.00 22.68 ? 180 TYR A C   1 
ATOM   1275 O  O   . TYR A 1 180 ? -6.017  0.388   -8.431  1.00 22.49 ? 180 TYR A O   1 
ATOM   1276 C  CB  . TYR A 1 180 ? -9.003  -1.077  -8.467  1.00 21.81 ? 180 TYR A CB  1 
ATOM   1277 C  CG  . TYR A 1 180 ? -9.759  -1.421  -7.221  1.00 21.16 ? 180 TYR A CG  1 
ATOM   1278 C  CD1 . TYR A 1 180 ? -9.083  -1.770  -6.055  1.00 21.03 ? 180 TYR A CD1 1 
ATOM   1279 C  CD2 . TYR A 1 180 ? -11.149 -1.416  -7.198  1.00 21.01 ? 180 TYR A CD2 1 
ATOM   1280 C  CE1 . TYR A 1 180 ? -9.768  -2.106  -4.894  1.00 20.64 ? 180 TYR A CE1 1 
ATOM   1281 C  CE2 . TYR A 1 180 ? -11.842 -1.753  -6.050  1.00 20.62 ? 180 TYR A CE2 1 
ATOM   1282 C  CZ  . TYR A 1 180 ? -11.150 -2.089  -4.891  1.00 20.35 ? 180 TYR A CZ  1 
ATOM   1283 O  OH  . TYR A 1 180 ? -11.829 -2.400  -3.735  1.00 19.16 ? 180 TYR A OH  1 
ATOM   1284 N  N   . LYS A 1 181 ? -6.990  0.150   -10.440 1.00 23.74 ? 181 LYS A N   1 
ATOM   1285 C  CA  . LYS A 1 181 ? -5.723  0.168   -11.181 1.00 24.43 ? 181 LYS A CA  1 
ATOM   1286 C  C   . LYS A 1 181 ? -4.974  1.479   -10.979 1.00 23.05 ? 181 LYS A C   1 
ATOM   1287 O  O   . LYS A 1 181 ? -3.750  1.468   -10.926 1.00 23.81 ? 181 LYS A O   1 
ATOM   1288 C  CB  . LYS A 1 181 ? -5.921  -0.087  -12.680 1.00 26.58 ? 181 LYS A CB  1 
ATOM   1289 C  CG  . LYS A 1 181 ? -4.604  -0.229  -13.451 1.00 28.97 ? 181 LYS A CG  1 
ATOM   1290 C  CD  . LYS A 1 181 ? -4.767  -0.841  -14.841 1.00 30.47 ? 181 LYS A CD  1 
ATOM   1291 C  CE  . LYS A 1 181 ? -5.437  0.105   -15.830 1.00 31.65 ? 181 LYS A CE  1 
ATOM   1292 N  NZ  . LYS A 1 181 ? -4.592  1.292   -16.181 1.00 32.34 ? 181 LYS A NZ  1 
ATOM   1293 N  N   . LYS A 1 182 ? -5.696  2.595   -10.859 1.00 21.37 ? 182 LYS A N   1 
ATOM   1294 C  CA  . LYS A 1 182 ? -5.053  3.882   -10.558 1.00 20.19 ? 182 LYS A CA  1 
ATOM   1295 C  C   . LYS A 1 182 ? -4.335  3.822   -9.205  1.00 18.67 ? 182 LYS A C   1 
ATOM   1296 O  O   . LYS A 1 182 ? -3.167  4.211   -9.101  1.00 18.43 ? 182 LYS A O   1 
ATOM   1297 C  CB  . LYS A 1 182 ? -6.063  5.040   -10.604 1.00 20.24 ? 182 LYS A CB  1 
ATOM   1298 N  N   . VAL A 1 183 ? -5.026  3.287   -8.199  1.00 17.48 ? 183 VAL A N   1 
ATOM   1299 C  CA  . VAL A 1 183 ? -4.487  3.126   -6.838  1.00 16.78 ? 183 VAL A CA  1 
ATOM   1300 C  C   . VAL A 1 183 ? -3.365  2.067   -6.785  1.00 16.47 ? 183 VAL A C   1 
ATOM   1301 O  O   . VAL A 1 183 ? -2.366  2.251   -6.097  1.00 16.26 ? 183 VAL A O   1 
ATOM   1302 C  CB  . VAL A 1 183 ? -5.612  2.766   -5.828  1.00 16.89 ? 183 VAL A CB  1 
ATOM   1303 C  CG1 . VAL A 1 183 ? -5.050  2.489   -4.435  1.00 17.08 ? 183 VAL A CG1 1 
ATOM   1304 C  CG2 . VAL A 1 183 ? -6.647  3.888   -5.729  1.00 16.87 ? 183 VAL A CG2 1 
ATOM   1305 N  N   . GLN A 1 184 ? -3.523  0.972   -7.525  1.00 15.99 ? 184 GLN A N   1 
ATOM   1306 C  CA  . GLN A 1 184 ? -2.514  -0.085  -7.555  1.00 15.88 ? 184 GLN A CA  1 
ATOM   1307 C  C   . GLN A 1 184 ? -1.185  0.401   -8.114  1.00 15.95 ? 184 GLN A C   1 
ATOM   1308 O  O   . GLN A 1 184 ? -0.130  0.073   -7.573  1.00 15.64 ? 184 GLN A O   1 
ATOM   1309 C  CB  . GLN A 1 184 ? -3.011  -1.271  -8.370  1.00 15.81 ? 184 GLN A CB  1 
ATOM   1310 C  CG  . GLN A 1 184 ? -2.216  -2.546  -8.158  1.00 15.70 ? 184 GLN A CG  1 
ATOM   1311 C  CD  . GLN A 1 184 ? -2.690  -3.658  -9.065  1.00 15.69 ? 184 GLN A CD  1 
ATOM   1312 O  OE1 . GLN A 1 184 ? -3.106  -3.394  -10.191 1.00 16.07 ? 184 GLN A OE1 1 
ATOM   1313 N  NE2 . GLN A 1 184 ? -2.623  -4.906  -8.591  1.00 15.25 ? 184 GLN A NE2 1 
ATOM   1314 N  N   . GLU A 1 185 ? -1.247  1.178   -9.191  1.00 16.66 ? 185 GLU A N   1 
ATOM   1315 C  CA  . GLU A 1 185 ? -0.047  1.789   -9.798  1.00 17.50 ? 185 GLU A CA  1 
ATOM   1316 C  C   . GLU A 1 185 ? 0.673   2.782   -8.868  1.00 16.56 ? 185 GLU A C   1 
ATOM   1317 O  O   . GLU A 1 185 ? 1.907   2.785   -8.795  1.00 15.69 ? 185 GLU A O   1 
ATOM   1318 C  CB  . GLU A 1 185 ? -0.389  2.430   -11.145 1.00 18.86 ? 185 GLU A CB  1 
ATOM   1319 C  CG  . GLU A 1 185 ? -0.660  1.380   -12.228 1.00 20.92 ? 185 GLU A CG  1 
ATOM   1320 C  CD  . GLU A 1 185 ? -1.286  1.935   -13.520 1.00 22.68 ? 185 GLU A CD  1 
ATOM   1321 O  OE1 . GLU A 1 185 ? -2.163  2.833   -13.452 1.00 24.40 ? 185 GLU A OE1 1 
ATOM   1322 O  OE2 . GLU A 1 185 ? -0.913  1.447   -14.616 1.00 24.07 ? 185 GLU A OE2 1 
ATOM   1323 N  N   . ALA A 1 186 ? -0.097  3.581   -8.129  1.00 16.17 ? 186 ALA A N   1 
ATOM   1324 C  CA  . ALA A 1 186 ? 0.469   4.463   -7.106  1.00 16.02 ? 186 ALA A CA  1 
ATOM   1325 C  C   . ALA A 1 186 ? 1.245   3.680   -6.055  1.00 16.26 ? 186 ALA A C   1 
ATOM   1326 O  O   . ALA A 1 186 ? 2.409   4.003   -5.757  1.00 16.37 ? 186 ALA A O   1 
ATOM   1327 C  CB  . ALA A 1 186 ? -0.620  5.282   -6.442  1.00 16.33 ? 186 ALA A CB  1 
ATOM   1328 N  N   . LEU A 1 187 ? 0.598   2.649   -5.506  1.00 15.95 ? 187 LEU A N   1 
ATOM   1329 C  CA  . LEU A 1 187 ? 1.231   1.749   -4.541  1.00 16.12 ? 187 LEU A CA  1 
ATOM   1330 C  C   . LEU A 1 187 ? 2.473   1.061   -5.145  1.00 16.36 ? 187 LEU A C   1 
ATOM   1331 O  O   . LEU A 1 187 ? 3.526   0.970   -4.500  1.00 15.77 ? 187 LEU A O   1 
ATOM   1332 C  CB  . LEU A 1 187 ? 0.232   0.682   -4.067  1.00 16.03 ? 187 LEU A CB  1 
ATOM   1333 C  CG  . LEU A 1 187 ? -0.968  1.135   -3.243  1.00 15.68 ? 187 LEU A CG  1 
ATOM   1334 C  CD1 . LEU A 1 187 ? -2.028  0.053   -3.182  1.00 15.31 ? 187 LEU A CD1 1 
ATOM   1335 C  CD2 . LEU A 1 187 ? -0.515  1.524   -1.847  1.00 15.96 ? 187 LEU A CD2 1 
ATOM   1336 N  N   . ARG A 1 188 ? 2.325   0.582   -6.380  1.00 16.66 ? 188 ARG A N   1 
ATOM   1337 C  CA  . ARG A 1 188 ? 3.403   -0.097  -7.089  1.00 17.28 ? 188 ARG A CA  1 
ATOM   1338 C  C   . ARG A 1 188 ? 4.621   0.823   -7.281  1.00 17.12 ? 188 ARG A C   1 
ATOM   1339 O  O   . ARG A 1 188 ? 5.755   0.375   -7.155  1.00 17.39 ? 188 ARG A O   1 
ATOM   1340 C  CB  . ARG A 1 188 ? 2.903   -0.624  -8.433  1.00 18.14 ? 188 ARG A CB  1 
ATOM   1341 C  CG  . ARG A 1 188 ? 3.791   -1.705  -9.013  1.00 19.65 ? 188 ARG A CG  1 
ATOM   1342 C  CD  . ARG A 1 188 ? 3.466   -1.996  -10.466 1.00 20.51 ? 188 ARG A CD  1 
ATOM   1343 N  NE  . ARG A 1 188 ? 2.107   -2.509  -10.645 1.00 21.69 ? 188 ARG A NE  1 
ATOM   1344 C  CZ  . ARG A 1 188 ? 1.707   -3.749  -10.348 1.00 22.99 ? 188 ARG A CZ  1 
ATOM   1345 N  NH1 . ARG A 1 188 ? 2.555   -4.648  -9.826  1.00 23.98 ? 188 ARG A NH1 1 
ATOM   1346 N  NH2 . ARG A 1 188 ? 0.440   -4.099  -10.569 1.00 22.98 ? 188 ARG A NH2 1 
ATOM   1347 N  N   . ALA A 1 189 ? 4.378   2.102   -7.577  1.00 16.68 ? 189 ALA A N   1 
ATOM   1348 C  CA  . ALA A 1 189 ? 5.449   3.109   -7.715  1.00 16.22 ? 189 ALA A CA  1 
ATOM   1349 C  C   . ALA A 1 189 ? 6.093   3.488   -6.372  1.00 15.56 ? 189 ALA A C   1 
ATOM   1350 O  O   . ALA A 1 189 ? 7.308   3.672   -6.290  1.00 15.30 ? 189 ALA A O   1 
ATOM   1351 C  CB  . ALA A 1 189 ? 4.910   4.358   -8.408  1.00 16.18 ? 189 ALA A CB  1 
ATOM   1352 N  N   . TYR A 1 190 ? 5.272   3.627   -5.335  1.00 15.05 ? 190 TYR A N   1 
ATOM   1353 C  CA  . TYR A 1 190 ? 5.768   3.806   -3.975  1.00 15.04 ? 190 TYR A CA  1 
ATOM   1354 C  C   . TYR A 1 190 ? 6.692   2.653   -3.550  1.00 15.02 ? 190 TYR A C   1 
ATOM   1355 O  O   . TYR A 1 190 ? 7.779   2.900   -3.062  1.00 14.52 ? 190 TYR A O   1 
ATOM   1356 C  CB  . TYR A 1 190 ? 4.589   3.980   -3.019  1.00 15.40 ? 190 TYR A CB  1 
ATOM   1357 C  CG  . TYR A 1 190 ? 4.920   3.937   -1.548  1.00 16.09 ? 190 TYR A CG  1 
ATOM   1358 C  CD1 . TYR A 1 190 ? 6.053   4.569   -1.028  1.00 16.62 ? 190 TYR A CD1 1 
ATOM   1359 C  CD2 . TYR A 1 190 ? 4.076   3.293   -0.658  1.00 16.47 ? 190 TYR A CD2 1 
ATOM   1360 C  CE1 . TYR A 1 190 ? 6.343   4.525   0.335   1.00 16.74 ? 190 TYR A CE1 1 
ATOM   1361 C  CE2 . TYR A 1 190 ? 4.357   3.252   0.699   1.00 16.76 ? 190 TYR A CE2 1 
ATOM   1362 C  CZ  . TYR A 1 190 ? 5.487   3.862   1.191   1.00 16.78 ? 190 TYR A CZ  1 
ATOM   1363 O  OH  . TYR A 1 190 ? 5.731   3.794   2.541   1.00 17.45 ? 190 TYR A OH  1 
ATOM   1364 N  N   . ALA A 1 191 ? 6.264   1.408   -3.771  1.00 15.18 ? 191 ALA A N   1 
ATOM   1365 C  CA  . ALA A 1 191 ? 7.070   0.219   -3.469  1.00 15.12 ? 191 ALA A CA  1 
ATOM   1366 C  C   . ALA A 1 191 ? 8.375   0.181   -4.247  1.00 15.77 ? 191 ALA A C   1 
ATOM   1367 O  O   . ALA A 1 191 ? 9.402   -0.247  -3.736  1.00 16.19 ? 191 ALA A O   1 
ATOM   1368 C  CB  . ALA A 1 191 ? 6.273   -1.043  -3.760  1.00 15.02 ? 191 ALA A CB  1 
ATOM   1369 N  N   . SER A 1 192 ? 8.325   0.605   -5.501  1.00 16.69 ? 192 SER A N   1 
ATOM   1370 C  CA  . SER A 1 192 ? 9.501   0.651   -6.356  1.00 17.35 ? 192 SER A CA  1 
ATOM   1371 C  C   . SER A 1 192 ? 10.501  1.672   -5.845  1.00 17.55 ? 192 SER A C   1 
ATOM   1372 O  O   . SER A 1 192 ? 11.698  1.393   -5.772  1.00 17.38 ? 192 SER A O   1 
ATOM   1373 C  CB  . SER A 1 192 ? 9.087   1.008   -7.787  1.00 18.00 ? 192 SER A CB  1 
ATOM   1374 O  OG  . SER A 1 192 ? 10.207  1.062   -8.660  1.00 18.68 ? 192 SER A OG  1 
ATOM   1375 N  N   . SER A 1 193 ? 9.990   2.849   -5.483  1.00 18.19 ? 193 SER A N   1 
ATOM   1376 C  CA  . SER A 1 193 ? 10.822  3.970   -5.046  1.00 18.51 ? 193 SER A CA  1 
ATOM   1377 C  C   . SER A 1 193 ? 11.667  3.628   -3.835  1.00 18.73 ? 193 SER A C   1 
ATOM   1378 O  O   . SER A 1 193 ? 12.863  3.940   -3.802  1.00 18.61 ? 193 SER A O   1 
ATOM   1379 C  CB  . SER A 1 193 ? 9.965   5.203   -4.759  1.00 18.98 ? 193 SER A CB  1 
ATOM   1380 O  OG  . SER A 1 193 ? 9.180   5.040   -3.596  1.00 19.27 ? 193 SER A OG  1 
ATOM   1381 N  N   . ILE A 1 194 ? 11.058  2.950   -2.863  1.00 19.22 ? 194 ILE A N   1 
ATOM   1382 C  CA  . ILE A 1 194 ? 11.764  2.543   -1.645  1.00 19.41 ? 194 ILE A CA  1 
ATOM   1383 C  C   . ILE A 1 194 ? 13.041  1.764   -1.974  1.00 19.36 ? 194 ILE A C   1 
ATOM   1384 O  O   . ILE A 1 194 ? 14.101  2.083   -1.438  1.00 18.96 ? 194 ILE A O   1 
ATOM   1385 C  CB  . ILE A 1 194 ? 10.842  1.760   -0.666  1.00 19.96 ? 194 ILE A CB  1 
ATOM   1386 C  CG1 . ILE A 1 194 ? 9.688   2.654   -0.158  1.00 20.41 ? 194 ILE A CG1 1 
ATOM   1387 C  CG2 . ILE A 1 194 ? 11.623  1.173   0.524   1.00 19.51 ? 194 ILE A CG2 1 
ATOM   1388 C  CD1 . ILE A 1 194 ? 10.102  3.988   0.441   1.00 20.41 ? 194 ILE A CD1 1 
ATOM   1389 N  N   . THR A 1 195 ? 12.954  0.801   -2.891  1.00 20.32 ? 195 THR A N   1 
ATOM   1390 C  CA  . THR A 1 195 ? 14.126  -0.021  -3.283  1.00 21.14 ? 195 THR A CA  1 
ATOM   1391 C  C   . THR A 1 195 ? 15.266  0.846   -3.799  1.00 22.08 ? 195 THR A C   1 
ATOM   1392 O  O   . THR A 1 195 ? 16.421  0.502   -3.634  1.00 22.69 ? 195 THR A O   1 
ATOM   1393 C  CB  . THR A 1 195 ? 13.816  -1.072  -4.386  1.00 21.39 ? 195 THR A CB  1 
ATOM   1394 O  OG1 . THR A 1 195 ? 13.603  -0.429  -5.654  1.00 21.33 ? 195 THR A OG1 1 
ATOM   1395 C  CG2 . THR A 1 195 ? 12.594  -1.918  -4.046  1.00 21.66 ? 195 THR A CG2 1 
ATOM   1396 N  N   . LYS A 1 196 ? 14.919  1.962   -4.437  1.00 23.70 ? 196 LYS A N   1 
ATOM   1397 C  CA  . LYS A 1 196 ? 15.885  2.881   -5.023  1.00 25.23 ? 196 LYS A CA  1 
ATOM   1398 C  C   . LYS A 1 196 ? 16.406  3.966   -4.067  1.00 26.65 ? 196 LYS A C   1 
ATOM   1399 O  O   . LYS A 1 196 ? 17.322  4.693   -4.426  1.00 27.59 ? 196 LYS A O   1 
ATOM   1400 C  CB  . LYS A 1 196 ? 15.248  3.559   -6.236  1.00 25.06 ? 196 LYS A CB  1 
ATOM   1401 C  CG  . LYS A 1 196 ? 14.784  2.612   -7.323  1.00 25.10 ? 196 LYS A CG  1 
ATOM   1402 C  CD  . LYS A 1 196 ? 13.758  3.275   -8.237  1.00 25.53 ? 196 LYS A CD  1 
ATOM   1403 C  CE  . LYS A 1 196 ? 13.134  2.269   -9.200  1.00 25.56 ? 196 LYS A CE  1 
ATOM   1404 N  NZ  . LYS A 1 196 ? 14.131  1.506   -10.006 1.00 25.05 ? 196 LYS A NZ  1 
ATOM   1405 N  N   . LEU A 1 197 ? 15.825  4.096   -2.875  1.00 29.08 ? 197 LEU A N   1 
ATOM   1406 C  CA  . LEU A 1 197 ? 16.159  5.202   -1.968  1.00 30.10 ? 197 LEU A CA  1 
ATOM   1407 C  C   . LEU A 1 197 ? 17.635  5.256   -1.618  1.00 31.62 ? 197 LEU A C   1 
ATOM   1408 O  O   . LEU A 1 197 ? 18.247  6.322   -1.751  1.00 33.27 ? 197 LEU A O   1 
ATOM   1409 C  CB  . LEU A 1 197 ? 15.330  5.177   -0.676  1.00 30.29 ? 197 LEU A CB  1 
ATOM   1410 C  CG  . LEU A 1 197 ? 13.941  5.829   -0.675  1.00 30.91 ? 197 LEU A CG  1 
ATOM   1411 C  CD1 . LEU A 1 197 ? 13.491  6.069   0.757   1.00 30.81 ? 197 LEU A CD1 1 
ATOM   1412 C  CD2 . LEU A 1 197 ? 13.871  7.147   -1.438  1.00 31.63 ? 197 LEU A CD2 1 
ATOM   1413 N  N   . ALA A 1 198 ? 18.215  4.128   -1.207  1.00 31.69 ? 198 ALA A N   1 
ATOM   1414 C  CA  . ALA A 1 198 ? 19.636  4.089   -0.838  1.00 32.32 ? 198 ALA A CA  1 
ATOM   1415 C  C   . ALA A 1 198 ? 20.583  4.266   -2.054  1.00 34.55 ? 198 ALA A C   1 
ATOM   1416 O  O   . ALA A 1 198 ? 21.436  3.415   -2.309  1.00 36.73 ? 198 ALA A O   1 
ATOM   1417 C  CB  . ALA A 1 198 ? 19.942  2.802   -0.089  1.00 32.15 ? 198 ALA A CB  1 
ATOM   1418 N  N   . ALA A 1 199 ? 20.436  5.393   -2.767  1.00 33.84 ? 199 ALA A N   1 
ATOM   1419 C  CA  . ALA A 1 199 ? 21.181  5.700   -3.993  1.00 32.77 ? 199 ALA A CA  1 
ATOM   1420 C  C   . ALA A 1 199 ? 20.751  7.067   -4.552  1.00 32.64 ? 199 ALA A C   1 
ATOM   1421 O  O   . ALA A 1 199 ? 19.580  7.282   -4.880  1.00 29.52 ? 199 ALA A O   1 
ATOM   1422 C  CB  . ALA A 1 199 ? 20.985  4.615   -5.040  1.00 32.65 ? 199 ALA A CB  1 
HETATM 1423 NA NA  . NA  B 2 .   ? -13.954 0.535   -4.533  1.00 38.37 ? 301 NA  A NA  1 
HETATM 1424 C  C1  . EDO C 3 .   ? 6.622   -7.065  12.257  1.00 44.01 ? 302 EDO A C1  1 
HETATM 1425 O  O1  . EDO C 3 .   ? 6.800   -5.926  13.121  1.00 43.13 ? 302 EDO A O1  1 
HETATM 1426 C  C2  . EDO C 3 .   ? 5.841   -6.678  10.993  1.00 43.30 ? 302 EDO A C2  1 
HETATM 1427 O  O2  . EDO C 3 .   ? 4.827   -7.638  10.647  1.00 41.52 ? 302 EDO A O2  1 
HETATM 1428 O  O   . HOH D 4 .   ? -9.147  -15.184 -1.372  1.00 36.55 ? 401 HOH A O   1 
HETATM 1429 O  O   . HOH D 4 .   ? -17.001 -5.333  -13.737 1.00 35.44 ? 402 HOH A O   1 
HETATM 1430 O  O   . HOH D 4 .   ? -10.019 -6.458  6.467   1.00 16.56 ? 403 HOH A O   1 
HETATM 1431 O  O   . HOH D 4 .   ? -7.705  -2.488  -1.855  1.00 13.34 ? 404 HOH A O   1 
HETATM 1432 O  O   . HOH D 4 .   ? 11.484  -3.939  6.938   1.00 26.54 ? 405 HOH A O   1 
HETATM 1433 O  O   . HOH D 4 .   ? -16.872 1.863   -16.891 1.00 33.19 ? 406 HOH A O   1 
HETATM 1434 O  O   . HOH D 4 .   ? 8.095   -0.711  10.752  1.00 18.50 ? 407 HOH A O   1 
HETATM 1435 O  O   . HOH D 4 .   ? 3.835   3.085   14.936  1.00 26.60 ? 408 HOH A O   1 
HETATM 1436 O  O   . HOH D 4 .   ? -9.693  -15.499 -5.240  1.00 25.48 ? 409 HOH A O   1 
HETATM 1437 O  O   . HOH D 4 .   ? 1.514   2.402   12.618  1.00 14.76 ? 410 HOH A O   1 
HETATM 1438 O  O   . HOH D 4 .   ? 38.687  22.145  10.193  1.00 33.70 ? 411 HOH A O   1 
HETATM 1439 O  O   . HOH D 4 .   ? 17.613  3.506   16.212  1.00 23.37 ? 412 HOH A O   1 
HETATM 1440 O  O   . HOH D 4 .   ? -17.637 -25.794 -12.221 1.00 29.22 ? 413 HOH A O   1 
HETATM 1441 O  O   . HOH D 4 .   ? 36.370  13.885  15.198  1.00 26.93 ? 414 HOH A O   1 
HETATM 1442 O  O   . HOH D 4 .   ? 19.164  1.052   -3.084  1.00 22.16 ? 415 HOH A O   1 
HETATM 1443 O  O   . HOH D 4 .   ? 3.121   -5.362  12.430  1.00 39.13 ? 416 HOH A O   1 
HETATM 1444 O  O   . HOH D 4 .   ? -10.357 -4.351  10.743  1.00 16.38 ? 417 HOH A O   1 
HETATM 1445 O  O   . HOH D 4 .   ? -5.893  5.701   1.770   1.00 27.69 ? 418 HOH A O   1 
HETATM 1446 O  O   . HOH D 4 .   ? -15.794 0.161   0.339   1.00 19.42 ? 419 HOH A O   1 
HETATM 1447 O  O   . HOH D 4 .   ? -19.256 -29.447 -11.709 1.00 16.88 ? 420 HOH A O   1 
HETATM 1448 O  O   . HOH D 4 .   ? -8.970  -8.255  -15.453 1.00 14.83 ? 421 HOH A O   1 
HETATM 1449 O  O   . HOH D 4 .   ? 6.984   -2.209  -7.823  1.00 31.04 ? 422 HOH A O   1 
HETATM 1450 O  O   . HOH D 4 .   ? -6.950  3.051   8.120   1.00 14.23 ? 423 HOH A O   1 
HETATM 1451 O  O   . HOH D 4 .   ? -4.648  -9.510  0.648   1.00 25.99 ? 424 HOH A O   1 
HETATM 1452 O  O   . HOH D 4 .   ? -24.709 -21.266 -10.145 1.00 32.03 ? 425 HOH A O   1 
HETATM 1453 O  O   . HOH D 4 .   ? 25.008  7.037   4.067   1.00 24.32 ? 426 HOH A O   1 
HETATM 1454 O  O   . HOH D 4 .   ? -2.313  -2.178  4.932   1.00 18.01 ? 427 HOH A O   1 
HETATM 1455 O  O   . HOH D 4 .   ? 9.611   -2.749  -5.793  1.00 22.63 ? 428 HOH A O   1 
HETATM 1456 O  O   . HOH D 4 .   ? -1.314  -9.700  0.216   1.00 22.63 ? 429 HOH A O   1 
HETATM 1457 O  O   . HOH D 4 .   ? -23.896 -5.030  -0.317  1.00 17.61 ? 430 HOH A O   1 
HETATM 1458 O  O   . HOH D 4 .   ? 6.365   -3.203  10.788  1.00 13.11 ? 431 HOH A O   1 
HETATM 1459 O  O   . HOH D 4 .   ? 0.529   -8.121  -8.262  1.00 28.23 ? 432 HOH A O   1 
HETATM 1460 O  O   . HOH D 4 .   ? -11.903 2.086   3.977   1.00 15.07 ? 433 HOH A O   1 
HETATM 1461 O  O   . HOH D 4 .   ? -3.128  -1.580  0.807   1.00 23.61 ? 434 HOH A O   1 
HETATM 1462 O  O   . HOH D 4 .   ? 17.264  1.835   1.977   1.00 18.27 ? 435 HOH A O   1 
HETATM 1463 O  O   . HOH D 4 .   ? 26.084  17.060  1.194   1.00 32.75 ? 436 HOH A O   1 
HETATM 1464 O  O   . HOH D 4 .   ? 3.665   -7.169  5.954   1.00 28.82 ? 437 HOH A O   1 
HETATM 1465 O  O   . HOH D 4 .   ? 4.593   14.584  1.371   1.00 22.41 ? 438 HOH A O   1 
HETATM 1466 O  O   . HOH D 4 .   ? 25.767  14.136  0.651   1.00 33.48 ? 439 HOH A O   1 
HETATM 1467 O  O   . HOH D 4 .   ? -4.036  -11.039 3.278   1.00 27.45 ? 440 HOH A O   1 
HETATM 1468 O  O   . HOH D 4 .   ? 23.596  18.198  -0.748  1.00 18.26 ? 441 HOH A O   1 
# 
